data_2O38
# 
_entry.id   2O38 
# 
_audit_conform.dict_name       mmcif_pdbx.dic 
_audit_conform.dict_version    5.398 
_audit_conform.dict_location   http://mmcif.pdb.org/dictionaries/ascii/mmcif_pdbx.dic 
# 
loop_
_database_2.database_id 
_database_2.database_code 
_database_2.pdbx_database_accession 
_database_2.pdbx_DOI 
PDB   2O38         pdb_00002o38 10.2210/pdb2o38/pdb 
RCSB  RCSB040630   ?            ?                   
WWPDB D_1000040630 ?            ?                   
# 
loop_
_pdbx_audit_revision_history.ordinal 
_pdbx_audit_revision_history.data_content_type 
_pdbx_audit_revision_history.major_revision 
_pdbx_audit_revision_history.minor_revision 
_pdbx_audit_revision_history.revision_date 
1 'Structure model' 1 0 2007-01-02 
2 'Structure model' 1 1 2008-05-01 
3 'Structure model' 1 2 2011-07-13 
4 'Structure model' 1 3 2017-10-18 
5 'Structure model' 1 4 2023-12-27 
6 'Structure model' 1 5 2024-11-13 
# 
_pdbx_audit_revision_details.ordinal             1 
_pdbx_audit_revision_details.revision_ordinal    1 
_pdbx_audit_revision_details.data_content_type   'Structure model' 
_pdbx_audit_revision_details.provider            repository 
_pdbx_audit_revision_details.type                'Initial release' 
_pdbx_audit_revision_details.description         ? 
_pdbx_audit_revision_details.details             ? 
# 
loop_
_pdbx_audit_revision_group.ordinal 
_pdbx_audit_revision_group.revision_ordinal 
_pdbx_audit_revision_group.data_content_type 
_pdbx_audit_revision_group.group 
1 2 'Structure model' 'Version format compliance' 
2 3 'Structure model' Advisory                    
3 3 'Structure model' 'Source and taxonomy'       
4 3 'Structure model' 'Version format compliance' 
5 4 'Structure model' 'Refinement description'    
6 5 'Structure model' 'Data collection'           
7 5 'Structure model' 'Database references'       
8 5 'Structure model' 'Derived calculations'      
9 6 'Structure model' 'Structure summary'         
# 
loop_
_pdbx_audit_revision_category.ordinal 
_pdbx_audit_revision_category.revision_ordinal 
_pdbx_audit_revision_category.data_content_type 
_pdbx_audit_revision_category.category 
1 4 'Structure model' software                  
2 5 'Structure model' chem_comp_atom            
3 5 'Structure model' chem_comp_bond            
4 5 'Structure model' database_2                
5 5 'Structure model' struct_conn               
6 5 'Structure model' struct_ref_seq_dif        
7 5 'Structure model' struct_site               
8 6 'Structure model' pdbx_entry_details        
9 6 'Structure model' pdbx_modification_feature 
# 
loop_
_pdbx_audit_revision_item.ordinal 
_pdbx_audit_revision_item.revision_ordinal 
_pdbx_audit_revision_item.data_content_type 
_pdbx_audit_revision_item.item 
1 4 'Structure model' '_software.name'                      
2 5 'Structure model' '_database_2.pdbx_DOI'                
3 5 'Structure model' '_database_2.pdbx_database_accession' 
4 5 'Structure model' '_struct_conn.pdbx_leaving_atom_flag' 
5 5 'Structure model' '_struct_ref_seq_dif.details'         
6 5 'Structure model' '_struct_site.pdbx_auth_asym_id'      
7 5 'Structure model' '_struct_site.pdbx_auth_comp_id'      
8 5 'Structure model' '_struct_site.pdbx_auth_seq_id'       
# 
_pdbx_database_status.status_code                     REL 
_pdbx_database_status.entry_id                        2O38 
_pdbx_database_status.recvd_initial_deposition_date   2006-11-30 
_pdbx_database_status.deposit_site                    RCSB 
_pdbx_database_status.process_site                    RCSB 
_pdbx_database_status.status_code_sf                  REL 
_pdbx_database_status.status_code_mr                  ? 
_pdbx_database_status.SG_entry                        Y 
_pdbx_database_status.pdb_format_compatible           Y 
_pdbx_database_status.status_code_cs                  ? 
_pdbx_database_status.methods_development_category    ? 
_pdbx_database_status.status_code_nmr_data            ? 
# 
_pdbx_database_related.db_name        TargetDB 
_pdbx_database_related.db_id          APC6187 
_pdbx_database_related.details        . 
_pdbx_database_related.content_type   unspecified 
# 
loop_
_audit_author.name 
_audit_author.pdbx_ordinal 
'Kim, Y.'                                       1 
'Joachimiak, A.'                                2 
'Evdokimova, E.'                                3 
'Kagan, O.'                                     4 
'Edwards, A.'                                   5 
'Savchenko, A.'                                 6 
'Midwest Center for Structural Genomics (MCSG)' 7 
# 
_citation.id                        primary 
_citation.title                     'The Crystal Structure of Putative XRE Family Transcriptional Regulator' 
_citation.journal_abbrev            'To be Published' 
_citation.journal_volume            ? 
_citation.page_first                ? 
_citation.page_last                 ? 
_citation.year                      ? 
_citation.journal_id_ASTM           ? 
_citation.country                   ? 
_citation.journal_id_ISSN           ? 
_citation.journal_id_CSD            0353 
_citation.book_publisher            ? 
_citation.pdbx_database_id_PubMed   ? 
_citation.pdbx_database_id_DOI      ? 
# 
loop_
_citation_author.citation_id 
_citation_author.name 
_citation_author.ordinal 
_citation_author.identifier_ORCID 
primary 'Kim, Y.'        1 ? 
primary 'Evdokimova, E.' 2 ? 
primary 'Kagan, O.'      3 ? 
primary 'Edwards, A.'    4 ? 
primary 'Savchenko, A.'  5 ? 
primary 'Joachimiak, A.' 6 ? 
# 
loop_
_entity.id 
_entity.type 
_entity.src_method 
_entity.pdbx_description 
_entity.formula_weight 
_entity.pdbx_number_of_molecules 
_entity.pdbx_ec 
_entity.pdbx_mutation 
_entity.pdbx_fragment 
_entity.details 
1 polymer     man 'Hypothetical protein' 13203.791 2   ? ? ? ? 
2 non-polymer syn 'ACETIC ACID'          60.052    3   ? ? ? ? 
3 water       nat water                  18.015    150 ? ? ? ? 
# 
_entity_name_com.entity_id   1 
_entity_name_com.name        'Uncharacterized conserved small protein COG560' 
# 
_entity_poly.entity_id                      1 
_entity_poly.type                           'polypeptide(L)' 
_entity_poly.nstd_linkage                   no 
_entity_poly.nstd_monomer                   yes 
_entity_poly.pdbx_seq_one_letter_code       
;GH(MSE)VRKSIDRSTAAEITRGIGNVFADLG(MSE)PDAEERQTKLRLAYALNAVIDRARLSQAAAAARLGINQPKVSA
LRNYKLEGFSVERL(MSE)TLLNALDQDVEIVIRKKPRSRAAARISVVAAGS
;
_entity_poly.pdbx_seq_one_letter_code_can   
;GHMVRKSIDRSTAAEITRGIGNVFADLGMPDAEERQTKLRLAYALNAVIDRARLSQAAAAARLGINQPKVSALRNYKLEG
FSVERLMTLLNALDQDVEIVIRKKPRSRAAARISVVAAGS
;
_entity_poly.pdbx_strand_id                 A,B 
_entity_poly.pdbx_target_identifier         APC6187 
# 
loop_
_pdbx_entity_nonpoly.entity_id 
_pdbx_entity_nonpoly.name 
_pdbx_entity_nonpoly.comp_id 
2 'ACETIC ACID' ACY 
3 water         HOH 
# 
loop_
_entity_poly_seq.entity_id 
_entity_poly_seq.num 
_entity_poly_seq.mon_id 
_entity_poly_seq.hetero 
1 1   GLY n 
1 2   HIS n 
1 3   MSE n 
1 4   VAL n 
1 5   ARG n 
1 6   LYS n 
1 7   SER n 
1 8   ILE n 
1 9   ASP n 
1 10  ARG n 
1 11  SER n 
1 12  THR n 
1 13  ALA n 
1 14  ALA n 
1 15  GLU n 
1 16  ILE n 
1 17  THR n 
1 18  ARG n 
1 19  GLY n 
1 20  ILE n 
1 21  GLY n 
1 22  ASN n 
1 23  VAL n 
1 24  PHE n 
1 25  ALA n 
1 26  ASP n 
1 27  LEU n 
1 28  GLY n 
1 29  MSE n 
1 30  PRO n 
1 31  ASP n 
1 32  ALA n 
1 33  GLU n 
1 34  GLU n 
1 35  ARG n 
1 36  GLN n 
1 37  THR n 
1 38  LYS n 
1 39  LEU n 
1 40  ARG n 
1 41  LEU n 
1 42  ALA n 
1 43  TYR n 
1 44  ALA n 
1 45  LEU n 
1 46  ASN n 
1 47  ALA n 
1 48  VAL n 
1 49  ILE n 
1 50  ASP n 
1 51  ARG n 
1 52  ALA n 
1 53  ARG n 
1 54  LEU n 
1 55  SER n 
1 56  GLN n 
1 57  ALA n 
1 58  ALA n 
1 59  ALA n 
1 60  ALA n 
1 61  ALA n 
1 62  ARG n 
1 63  LEU n 
1 64  GLY n 
1 65  ILE n 
1 66  ASN n 
1 67  GLN n 
1 68  PRO n 
1 69  LYS n 
1 70  VAL n 
1 71  SER n 
1 72  ALA n 
1 73  LEU n 
1 74  ARG n 
1 75  ASN n 
1 76  TYR n 
1 77  LYS n 
1 78  LEU n 
1 79  GLU n 
1 80  GLY n 
1 81  PHE n 
1 82  SER n 
1 83  VAL n 
1 84  GLU n 
1 85  ARG n 
1 86  LEU n 
1 87  MSE n 
1 88  THR n 
1 89  LEU n 
1 90  LEU n 
1 91  ASN n 
1 92  ALA n 
1 93  LEU n 
1 94  ASP n 
1 95  GLN n 
1 96  ASP n 
1 97  VAL n 
1 98  GLU n 
1 99  ILE n 
1 100 VAL n 
1 101 ILE n 
1 102 ARG n 
1 103 LYS n 
1 104 LYS n 
1 105 PRO n 
1 106 ARG n 
1 107 SER n 
1 108 ARG n 
1 109 ALA n 
1 110 ALA n 
1 111 ALA n 
1 112 ARG n 
1 113 ILE n 
1 114 SER n 
1 115 VAL n 
1 116 VAL n 
1 117 ALA n 
1 118 ALA n 
1 119 GLY n 
1 120 SER n 
# 
_entity_src_gen.entity_id                          1 
_entity_src_gen.pdbx_src_id                        1 
_entity_src_gen.pdbx_alt_source_flag               sample 
_entity_src_gen.pdbx_seq_type                      ? 
_entity_src_gen.pdbx_beg_seq_num                   ? 
_entity_src_gen.pdbx_end_seq_num                   ? 
_entity_src_gen.gene_src_common_name               ? 
_entity_src_gen.gene_src_genus                     Rhodopseudomonas 
_entity_src_gen.pdbx_gene_src_gene                 RPA3824 
_entity_src_gen.gene_src_species                   'Rhodopseudomonas palustris' 
_entity_src_gen.gene_src_strain                    CGA009 
_entity_src_gen.gene_src_tissue                    ? 
_entity_src_gen.gene_src_tissue_fraction           ? 
_entity_src_gen.gene_src_details                   ? 
_entity_src_gen.pdbx_gene_src_fragment             ? 
_entity_src_gen.pdbx_gene_src_scientific_name      'Rhodopseudomonas palustris' 
_entity_src_gen.pdbx_gene_src_ncbi_taxonomy_id     258594 
_entity_src_gen.pdbx_gene_src_variant              ? 
_entity_src_gen.pdbx_gene_src_cell_line            ? 
_entity_src_gen.pdbx_gene_src_atcc                 ? 
_entity_src_gen.pdbx_gene_src_organ                ? 
_entity_src_gen.pdbx_gene_src_organelle            ? 
_entity_src_gen.pdbx_gene_src_cell                 ? 
_entity_src_gen.pdbx_gene_src_cellular_location    ? 
_entity_src_gen.host_org_common_name               ? 
_entity_src_gen.pdbx_host_org_scientific_name      'Escherichia coli BL21(DE3)' 
_entity_src_gen.pdbx_host_org_ncbi_taxonomy_id     469008 
_entity_src_gen.host_org_genus                     Escherichia 
_entity_src_gen.pdbx_host_org_gene                 ? 
_entity_src_gen.pdbx_host_org_organ                ? 
_entity_src_gen.host_org_species                   'Escherichia coli' 
_entity_src_gen.pdbx_host_org_tissue               ? 
_entity_src_gen.pdbx_host_org_tissue_fraction      ? 
_entity_src_gen.pdbx_host_org_strain               BL21DE3 
_entity_src_gen.pdbx_host_org_variant              ? 
_entity_src_gen.pdbx_host_org_cell_line            ? 
_entity_src_gen.pdbx_host_org_atcc                 ? 
_entity_src_gen.pdbx_host_org_culture_collection   ? 
_entity_src_gen.pdbx_host_org_cell                 ? 
_entity_src_gen.pdbx_host_org_organelle            ? 
_entity_src_gen.pdbx_host_org_cellular_location    ? 
_entity_src_gen.pdbx_host_org_vector_type          plasmid 
_entity_src_gen.pdbx_host_org_vector               ? 
_entity_src_gen.host_org_details                   ? 
_entity_src_gen.expression_system_id               ? 
_entity_src_gen.plasmid_name                       'modified pET' 
_entity_src_gen.plasmid_details                    ? 
_entity_src_gen.pdbx_description                   ? 
# 
loop_
_chem_comp.id 
_chem_comp.type 
_chem_comp.mon_nstd_flag 
_chem_comp.name 
_chem_comp.pdbx_synonyms 
_chem_comp.formula 
_chem_comp.formula_weight 
ACY non-polymer         . 'ACETIC ACID'    ? 'C2 H4 O2'       60.052  
ALA 'L-peptide linking' y ALANINE          ? 'C3 H7 N O2'     89.093  
ARG 'L-peptide linking' y ARGININE         ? 'C6 H15 N4 O2 1' 175.209 
ASN 'L-peptide linking' y ASPARAGINE       ? 'C4 H8 N2 O3'    132.118 
ASP 'L-peptide linking' y 'ASPARTIC ACID'  ? 'C4 H7 N O4'     133.103 
GLN 'L-peptide linking' y GLUTAMINE        ? 'C5 H10 N2 O3'   146.144 
GLU 'L-peptide linking' y 'GLUTAMIC ACID'  ? 'C5 H9 N O4'     147.129 
GLY 'peptide linking'   y GLYCINE          ? 'C2 H5 N O2'     75.067  
HIS 'L-peptide linking' y HISTIDINE        ? 'C6 H10 N3 O2 1' 156.162 
HOH non-polymer         . WATER            ? 'H2 O'           18.015  
ILE 'L-peptide linking' y ISOLEUCINE       ? 'C6 H13 N O2'    131.173 
LEU 'L-peptide linking' y LEUCINE          ? 'C6 H13 N O2'    131.173 
LYS 'L-peptide linking' y LYSINE           ? 'C6 H15 N2 O2 1' 147.195 
MET 'L-peptide linking' y METHIONINE       ? 'C5 H11 N O2 S'  149.211 
MSE 'L-peptide linking' n SELENOMETHIONINE ? 'C5 H11 N O2 Se' 196.106 
PHE 'L-peptide linking' y PHENYLALANINE    ? 'C9 H11 N O2'    165.189 
PRO 'L-peptide linking' y PROLINE          ? 'C5 H9 N O2'     115.130 
SER 'L-peptide linking' y SERINE           ? 'C3 H7 N O3'     105.093 
THR 'L-peptide linking' y THREONINE        ? 'C4 H9 N O3'     119.119 
TYR 'L-peptide linking' y TYROSINE         ? 'C9 H11 N O3'    181.189 
VAL 'L-peptide linking' y VALINE           ? 'C5 H11 N O2'    117.146 
# 
loop_
_pdbx_poly_seq_scheme.asym_id 
_pdbx_poly_seq_scheme.entity_id 
_pdbx_poly_seq_scheme.seq_id 
_pdbx_poly_seq_scheme.mon_id 
_pdbx_poly_seq_scheme.ndb_seq_num 
_pdbx_poly_seq_scheme.pdb_seq_num 
_pdbx_poly_seq_scheme.auth_seq_num 
_pdbx_poly_seq_scheme.pdb_mon_id 
_pdbx_poly_seq_scheme.auth_mon_id 
_pdbx_poly_seq_scheme.pdb_strand_id 
_pdbx_poly_seq_scheme.pdb_ins_code 
_pdbx_poly_seq_scheme.hetero 
A 1 1   GLY 1   -1  ?   ?   ?   A . n 
A 1 2   HIS 2   0   ?   ?   ?   A . n 
A 1 3   MSE 3   1   ?   ?   ?   A . n 
A 1 4   VAL 4   2   ?   ?   ?   A . n 
A 1 5   ARG 5   3   ?   ?   ?   A . n 
A 1 6   LYS 6   4   ?   ?   ?   A . n 
A 1 7   SER 7   5   ?   ?   ?   A . n 
A 1 8   ILE 8   6   ?   ?   ?   A . n 
A 1 9   ASP 9   7   ?   ?   ?   A . n 
A 1 10  ARG 10  8   ?   ?   ?   A . n 
A 1 11  SER 11  9   ?   ?   ?   A . n 
A 1 12  THR 12  10  ?   ?   ?   A . n 
A 1 13  ALA 13  11  ?   ?   ?   A . n 
A 1 14  ALA 14  12  ?   ?   ?   A . n 
A 1 15  GLU 15  13  ?   ?   ?   A . n 
A 1 16  ILE 16  14  ?   ?   ?   A . n 
A 1 17  THR 17  15  ?   ?   ?   A . n 
A 1 18  ARG 18  16  ?   ?   ?   A . n 
A 1 19  GLY 19  17  ?   ?   ?   A . n 
A 1 20  ILE 20  18  ?   ?   ?   A . n 
A 1 21  GLY 21  19  ?   ?   ?   A . n 
A 1 22  ASN 22  20  ?   ?   ?   A . n 
A 1 23  VAL 23  21  ?   ?   ?   A . n 
A 1 24  PHE 24  22  ?   ?   ?   A . n 
A 1 25  ALA 25  23  ?   ?   ?   A . n 
A 1 26  ASP 26  24  ?   ?   ?   A . n 
A 1 27  LEU 27  25  ?   ?   ?   A . n 
A 1 28  GLY 28  26  ?   ?   ?   A . n 
A 1 29  MSE 29  27  ?   ?   ?   A . n 
A 1 30  PRO 30  28  28  PRO PRO A . n 
A 1 31  ASP 31  29  29  ASP ASP A . n 
A 1 32  ALA 32  30  30  ALA ALA A . n 
A 1 33  GLU 33  31  31  GLU GLU A . n 
A 1 34  GLU 34  32  32  GLU GLU A . n 
A 1 35  ARG 35  33  33  ARG ARG A . n 
A 1 36  GLN 36  34  34  GLN GLN A . n 
A 1 37  THR 37  35  35  THR THR A . n 
A 1 38  LYS 38  36  36  LYS LYS A . n 
A 1 39  LEU 39  37  37  LEU LEU A . n 
A 1 40  ARG 40  38  38  ARG ARG A . n 
A 1 41  LEU 41  39  39  LEU LEU A . n 
A 1 42  ALA 42  40  40  ALA ALA A . n 
A 1 43  TYR 43  41  41  TYR TYR A . n 
A 1 44  ALA 44  42  42  ALA ALA A . n 
A 1 45  LEU 45  43  43  LEU LEU A . n 
A 1 46  ASN 46  44  44  ASN ASN A . n 
A 1 47  ALA 47  45  45  ALA ALA A . n 
A 1 48  VAL 48  46  46  VAL VAL A . n 
A 1 49  ILE 49  47  47  ILE ILE A . n 
A 1 50  ASP 50  48  48  ASP ASP A . n 
A 1 51  ARG 51  49  49  ARG ARG A . n 
A 1 52  ALA 52  50  50  ALA ALA A . n 
A 1 53  ARG 53  51  51  ARG ARG A . n 
A 1 54  LEU 54  52  52  LEU LEU A . n 
A 1 55  SER 55  53  53  SER SER A . n 
A 1 56  GLN 56  54  54  GLN GLN A . n 
A 1 57  ALA 57  55  55  ALA ALA A . n 
A 1 58  ALA 58  56  56  ALA ALA A . n 
A 1 59  ALA 59  57  57  ALA ALA A . n 
A 1 60  ALA 60  58  58  ALA ALA A . n 
A 1 61  ALA 61  59  59  ALA ALA A . n 
A 1 62  ARG 62  60  60  ARG ARG A . n 
A 1 63  LEU 63  61  61  LEU LEU A . n 
A 1 64  GLY 64  62  62  GLY GLY A . n 
A 1 65  ILE 65  63  63  ILE ILE A . n 
A 1 66  ASN 66  64  64  ASN ASN A . n 
A 1 67  GLN 67  65  65  GLN GLN A . n 
A 1 68  PRO 68  66  66  PRO PRO A . n 
A 1 69  LYS 69  67  67  LYS LYS A . n 
A 1 70  VAL 70  68  68  VAL VAL A . n 
A 1 71  SER 71  69  69  SER SER A . n 
A 1 72  ALA 72  70  70  ALA ALA A . n 
A 1 73  LEU 73  71  71  LEU LEU A . n 
A 1 74  ARG 74  72  72  ARG ARG A . n 
A 1 75  ASN 75  73  73  ASN ASN A . n 
A 1 76  TYR 76  74  74  TYR TYR A . n 
A 1 77  LYS 77  75  75  LYS LYS A . n 
A 1 78  LEU 78  76  76  LEU LEU A . n 
A 1 79  GLU 79  77  77  GLU GLU A . n 
A 1 80  GLY 80  78  78  GLY GLY A . n 
A 1 81  PHE 81  79  79  PHE PHE A . n 
A 1 82  SER 82  80  80  SER SER A . n 
A 1 83  VAL 83  81  81  VAL VAL A . n 
A 1 84  GLU 84  82  82  GLU GLU A . n 
A 1 85  ARG 85  83  83  ARG ARG A . n 
A 1 86  LEU 86  84  84  LEU LEU A . n 
A 1 87  MSE 87  85  85  MSE MSE A . n 
A 1 88  THR 88  86  86  THR THR A . n 
A 1 89  LEU 89  87  87  LEU LEU A . n 
A 1 90  LEU 90  88  88  LEU LEU A . n 
A 1 91  ASN 91  89  89  ASN ASN A . n 
A 1 92  ALA 92  90  90  ALA ALA A . n 
A 1 93  LEU 93  91  91  LEU LEU A . n 
A 1 94  ASP 94  92  92  ASP ASP A . n 
A 1 95  GLN 95  93  93  GLN GLN A . n 
A 1 96  ASP 96  94  94  ASP ASP A . n 
A 1 97  VAL 97  95  95  VAL VAL A . n 
A 1 98  GLU 98  96  96  GLU GLU A . n 
A 1 99  ILE 99  97  97  ILE ILE A . n 
A 1 100 VAL 100 98  98  VAL VAL A . n 
A 1 101 ILE 101 99  99  ILE ILE A . n 
A 1 102 ARG 102 100 100 ARG ARG A . n 
A 1 103 LYS 103 101 101 LYS LYS A . n 
A 1 104 LYS 104 102 102 LYS LYS A . n 
A 1 105 PRO 105 103 103 PRO PRO A . n 
A 1 106 ARG 106 104 104 ARG ARG A . n 
A 1 107 SER 107 105 105 SER SER A . n 
A 1 108 ARG 108 106 106 ARG ARG A . n 
A 1 109 ALA 109 107 107 ALA ALA A . n 
A 1 110 ALA 110 108 108 ALA ALA A . n 
A 1 111 ALA 111 109 109 ALA ALA A . n 
A 1 112 ARG 112 110 110 ARG ARG A . n 
A 1 113 ILE 113 111 111 ILE ILE A . n 
A 1 114 SER 114 112 112 SER SER A . n 
A 1 115 VAL 115 113 113 VAL VAL A . n 
A 1 116 VAL 116 114 114 VAL VAL A . n 
A 1 117 ALA 117 115 115 ALA ALA A . n 
A 1 118 ALA 118 116 116 ALA ALA A . n 
A 1 119 GLY 119 117 ?   ?   ?   A . n 
A 1 120 SER 120 118 ?   ?   ?   A . n 
B 1 1   GLY 1   -1  ?   ?   ?   B . n 
B 1 2   HIS 2   0   ?   ?   ?   B . n 
B 1 3   MSE 3   1   ?   ?   ?   B . n 
B 1 4   VAL 4   2   ?   ?   ?   B . n 
B 1 5   ARG 5   3   ?   ?   ?   B . n 
B 1 6   LYS 6   4   ?   ?   ?   B . n 
B 1 7   SER 7   5   ?   ?   ?   B . n 
B 1 8   ILE 8   6   ?   ?   ?   B . n 
B 1 9   ASP 9   7   ?   ?   ?   B . n 
B 1 10  ARG 10  8   ?   ?   ?   B . n 
B 1 11  SER 11  9   ?   ?   ?   B . n 
B 1 12  THR 12  10  ?   ?   ?   B . n 
B 1 13  ALA 13  11  ?   ?   ?   B . n 
B 1 14  ALA 14  12  ?   ?   ?   B . n 
B 1 15  GLU 15  13  ?   ?   ?   B . n 
B 1 16  ILE 16  14  ?   ?   ?   B . n 
B 1 17  THR 17  15  ?   ?   ?   B . n 
B 1 18  ARG 18  16  ?   ?   ?   B . n 
B 1 19  GLY 19  17  ?   ?   ?   B . n 
B 1 20  ILE 20  18  ?   ?   ?   B . n 
B 1 21  GLY 21  19  ?   ?   ?   B . n 
B 1 22  ASN 22  20  ?   ?   ?   B . n 
B 1 23  VAL 23  21  ?   ?   ?   B . n 
B 1 24  PHE 24  22  ?   ?   ?   B . n 
B 1 25  ALA 25  23  ?   ?   ?   B . n 
B 1 26  ASP 26  24  ?   ?   ?   B . n 
B 1 27  LEU 27  25  ?   ?   ?   B . n 
B 1 28  GLY 28  26  ?   ?   ?   B . n 
B 1 29  MSE 29  27  27  MSE MSE B . n 
B 1 30  PRO 30  28  28  PRO PRO B . n 
B 1 31  ASP 31  29  29  ASP ASP B . n 
B 1 32  ALA 32  30  30  ALA ALA B . n 
B 1 33  GLU 33  31  31  GLU GLU B . n 
B 1 34  GLU 34  32  32  GLU GLU B . n 
B 1 35  ARG 35  33  33  ARG ARG B . n 
B 1 36  GLN 36  34  34  GLN GLN B . n 
B 1 37  THR 37  35  35  THR THR B . n 
B 1 38  LYS 38  36  36  LYS LYS B . n 
B 1 39  LEU 39  37  37  LEU LEU B . n 
B 1 40  ARG 40  38  38  ARG ARG B . n 
B 1 41  LEU 41  39  39  LEU LEU B . n 
B 1 42  ALA 42  40  40  ALA ALA B . n 
B 1 43  TYR 43  41  41  TYR TYR B . n 
B 1 44  ALA 44  42  42  ALA ALA B . n 
B 1 45  LEU 45  43  43  LEU LEU B . n 
B 1 46  ASN 46  44  44  ASN ASN B . n 
B 1 47  ALA 47  45  45  ALA ALA B . n 
B 1 48  VAL 48  46  46  VAL VAL B . n 
B 1 49  ILE 49  47  47  ILE ILE B . n 
B 1 50  ASP 50  48  48  ASP ASP B . n 
B 1 51  ARG 51  49  49  ARG ARG B . n 
B 1 52  ALA 52  50  50  ALA ALA B . n 
B 1 53  ARG 53  51  51  ARG ARG B . n 
B 1 54  LEU 54  52  52  LEU LEU B . n 
B 1 55  SER 55  53  53  SER SER B . n 
B 1 56  GLN 56  54  54  GLN GLN B . n 
B 1 57  ALA 57  55  55  ALA ALA B . n 
B 1 58  ALA 58  56  56  ALA ALA B . n 
B 1 59  ALA 59  57  57  ALA ALA B . n 
B 1 60  ALA 60  58  58  ALA ALA B . n 
B 1 61  ALA 61  59  59  ALA ALA B . n 
B 1 62  ARG 62  60  60  ARG ARG B . n 
B 1 63  LEU 63  61  61  LEU LEU B . n 
B 1 64  GLY 64  62  62  GLY GLY B . n 
B 1 65  ILE 65  63  63  ILE ILE B . n 
B 1 66  ASN 66  64  64  ASN ASN B . n 
B 1 67  GLN 67  65  65  GLN GLN B . n 
B 1 68  PRO 68  66  66  PRO PRO B . n 
B 1 69  LYS 69  67  67  LYS LYS B . n 
B 1 70  VAL 70  68  68  VAL VAL B . n 
B 1 71  SER 71  69  69  SER SER B . n 
B 1 72  ALA 72  70  70  ALA ALA B . n 
B 1 73  LEU 73  71  71  LEU LEU B . n 
B 1 74  ARG 74  72  72  ARG ARG B . n 
B 1 75  ASN 75  73  73  ASN ASN B . n 
B 1 76  TYR 76  74  74  TYR TYR B . n 
B 1 77  LYS 77  75  75  LYS LYS B . n 
B 1 78  LEU 78  76  76  LEU LEU B . n 
B 1 79  GLU 79  77  77  GLU GLU B . n 
B 1 80  GLY 80  78  78  GLY GLY B . n 
B 1 81  PHE 81  79  79  PHE PHE B . n 
B 1 82  SER 82  80  80  SER SER B . n 
B 1 83  VAL 83  81  81  VAL VAL B . n 
B 1 84  GLU 84  82  82  GLU GLU B . n 
B 1 85  ARG 85  83  83  ARG ARG B . n 
B 1 86  LEU 86  84  84  LEU LEU B . n 
B 1 87  MSE 87  85  85  MSE MSE B . n 
B 1 88  THR 88  86  86  THR THR B . n 
B 1 89  LEU 89  87  87  LEU LEU B . n 
B 1 90  LEU 90  88  88  LEU LEU B . n 
B 1 91  ASN 91  89  89  ASN ASN B . n 
B 1 92  ALA 92  90  90  ALA ALA B . n 
B 1 93  LEU 93  91  91  LEU LEU B . n 
B 1 94  ASP 94  92  92  ASP ASP B . n 
B 1 95  GLN 95  93  93  GLN GLN B . n 
B 1 96  ASP 96  94  94  ASP ASP B . n 
B 1 97  VAL 97  95  95  VAL VAL B . n 
B 1 98  GLU 98  96  96  GLU GLU B . n 
B 1 99  ILE 99  97  97  ILE ILE B . n 
B 1 100 VAL 100 98  98  VAL VAL B . n 
B 1 101 ILE 101 99  99  ILE ILE B . n 
B 1 102 ARG 102 100 100 ARG ARG B . n 
B 1 103 LYS 103 101 101 LYS LYS B . n 
B 1 104 LYS 104 102 102 LYS LYS B . n 
B 1 105 PRO 105 103 103 PRO PRO B . n 
B 1 106 ARG 106 104 104 ARG ARG B . n 
B 1 107 SER 107 105 105 SER SER B . n 
B 1 108 ARG 108 106 106 ARG ARG B . n 
B 1 109 ALA 109 107 107 ALA ALA B . n 
B 1 110 ALA 110 108 108 ALA ALA B . n 
B 1 111 ALA 111 109 109 ALA ALA B . n 
B 1 112 ARG 112 110 110 ARG ARG B . n 
B 1 113 ILE 113 111 111 ILE ILE B . n 
B 1 114 SER 114 112 112 SER SER B . n 
B 1 115 VAL 115 113 113 VAL VAL B . n 
B 1 116 VAL 116 114 114 VAL VAL B . n 
B 1 117 ALA 117 115 115 ALA ALA B . n 
B 1 118 ALA 118 116 116 ALA ALA B . n 
B 1 119 GLY 119 117 ?   ?   ?   B . n 
B 1 120 SER 120 118 ?   ?   ?   B . n 
# 
loop_
_pdbx_nonpoly_scheme.asym_id 
_pdbx_nonpoly_scheme.entity_id 
_pdbx_nonpoly_scheme.mon_id 
_pdbx_nonpoly_scheme.ndb_seq_num 
_pdbx_nonpoly_scheme.pdb_seq_num 
_pdbx_nonpoly_scheme.auth_seq_num 
_pdbx_nonpoly_scheme.pdb_mon_id 
_pdbx_nonpoly_scheme.auth_mon_id 
_pdbx_nonpoly_scheme.pdb_strand_id 
_pdbx_nonpoly_scheme.pdb_ins_code 
C 2 ACY 1  201 1   ACY ACY A . 
D 2 ACY 1  201 2   ACY ACY B . 
E 2 ACY 1  202 3   ACY ACY B . 
F 3 HOH 1  202 2   HOH HOH A . 
F 3 HOH 2  203 5   HOH HOH A . 
F 3 HOH 3  204 18  HOH HOH A . 
F 3 HOH 4  205 22  HOH HOH A . 
F 3 HOH 5  206 23  HOH HOH A . 
F 3 HOH 6  207 25  HOH HOH A . 
F 3 HOH 7  208 26  HOH HOH A . 
F 3 HOH 8  209 29  HOH HOH A . 
F 3 HOH 9  210 30  HOH HOH A . 
F 3 HOH 10 211 31  HOH HOH A . 
F 3 HOH 11 212 34  HOH HOH A . 
F 3 HOH 12 213 35  HOH HOH A . 
F 3 HOH 13 214 36  HOH HOH A . 
F 3 HOH 14 215 37  HOH HOH A . 
F 3 HOH 15 216 39  HOH HOH A . 
F 3 HOH 16 217 40  HOH HOH A . 
F 3 HOH 17 218 44  HOH HOH A . 
F 3 HOH 18 219 45  HOH HOH A . 
F 3 HOH 19 220 46  HOH HOH A . 
F 3 HOH 20 221 49  HOH HOH A . 
F 3 HOH 21 222 50  HOH HOH A . 
F 3 HOH 22 223 51  HOH HOH A . 
F 3 HOH 23 224 53  HOH HOH A . 
F 3 HOH 24 225 60  HOH HOH A . 
F 3 HOH 25 226 61  HOH HOH A . 
F 3 HOH 26 227 62  HOH HOH A . 
F 3 HOH 27 228 64  HOH HOH A . 
F 3 HOH 28 229 66  HOH HOH A . 
F 3 HOH 29 230 67  HOH HOH A . 
F 3 HOH 30 231 68  HOH HOH A . 
F 3 HOH 31 232 70  HOH HOH A . 
F 3 HOH 32 233 73  HOH HOH A . 
F 3 HOH 33 234 77  HOH HOH A . 
F 3 HOH 34 235 79  HOH HOH A . 
F 3 HOH 35 236 84  HOH HOH A . 
F 3 HOH 36 237 85  HOH HOH A . 
F 3 HOH 37 238 86  HOH HOH A . 
F 3 HOH 38 239 87  HOH HOH A . 
F 3 HOH 39 240 99  HOH HOH A . 
F 3 HOH 40 241 104 HOH HOH A . 
F 3 HOH 41 242 105 HOH HOH A . 
F 3 HOH 42 243 108 HOH HOH A . 
F 3 HOH 43 244 110 HOH HOH A . 
F 3 HOH 44 245 113 HOH HOH A . 
F 3 HOH 45 246 115 HOH HOH A . 
F 3 HOH 46 247 119 HOH HOH A . 
F 3 HOH 47 248 120 HOH HOH A . 
F 3 HOH 48 249 121 HOH HOH A . 
F 3 HOH 49 250 122 HOH HOH A . 
F 3 HOH 50 251 123 HOH HOH A . 
F 3 HOH 51 252 124 HOH HOH A . 
F 3 HOH 52 253 125 HOH HOH A . 
F 3 HOH 53 254 127 HOH HOH A . 
F 3 HOH 54 255 128 HOH HOH A . 
F 3 HOH 55 256 130 HOH HOH A . 
F 3 HOH 56 257 132 HOH HOH A . 
F 3 HOH 57 258 134 HOH HOH A . 
F 3 HOH 58 259 135 HOH HOH A . 
F 3 HOH 59 260 137 HOH HOH A . 
F 3 HOH 60 261 139 HOH HOH A . 
F 3 HOH 61 262 142 HOH HOH A . 
F 3 HOH 62 263 144 HOH HOH A . 
F 3 HOH 63 264 148 HOH HOH A . 
F 3 HOH 64 265 149 HOH HOH A . 
F 3 HOH 65 266 150 HOH HOH A . 
G 3 HOH 1  203 1   HOH HOH B . 
G 3 HOH 2  204 3   HOH HOH B . 
G 3 HOH 3  205 4   HOH HOH B . 
G 3 HOH 4  206 6   HOH HOH B . 
G 3 HOH 5  207 7   HOH HOH B . 
G 3 HOH 6  208 8   HOH HOH B . 
G 3 HOH 7  209 9   HOH HOH B . 
G 3 HOH 8  210 10  HOH HOH B . 
G 3 HOH 9  211 11  HOH HOH B . 
G 3 HOH 10 212 12  HOH HOH B . 
G 3 HOH 11 213 13  HOH HOH B . 
G 3 HOH 12 214 14  HOH HOH B . 
G 3 HOH 13 215 15  HOH HOH B . 
G 3 HOH 14 216 16  HOH HOH B . 
G 3 HOH 15 217 17  HOH HOH B . 
G 3 HOH 16 218 19  HOH HOH B . 
G 3 HOH 17 219 20  HOH HOH B . 
G 3 HOH 18 220 21  HOH HOH B . 
G 3 HOH 19 221 24  HOH HOH B . 
G 3 HOH 20 222 27  HOH HOH B . 
G 3 HOH 21 223 28  HOH HOH B . 
G 3 HOH 22 224 32  HOH HOH B . 
G 3 HOH 23 225 33  HOH HOH B . 
G 3 HOH 24 226 38  HOH HOH B . 
G 3 HOH 25 227 41  HOH HOH B . 
G 3 HOH 26 228 42  HOH HOH B . 
G 3 HOH 27 229 43  HOH HOH B . 
G 3 HOH 28 230 47  HOH HOH B . 
G 3 HOH 29 231 48  HOH HOH B . 
G 3 HOH 30 232 52  HOH HOH B . 
G 3 HOH 31 233 54  HOH HOH B . 
G 3 HOH 32 234 55  HOH HOH B . 
G 3 HOH 33 235 56  HOH HOH B . 
G 3 HOH 34 236 57  HOH HOH B . 
G 3 HOH 35 237 58  HOH HOH B . 
G 3 HOH 36 238 59  HOH HOH B . 
G 3 HOH 37 239 63  HOH HOH B . 
G 3 HOH 38 240 65  HOH HOH B . 
G 3 HOH 39 241 69  HOH HOH B . 
G 3 HOH 40 242 71  HOH HOH B . 
G 3 HOH 41 243 72  HOH HOH B . 
G 3 HOH 42 244 74  HOH HOH B . 
G 3 HOH 43 245 75  HOH HOH B . 
G 3 HOH 44 246 76  HOH HOH B . 
G 3 HOH 45 247 78  HOH HOH B . 
G 3 HOH 46 248 80  HOH HOH B . 
G 3 HOH 47 249 81  HOH HOH B . 
G 3 HOH 48 250 82  HOH HOH B . 
G 3 HOH 49 251 83  HOH HOH B . 
G 3 HOH 50 252 88  HOH HOH B . 
G 3 HOH 51 253 89  HOH HOH B . 
G 3 HOH 52 254 90  HOH HOH B . 
G 3 HOH 53 255 91  HOH HOH B . 
G 3 HOH 54 256 92  HOH HOH B . 
G 3 HOH 55 257 93  HOH HOH B . 
G 3 HOH 56 258 94  HOH HOH B . 
G 3 HOH 57 259 95  HOH HOH B . 
G 3 HOH 58 260 96  HOH HOH B . 
G 3 HOH 59 261 97  HOH HOH B . 
G 3 HOH 60 262 98  HOH HOH B . 
G 3 HOH 61 263 100 HOH HOH B . 
G 3 HOH 62 264 101 HOH HOH B . 
G 3 HOH 63 265 102 HOH HOH B . 
G 3 HOH 64 266 103 HOH HOH B . 
G 3 HOH 65 267 106 HOH HOH B . 
G 3 HOH 66 268 107 HOH HOH B . 
G 3 HOH 67 269 109 HOH HOH B . 
G 3 HOH 68 270 111 HOH HOH B . 
G 3 HOH 69 271 112 HOH HOH B . 
G 3 HOH 70 272 114 HOH HOH B . 
G 3 HOH 71 273 116 HOH HOH B . 
G 3 HOH 72 274 117 HOH HOH B . 
G 3 HOH 73 275 118 HOH HOH B . 
G 3 HOH 74 276 126 HOH HOH B . 
G 3 HOH 75 277 129 HOH HOH B . 
G 3 HOH 76 278 131 HOH HOH B . 
G 3 HOH 77 279 133 HOH HOH B . 
G 3 HOH 78 280 136 HOH HOH B . 
G 3 HOH 79 281 138 HOH HOH B . 
G 3 HOH 80 282 140 HOH HOH B . 
G 3 HOH 81 283 141 HOH HOH B . 
G 3 HOH 82 284 143 HOH HOH B . 
G 3 HOH 83 285 145 HOH HOH B . 
G 3 HOH 84 286 146 HOH HOH B . 
G 3 HOH 85 287 147 HOH HOH B . 
# 
loop_
_software.name 
_software.classification 
_software.version 
_software.citation_id 
_software.pdbx_ordinal 
REFMAC      refinement        5.2.0019 ? 1  
SBC-Collect 'data collection' .        ? 2  
HKL-3000    'data collection' .        ? 3  
HKL-3000    'data reduction'  .        ? 4  
HKL-3000    'data scaling'    .        ? 5  
HKL-3000    phasing           .        ? 6  
SHELXCD     phasing           .        ? 7  
SHELXD      phasing           .        ? 8  
SHELXE      'model building'  .        ? 9  
MLPHARE     phasing           .        ? 10 
SOLVE       phasing           .        ? 11 
RESOLVE     phasing           .        ? 12 
PHENIX      phasing           .        ? 13 
# 
_cell.entry_id           2O38 
_cell.length_a           33.994 
_cell.length_b           58.276 
_cell.length_c           83.459 
_cell.angle_alpha        90.00 
_cell.angle_beta         90.00 
_cell.angle_gamma        90.00 
_cell.Z_PDB              8 
_cell.pdbx_unique_axis   ? 
_cell.length_a_esd       ? 
_cell.length_b_esd       ? 
_cell.length_c_esd       ? 
_cell.angle_alpha_esd    ? 
_cell.angle_beta_esd     ? 
_cell.angle_gamma_esd    ? 
# 
_symmetry.entry_id                         2O38 
_symmetry.space_group_name_H-M             'P 21 21 21' 
_symmetry.pdbx_full_space_group_name_H-M   ? 
_symmetry.cell_setting                     ? 
_symmetry.Int_Tables_number                19 
_symmetry.space_group_name_Hall            ? 
# 
_exptl.entry_id          2O38 
_exptl.method            'X-RAY DIFFRACTION' 
_exptl.crystals_number   1 
# 
_exptl_crystal.id                    1 
_exptl_crystal.density_meas          ? 
_exptl_crystal.density_Matthews      1.57 
_exptl_crystal.density_percent_sol   21.4 
_exptl_crystal.description           ? 
_exptl_crystal.F_000                 ? 
_exptl_crystal.preparation           ? 
# 
_exptl_crystal_grow.crystal_id      1 
_exptl_crystal_grow.method          'VAPOR DIFFUSION, HANGING DROP' 
_exptl_crystal_grow.temp            295 
_exptl_crystal_grow.temp_details    ? 
_exptl_crystal_grow.pH              4.6 
_exptl_crystal_grow.pdbx_details    
'2M Sodium formate, 0.1M Sodium acetate, pH 4.6, 0.3M PPS, VAPOR DIFFUSION, HANGING DROP, temperature 295K' 
_exptl_crystal_grow.pdbx_pH_range   . 
# 
_diffrn.id                     1 
_diffrn.ambient_temp           100 
_diffrn.ambient_temp_details   ? 
_diffrn.crystal_id             1 
# 
_diffrn_detector.diffrn_id              1 
_diffrn_detector.detector               CCD 
_diffrn_detector.type                   SBC-3 
_diffrn_detector.pdbx_collection_date   2006-10-06 
_diffrn_detector.details                mirrors 
# 
_diffrn_radiation.diffrn_id                        1 
_diffrn_radiation.wavelength_id                    1 
_diffrn_radiation.pdbx_monochromatic_or_laue_m_l   M 
_diffrn_radiation.monochromator                    'double crystal' 
_diffrn_radiation.pdbx_diffrn_protocol             'SINGLE WAVELENGTH' 
_diffrn_radiation.pdbx_scattering_type             x-ray 
# 
_diffrn_radiation_wavelength.id           1 
_diffrn_radiation_wavelength.wavelength   0.97904 
_diffrn_radiation_wavelength.wt           1.0 
# 
_diffrn_source.diffrn_id                   1 
_diffrn_source.source                      SYNCHROTRON 
_diffrn_source.type                        'APS BEAMLINE 19-BM' 
_diffrn_source.pdbx_synchrotron_site       APS 
_diffrn_source.pdbx_synchrotron_beamline   19-BM 
_diffrn_source.pdbx_wavelength             ? 
_diffrn_source.pdbx_wavelength_list        0.97904 
# 
_reflns.entry_id                     2O38 
_reflns.observed_criterion_sigma_F   0.0 
_reflns.observed_criterion_sigma_I   0.0 
_reflns.d_resolution_high            1.83 
_reflns.d_resolution_low             27.70 
_reflns.number_all                   15203 
_reflns.number_obs                   15203 
_reflns.percent_possible_obs         99.1 
_reflns.pdbx_Rmerge_I_obs            0.064 
_reflns.pdbx_Rsym_value              ? 
_reflns.pdbx_netI_over_sigmaI        8.4 
_reflns.B_iso_Wilson_estimate        ? 
_reflns.pdbx_redundancy              11.6 
_reflns.R_free_details               ? 
_reflns.limit_h_max                  ? 
_reflns.limit_h_min                  ? 
_reflns.limit_k_max                  ? 
_reflns.limit_k_min                  ? 
_reflns.limit_l_max                  ? 
_reflns.limit_l_min                  ? 
_reflns.observed_criterion_F_max     ? 
_reflns.observed_criterion_F_min     ? 
_reflns.pdbx_chi_squared             ? 
_reflns.pdbx_scaling_rejects         ? 
_reflns.pdbx_ordinal                 1 
_reflns.pdbx_diffrn_id               1 
# 
_reflns_shell.d_res_high             1.83 
_reflns_shell.d_res_low              1.9 
_reflns_shell.percent_possible_all   93.6 
_reflns_shell.Rmerge_I_obs           0.435 
_reflns_shell.pdbx_Rsym_value        ? 
_reflns_shell.meanI_over_sigI_obs    1.8 
_reflns_shell.pdbx_redundancy        6.5 
_reflns_shell.percent_possible_obs   ? 
_reflns_shell.number_unique_all      1408 
_reflns_shell.number_measured_all    ? 
_reflns_shell.number_measured_obs    ? 
_reflns_shell.number_unique_obs      ? 
_reflns_shell.pdbx_chi_squared       ? 
_reflns_shell.pdbx_ordinal           1 
_reflns_shell.pdbx_diffrn_id         1 
# 
_refine.entry_id                                 2O38 
_refine.ls_number_reflns_obs                     13593 
_refine.ls_number_reflns_all                     13593 
_refine.pdbx_ls_sigma_I                          ? 
_refine.pdbx_ls_sigma_F                          0.0 
_refine.pdbx_data_cutoff_high_absF               ? 
_refine.pdbx_data_cutoff_low_absF                ? 
_refine.pdbx_data_cutoff_high_rms_absF           ? 
_refine.ls_d_res_low                             27.70 
_refine.ls_d_res_high                            1.83 
_refine.ls_percent_reflns_obs                    99.14 
_refine.ls_R_factor_obs                          0.20861 
_refine.ls_R_factor_all                          0.20861 
_refine.ls_R_factor_R_work                       0.20177 
_refine.ls_R_factor_R_free                       0.2705 
_refine.ls_R_factor_R_free_error                 ? 
_refine.ls_R_factor_R_free_error_details         ? 
_refine.ls_percent_reflns_R_free                 10.0 
_refine.ls_number_reflns_R_free                  1511 
_refine.ls_number_parameters                     ? 
_refine.ls_number_restraints                     ? 
_refine.occupancy_min                            ? 
_refine.occupancy_max                            ? 
_refine.correlation_coeff_Fo_to_Fc               0.952 
_refine.correlation_coeff_Fo_to_Fc_free          0.921 
_refine.B_iso_mean                               34.094 
_refine.aniso_B[1][1]                            0.05 
_refine.aniso_B[2][2]                            0.93 
_refine.aniso_B[3][3]                            -0.98 
_refine.aniso_B[1][2]                            0.00 
_refine.aniso_B[1][3]                            0.00 
_refine.aniso_B[2][3]                            0.00 
_refine.solvent_model_details                    MASK 
_refine.solvent_model_param_ksol                 ? 
_refine.solvent_model_param_bsol                 ? 
_refine.pdbx_solvent_vdw_probe_radii             1.40 
_refine.pdbx_solvent_ion_probe_radii             0.80 
_refine.pdbx_solvent_shrinkage_radii             0.80 
_refine.pdbx_ls_cross_valid_method               THROUGHOUT 
_refine.details                                  ? 
_refine.pdbx_starting_model                      ? 
_refine.pdbx_method_to_determine_struct          SAD 
_refine.pdbx_isotropic_thermal_model             ? 
_refine.pdbx_stereochemistry_target_values       'MAXIMUM LIKELIHOOD WITH PHASES' 
_refine.pdbx_stereochem_target_val_spec_case     ? 
_refine.pdbx_R_Free_selection_details            RANDOM 
_refine.pdbx_overall_ESU_R                       0.182 
_refine.pdbx_overall_ESU_R_Free                  0.177 
_refine.overall_SU_ML                            0.114 
_refine.overall_SU_B                             7.406 
_refine.ls_redundancy_reflns_obs                 ? 
_refine.B_iso_min                                ? 
_refine.B_iso_max                                ? 
_refine.overall_SU_R_Cruickshank_DPI             ? 
_refine.overall_SU_R_free                        ? 
_refine.ls_wR_factor_R_free                      ? 
_refine.ls_wR_factor_R_work                      ? 
_refine.overall_FOM_free_R_set                   ? 
_refine.overall_FOM_work_R_set                   ? 
_refine.pdbx_refine_id                           'X-RAY DIFFRACTION' 
_refine.pdbx_TLS_residual_ADP_flag               'LIKELY RESIDUAL' 
_refine.pdbx_diffrn_id                           1 
_refine.pdbx_overall_phase_error                 ? 
_refine.pdbx_overall_SU_R_free_Cruickshank_DPI   ? 
_refine.pdbx_overall_SU_R_Blow_DPI               ? 
_refine.pdbx_overall_SU_R_free_Blow_DPI          ? 
# 
_refine_hist.pdbx_refine_id                   'X-RAY DIFFRACTION' 
_refine_hist.cycle_id                         LAST 
_refine_hist.pdbx_number_atoms_protein        1386 
_refine_hist.pdbx_number_atoms_nucleic_acid   0 
_refine_hist.pdbx_number_atoms_ligand         12 
_refine_hist.number_atoms_solvent             150 
_refine_hist.number_atoms_total               1548 
_refine_hist.d_res_high                       1.83 
_refine_hist.d_res_low                        27.70 
# 
loop_
_refine_ls_restr.type 
_refine_ls_restr.dev_ideal 
_refine_ls_restr.dev_ideal_target 
_refine_ls_restr.weight 
_refine_ls_restr.number 
_refine_ls_restr.pdbx_refine_id 
_refine_ls_restr.pdbx_restraint_function 
r_bond_refined_d             0.015  0.022  ? 1472 'X-RAY DIFFRACTION' ? 
r_bond_other_d               ?      ?      ? ?    'X-RAY DIFFRACTION' ? 
r_angle_refined_deg          1.505  1.989  ? 1989 'X-RAY DIFFRACTION' ? 
r_angle_other_deg            ?      ?      ? ?    'X-RAY DIFFRACTION' ? 
r_dihedral_angle_1_deg       6.415  5.000  ? 190  'X-RAY DIFFRACTION' ? 
r_dihedral_angle_2_deg       34.302 22.239 ? 67   'X-RAY DIFFRACTION' ? 
r_dihedral_angle_3_deg       18.352 15.000 ? 278  'X-RAY DIFFRACTION' ? 
r_dihedral_angle_4_deg       21.997 15.000 ? 23   'X-RAY DIFFRACTION' ? 
r_chiral_restr               0.100  0.200  ? 234  'X-RAY DIFFRACTION' ? 
r_gen_planes_refined         0.006  0.020  ? 1109 'X-RAY DIFFRACTION' ? 
r_gen_planes_other           ?      ?      ? ?    'X-RAY DIFFRACTION' ? 
r_nbd_refined                0.230  0.200  ? 795  'X-RAY DIFFRACTION' ? 
r_nbd_other                  ?      ?      ? ?    'X-RAY DIFFRACTION' ? 
r_nbtor_refined              0.298  0.200  ? 1034 'X-RAY DIFFRACTION' ? 
r_nbtor_other                ?      ?      ? ?    'X-RAY DIFFRACTION' ? 
r_xyhbond_nbd_refined        0.186  0.200  ? 132  'X-RAY DIFFRACTION' ? 
r_xyhbond_nbd_other          ?      ?      ? ?    'X-RAY DIFFRACTION' ? 
r_metal_ion_refined          ?      ?      ? ?    'X-RAY DIFFRACTION' ? 
r_metal_ion_other            ?      ?      ? ?    'X-RAY DIFFRACTION' ? 
r_symmetry_vdw_refined       0.230  0.200  ? 52   'X-RAY DIFFRACTION' ? 
r_symmetry_vdw_other         ?      ?      ? ?    'X-RAY DIFFRACTION' ? 
r_symmetry_hbond_refined     0.186  0.200  ? 24   'X-RAY DIFFRACTION' ? 
r_symmetry_hbond_other       ?      ?      ? ?    'X-RAY DIFFRACTION' ? 
r_symmetry_metal_ion_refined ?      ?      ? ?    'X-RAY DIFFRACTION' ? 
r_symmetry_metal_ion_other   ?      ?      ? ?    'X-RAY DIFFRACTION' ? 
r_mcbond_it                  1.000  1.500  ? 973  'X-RAY DIFFRACTION' ? 
r_mcbond_other               ?      ?      ? ?    'X-RAY DIFFRACTION' ? 
r_mcangle_it                 1.416  2.000  ? 1507 'X-RAY DIFFRACTION' ? 
r_scbond_it                  2.514  3.000  ? 544  'X-RAY DIFFRACTION' ? 
r_scangle_it                 3.876  4.500  ? 482  'X-RAY DIFFRACTION' ? 
r_rigid_bond_restr           ?      ?      ? ?    'X-RAY DIFFRACTION' ? 
r_sphericity_free            ?      ?      ? ?    'X-RAY DIFFRACTION' ? 
r_sphericity_bonded          ?      ?      ? ?    'X-RAY DIFFRACTION' ? 
# 
_refine_ls_shell.pdbx_total_number_of_bins_used   20 
_refine_ls_shell.d_res_high                       1.830 
_refine_ls_shell.d_res_low                        1.877 
_refine_ls_shell.number_reflns_R_work             924 
_refine_ls_shell.R_factor_R_work                  0.26 
_refine_ls_shell.percent_reflns_obs               92.27 
_refine_ls_shell.R_factor_R_free                  0.362 
_refine_ls_shell.R_factor_R_free_error            ? 
_refine_ls_shell.percent_reflns_R_free            ? 
_refine_ls_shell.number_reflns_R_free             102 
_refine_ls_shell.number_reflns_all                ? 
_refine_ls_shell.R_factor_all                     ? 
_refine_ls_shell.number_reflns_obs                1026 
_refine_ls_shell.redundancy_reflns_obs            ? 
_refine_ls_shell.pdbx_refine_id                   'X-RAY DIFFRACTION' 
# 
_struct.entry_id                  2O38 
_struct.title                     'Putative XRE Family Transcriptional Regulator' 
_struct.pdbx_model_details        ? 
_struct.pdbx_CASP_flag            ? 
_struct.pdbx_model_type_details   ? 
# 
_struct_keywords.entry_id        2O38 
_struct_keywords.pdbx_keywords   'STRUCTURAL GENOMICS, UNKNOWN FUNCTION' 
_struct_keywords.text            
;alpha-beta, helix-turn-helix, Structural Genomics, PSI-2, Protein Structure Initiative, Midwest Center for Structural Genomics, MCSG, UNKNOWN FUNCTION
;
# 
loop_
_struct_asym.id 
_struct_asym.pdbx_blank_PDB_chainid_flag 
_struct_asym.pdbx_modified 
_struct_asym.entity_id 
_struct_asym.details 
A N N 1 ? 
B N N 1 ? 
C N N 2 ? 
D N N 2 ? 
E N N 2 ? 
F N N 3 ? 
G N N 3 ? 
# 
_struct_ref.id                         1 
_struct_ref.db_name                    UNP 
_struct_ref.db_code                    Q6N370_RHOPA 
_struct_ref.pdbx_db_accession          Q6N370 
_struct_ref.entity_id                  1 
_struct_ref.pdbx_seq_one_letter_code   
;MVRKSIDRSTAAEITRGIGNVFADLGMPDAEERQTKLRLAYALNAVIDRARLSQAAAAARLGINQPKVSALRNYKLEGFS
VERLMTLLNALDQDVEIVIRKKPRSRAAARISVVAA
;
_struct_ref.pdbx_align_begin           1 
_struct_ref.pdbx_db_isoform            ? 
# 
loop_
_struct_ref_seq.align_id 
_struct_ref_seq.ref_id 
_struct_ref_seq.pdbx_PDB_id_code 
_struct_ref_seq.pdbx_strand_id 
_struct_ref_seq.seq_align_beg 
_struct_ref_seq.pdbx_seq_align_beg_ins_code 
_struct_ref_seq.seq_align_end 
_struct_ref_seq.pdbx_seq_align_end_ins_code 
_struct_ref_seq.pdbx_db_accession 
_struct_ref_seq.db_align_beg 
_struct_ref_seq.pdbx_db_align_beg_ins_code 
_struct_ref_seq.db_align_end 
_struct_ref_seq.pdbx_db_align_end_ins_code 
_struct_ref_seq.pdbx_auth_seq_align_beg 
_struct_ref_seq.pdbx_auth_seq_align_end 
1 1 2O38 A 3 ? 118 ? Q6N370 1 ? 116 ? 1 116 
2 1 2O38 B 3 ? 118 ? Q6N370 1 ? 116 ? 1 116 
# 
loop_
_struct_ref_seq_dif.align_id 
_struct_ref_seq_dif.pdbx_pdb_id_code 
_struct_ref_seq_dif.mon_id 
_struct_ref_seq_dif.pdbx_pdb_strand_id 
_struct_ref_seq_dif.seq_num 
_struct_ref_seq_dif.pdbx_pdb_ins_code 
_struct_ref_seq_dif.pdbx_seq_db_name 
_struct_ref_seq_dif.pdbx_seq_db_accession_code 
_struct_ref_seq_dif.db_mon_id 
_struct_ref_seq_dif.pdbx_seq_db_seq_num 
_struct_ref_seq_dif.details 
_struct_ref_seq_dif.pdbx_auth_seq_num 
_struct_ref_seq_dif.pdbx_ordinal 
1 2O38 GLY A 1   ? UNP Q6N370 ?   ?  'cloning artifact' -1  1  
1 2O38 HIS A 2   ? UNP Q6N370 ?   ?  'cloning artifact' 0   2  
1 2O38 MSE A 3   ? UNP Q6N370 MET 1  'modified residue' 1   3  
1 2O38 MSE A 29  ? UNP Q6N370 MET 27 'modified residue' 27  4  
1 2O38 MSE A 87  ? UNP Q6N370 MET 85 'modified residue' 85  5  
1 2O38 GLY A 119 ? UNP Q6N370 ?   ?  'cloning artifact' 117 6  
1 2O38 SER A 120 ? UNP Q6N370 ?   ?  'cloning artifact' 118 7  
2 2O38 GLY B 1   ? UNP Q6N370 ?   ?  'cloning artifact' -1  8  
2 2O38 HIS B 2   ? UNP Q6N370 ?   ?  'cloning artifact' 0   9  
2 2O38 MSE B 3   ? UNP Q6N370 MET 1  'modified residue' 1   10 
2 2O38 MSE B 29  ? UNP Q6N370 MET 27 'modified residue' 27  11 
2 2O38 MSE B 87  ? UNP Q6N370 MET 85 'modified residue' 85  12 
2 2O38 GLY B 119 ? UNP Q6N370 ?   ?  'cloning artifact' 117 13 
2 2O38 SER B 120 ? UNP Q6N370 ?   ?  'cloning artifact' 118 14 
# 
_pdbx_struct_assembly.id                   1 
_pdbx_struct_assembly.details              author_and_software_defined_assembly 
_pdbx_struct_assembly.method_details       PISA 
_pdbx_struct_assembly.oligomeric_details   dimeric 
_pdbx_struct_assembly.oligomeric_count     2 
# 
loop_
_pdbx_struct_assembly_prop.biol_id 
_pdbx_struct_assembly_prop.type 
_pdbx_struct_assembly_prop.value 
_pdbx_struct_assembly_prop.details 
1 'ABSA (A^2)' 3470 ? 
1 MORE         -14  ? 
1 'SSA (A^2)'  9770 ? 
# 
_pdbx_struct_assembly_gen.assembly_id       1 
_pdbx_struct_assembly_gen.oper_expression   1 
_pdbx_struct_assembly_gen.asym_id_list      A,B,C,D,E,F,G 
# 
_pdbx_struct_oper_list.id                   1 
_pdbx_struct_oper_list.type                 'identity operation' 
_pdbx_struct_oper_list.name                 1_555 
_pdbx_struct_oper_list.symmetry_operation   x,y,z 
_pdbx_struct_oper_list.matrix[1][1]         1.0000000000 
_pdbx_struct_oper_list.matrix[1][2]         0.0000000000 
_pdbx_struct_oper_list.matrix[1][3]         0.0000000000 
_pdbx_struct_oper_list.vector[1]            0.0000000000 
_pdbx_struct_oper_list.matrix[2][1]         0.0000000000 
_pdbx_struct_oper_list.matrix[2][2]         1.0000000000 
_pdbx_struct_oper_list.matrix[2][3]         0.0000000000 
_pdbx_struct_oper_list.vector[2]            0.0000000000 
_pdbx_struct_oper_list.matrix[3][1]         0.0000000000 
_pdbx_struct_oper_list.matrix[3][2]         0.0000000000 
_pdbx_struct_oper_list.matrix[3][3]         1.0000000000 
_pdbx_struct_oper_list.vector[3]            0.0000000000 
# 
_struct_biol.id   1 
# 
loop_
_struct_conf.conf_type_id 
_struct_conf.id 
_struct_conf.pdbx_PDB_helix_id 
_struct_conf.beg_label_comp_id 
_struct_conf.beg_label_asym_id 
_struct_conf.beg_label_seq_id 
_struct_conf.pdbx_beg_PDB_ins_code 
_struct_conf.end_label_comp_id 
_struct_conf.end_label_asym_id 
_struct_conf.end_label_seq_id 
_struct_conf.pdbx_end_PDB_ins_code 
_struct_conf.beg_auth_comp_id 
_struct_conf.beg_auth_asym_id 
_struct_conf.beg_auth_seq_id 
_struct_conf.end_auth_comp_id 
_struct_conf.end_auth_asym_id 
_struct_conf.end_auth_seq_id 
_struct_conf.pdbx_PDB_helix_class 
_struct_conf.details 
_struct_conf.pdbx_PDB_helix_length 
HELX_P HELX_P1 1 PRO A 30 ? ALA A 52 ? PRO A 28 ALA A 50 1 ? 23 
HELX_P HELX_P2 2 SER A 55 ? GLY A 64 ? SER A 53 GLY A 62 1 ? 10 
HELX_P HELX_P3 3 ASN A 66 ? ASN A 75 ? ASN A 64 ASN A 73 1 ? 10 
HELX_P HELX_P4 4 SER A 82 ? LEU A 93 ? SER A 80 LEU A 91 1 ? 12 
HELX_P HELX_P5 5 PRO B 30 ? ARG B 53 ? PRO B 28 ARG B 51 1 ? 24 
HELX_P HELX_P6 6 SER B 55 ? GLY B 64 ? SER B 53 GLY B 62 1 ? 10 
HELX_P HELX_P7 7 ASN B 66 ? ASN B 75 ? ASN B 64 ASN B 73 1 ? 10 
HELX_P HELX_P8 8 SER B 82 ? LEU B 93 ? SER B 80 LEU B 91 1 ? 12 
# 
_struct_conf_type.id          HELX_P 
_struct_conf_type.criteria    ? 
_struct_conf_type.reference   ? 
# 
loop_
_struct_conn.id 
_struct_conn.conn_type_id 
_struct_conn.pdbx_leaving_atom_flag 
_struct_conn.pdbx_PDB_id 
_struct_conn.ptnr1_label_asym_id 
_struct_conn.ptnr1_label_comp_id 
_struct_conn.ptnr1_label_seq_id 
_struct_conn.ptnr1_label_atom_id 
_struct_conn.pdbx_ptnr1_label_alt_id 
_struct_conn.pdbx_ptnr1_PDB_ins_code 
_struct_conn.pdbx_ptnr1_standard_comp_id 
_struct_conn.ptnr1_symmetry 
_struct_conn.ptnr2_label_asym_id 
_struct_conn.ptnr2_label_comp_id 
_struct_conn.ptnr2_label_seq_id 
_struct_conn.ptnr2_label_atom_id 
_struct_conn.pdbx_ptnr2_label_alt_id 
_struct_conn.pdbx_ptnr2_PDB_ins_code 
_struct_conn.ptnr1_auth_asym_id 
_struct_conn.ptnr1_auth_comp_id 
_struct_conn.ptnr1_auth_seq_id 
_struct_conn.ptnr2_auth_asym_id 
_struct_conn.ptnr2_auth_comp_id 
_struct_conn.ptnr2_auth_seq_id 
_struct_conn.ptnr2_symmetry 
_struct_conn.pdbx_ptnr3_label_atom_id 
_struct_conn.pdbx_ptnr3_label_seq_id 
_struct_conn.pdbx_ptnr3_label_comp_id 
_struct_conn.pdbx_ptnr3_label_asym_id 
_struct_conn.pdbx_ptnr3_label_alt_id 
_struct_conn.pdbx_ptnr3_PDB_ins_code 
_struct_conn.details 
_struct_conn.pdbx_dist_value 
_struct_conn.pdbx_value_order 
_struct_conn.pdbx_role 
covale1 covale both ? A LEU 86 C ? ? ? 1_555 A MSE 87 N ? ? A LEU 84 A MSE 85 1_555 ? ? ? ? ? ? ? 1.336 ? ? 
covale2 covale both ? A MSE 87 C ? ? ? 1_555 A THR 88 N ? ? A MSE 85 A THR 86 1_555 ? ? ? ? ? ? ? 1.313 ? ? 
covale3 covale both ? B MSE 29 C ? ? ? 1_555 B PRO 30 N ? ? B MSE 27 B PRO 28 1_555 ? ? ? ? ? ? ? 1.341 ? ? 
covale4 covale both ? B LEU 86 C ? ? ? 1_555 B MSE 87 N ? ? B LEU 84 B MSE 85 1_555 ? ? ? ? ? ? ? 1.333 ? ? 
covale5 covale both ? B MSE 87 C ? ? ? 1_555 B THR 88 N B ? B MSE 85 B THR 86 1_555 ? ? ? ? ? ? ? 1.326 ? ? 
covale6 covale both ? B MSE 87 C ? ? ? 1_555 B THR 88 N A ? B MSE 85 B THR 86 1_555 ? ? ? ? ? ? ? 1.336 ? ? 
# 
_struct_conn_type.id          covale 
_struct_conn_type.criteria    ? 
_struct_conn_type.reference   ? 
# 
loop_
_pdbx_modification_feature.ordinal 
_pdbx_modification_feature.label_comp_id 
_pdbx_modification_feature.label_asym_id 
_pdbx_modification_feature.label_seq_id 
_pdbx_modification_feature.label_alt_id 
_pdbx_modification_feature.modified_residue_label_comp_id 
_pdbx_modification_feature.modified_residue_label_asym_id 
_pdbx_modification_feature.modified_residue_label_seq_id 
_pdbx_modification_feature.modified_residue_label_alt_id 
_pdbx_modification_feature.auth_comp_id 
_pdbx_modification_feature.auth_asym_id 
_pdbx_modification_feature.auth_seq_id 
_pdbx_modification_feature.PDB_ins_code 
_pdbx_modification_feature.symmetry 
_pdbx_modification_feature.modified_residue_auth_comp_id 
_pdbx_modification_feature.modified_residue_auth_asym_id 
_pdbx_modification_feature.modified_residue_auth_seq_id 
_pdbx_modification_feature.modified_residue_PDB_ins_code 
_pdbx_modification_feature.modified_residue_symmetry 
_pdbx_modification_feature.comp_id_linking_atom 
_pdbx_modification_feature.modified_residue_id_linking_atom 
_pdbx_modification_feature.modified_residue_id 
_pdbx_modification_feature.ref_pcm_id 
_pdbx_modification_feature.ref_comp_id 
_pdbx_modification_feature.type 
_pdbx_modification_feature.category 
1 MSE A 87 ? . . . . MSE A 85 ? 1_555 . . . . . . . MET 1 MSE Selenomethionine 'Named protein modification' 
2 MSE B 29 ? . . . . MSE B 27 ? 1_555 . . . . . . . MET 1 MSE Selenomethionine 'Named protein modification' 
3 MSE B 87 ? . . . . MSE B 85 ? 1_555 . . . . . . . MET 1 MSE Selenomethionine 'Named protein modification' 
# 
_struct_sheet.id               A 
_struct_sheet.type             ? 
_struct_sheet.number_strands   4 
_struct_sheet.details          ? 
# 
loop_
_struct_sheet_order.sheet_id 
_struct_sheet_order.range_id_1 
_struct_sheet_order.range_id_2 
_struct_sheet_order.offset 
_struct_sheet_order.sense 
A 1 2 ? parallel      
A 2 3 ? anti-parallel 
A 3 4 ? parallel      
# 
loop_
_struct_sheet_range.sheet_id 
_struct_sheet_range.id 
_struct_sheet_range.beg_label_comp_id 
_struct_sheet_range.beg_label_asym_id 
_struct_sheet_range.beg_label_seq_id 
_struct_sheet_range.pdbx_beg_PDB_ins_code 
_struct_sheet_range.end_label_comp_id 
_struct_sheet_range.end_label_asym_id 
_struct_sheet_range.end_label_seq_id 
_struct_sheet_range.pdbx_end_PDB_ins_code 
_struct_sheet_range.beg_auth_comp_id 
_struct_sheet_range.beg_auth_asym_id 
_struct_sheet_range.beg_auth_seq_id 
_struct_sheet_range.end_auth_comp_id 
_struct_sheet_range.end_auth_asym_id 
_struct_sheet_range.end_auth_seq_id 
A 1 ILE A 113 ? ALA A 118 ? ILE A 111 ALA A 116 
A 2 GLN B 95  ? LYS B 103 ? GLN B 93  LYS B 101 
A 3 GLN A 95  ? LYS A 103 ? GLN A 93  LYS A 101 
A 4 ILE B 113 ? ALA B 117 ? ILE B 111 ALA B 115 
# 
loop_
_pdbx_struct_sheet_hbond.sheet_id 
_pdbx_struct_sheet_hbond.range_id_1 
_pdbx_struct_sheet_hbond.range_id_2 
_pdbx_struct_sheet_hbond.range_1_label_atom_id 
_pdbx_struct_sheet_hbond.range_1_label_comp_id 
_pdbx_struct_sheet_hbond.range_1_label_asym_id 
_pdbx_struct_sheet_hbond.range_1_label_seq_id 
_pdbx_struct_sheet_hbond.range_1_PDB_ins_code 
_pdbx_struct_sheet_hbond.range_1_auth_atom_id 
_pdbx_struct_sheet_hbond.range_1_auth_comp_id 
_pdbx_struct_sheet_hbond.range_1_auth_asym_id 
_pdbx_struct_sheet_hbond.range_1_auth_seq_id 
_pdbx_struct_sheet_hbond.range_2_label_atom_id 
_pdbx_struct_sheet_hbond.range_2_label_comp_id 
_pdbx_struct_sheet_hbond.range_2_label_asym_id 
_pdbx_struct_sheet_hbond.range_2_label_seq_id 
_pdbx_struct_sheet_hbond.range_2_PDB_ins_code 
_pdbx_struct_sheet_hbond.range_2_auth_atom_id 
_pdbx_struct_sheet_hbond.range_2_auth_comp_id 
_pdbx_struct_sheet_hbond.range_2_auth_asym_id 
_pdbx_struct_sheet_hbond.range_2_auth_seq_id 
A 1 2 N VAL A 116 ? N VAL A 114 O ILE B 101 ? O ILE B 99  
A 2 3 O VAL B 100 ? O VAL B 98  N GLU A 98  ? N GLU A 96  
A 3 4 N ILE A 99  ? N ILE A 97  O SER B 114 ? O SER B 112 
# 
loop_
_struct_site.id 
_struct_site.pdbx_evidence_code 
_struct_site.pdbx_auth_asym_id 
_struct_site.pdbx_auth_comp_id 
_struct_site.pdbx_auth_seq_id 
_struct_site.pdbx_auth_ins_code 
_struct_site.pdbx_num_residues 
_struct_site.details 
AC1 Software A ACY 201 ? 4 'BINDING SITE FOR RESIDUE ACY A 201' 
AC2 Software B ACY 201 ? 7 'BINDING SITE FOR RESIDUE ACY B 201' 
AC3 Software B ACY 202 ? 7 'BINDING SITE FOR RESIDUE ACY B 202' 
# 
loop_
_struct_site_gen.id 
_struct_site_gen.site_id 
_struct_site_gen.pdbx_num_res 
_struct_site_gen.label_comp_id 
_struct_site_gen.label_asym_id 
_struct_site_gen.label_seq_id 
_struct_site_gen.pdbx_auth_ins_code 
_struct_site_gen.auth_comp_id 
_struct_site_gen.auth_asym_id 
_struct_site_gen.auth_seq_id 
_struct_site_gen.label_atom_id 
_struct_site_gen.label_alt_id 
_struct_site_gen.symmetry 
_struct_site_gen.details 
1  AC1 4 ASN A 46  ? ASN A 44  . ? 1_555 ? 
2  AC1 4 ASP A 50  ? ASP A 48  . ? 1_555 ? 
3  AC1 4 TYR A 76  ? TYR A 74  . ? 1_555 ? 
4  AC1 4 ARG B 62  ? ARG B 60  . ? 2_564 ? 
5  AC2 7 ALA A 58  ? ALA A 56  . ? 2_665 ? 
6  AC2 7 ALA A 61  ? ALA A 59  . ? 2_665 ? 
7  AC2 7 ARG A 62  ? ARG A 60  . ? 2_665 ? 
8  AC2 7 TYR B 43  ? TYR B 41  . ? 1_555 ? 
9  AC2 7 ASN B 46  ? ASN B 44  . ? 1_555 ? 
10 AC2 7 ASP B 50  ? ASP B 48  . ? 1_555 ? 
11 AC2 7 TYR B 76  ? TYR B 74  . ? 1_555 ? 
12 AC3 7 ILE A 101 ? ILE A 99  . ? 1_555 ? 
13 AC3 7 ALA B 44  ? ALA B 42  . ? 1_555 ? 
14 AC3 7 VAL B 48  ? VAL B 46  . ? 1_555 ? 
15 AC3 7 ARG B 51  ? ARG B 49  . ? 1_555 ? 
16 AC3 7 GLN B 95  ? GLN B 93  . ? 1_555 ? 
17 AC3 7 ALA B 117 ? ALA B 115 . ? 1_555 ? 
18 AC3 7 HOH G .   ? HOH B 226 . ? 1_555 ? 
# 
_pdbx_entry_details.entry_id                   2O38 
_pdbx_entry_details.compound_details           ? 
_pdbx_entry_details.source_details             ? 
_pdbx_entry_details.nonpolymer_details         ? 
_pdbx_entry_details.sequence_details           ? 
_pdbx_entry_details.has_ligand_of_interest     ? 
_pdbx_entry_details.has_protein_modification   Y 
# 
_pdbx_validate_close_contact.id               1 
_pdbx_validate_close_contact.PDB_model_num    1 
_pdbx_validate_close_contact.auth_atom_id_1   O 
_pdbx_validate_close_contact.auth_asym_id_1   A 
_pdbx_validate_close_contact.auth_comp_id_1   HOH 
_pdbx_validate_close_contact.auth_seq_id_1    224 
_pdbx_validate_close_contact.PDB_ins_code_1   ? 
_pdbx_validate_close_contact.label_alt_id_1   ? 
_pdbx_validate_close_contact.auth_atom_id_2   O 
_pdbx_validate_close_contact.auth_asym_id_2   A 
_pdbx_validate_close_contact.auth_comp_id_2   HOH 
_pdbx_validate_close_contact.auth_seq_id_2    266 
_pdbx_validate_close_contact.PDB_ins_code_2   ? 
_pdbx_validate_close_contact.label_alt_id_2   ? 
_pdbx_validate_close_contact.dist             2.19 
# 
_pdbx_validate_torsion.id              1 
_pdbx_validate_torsion.PDB_model_num   1 
_pdbx_validate_torsion.auth_comp_id    SER 
_pdbx_validate_torsion.auth_asym_id    A 
_pdbx_validate_torsion.auth_seq_id     105 
_pdbx_validate_torsion.PDB_ins_code    ? 
_pdbx_validate_torsion.label_alt_id    ? 
_pdbx_validate_torsion.phi             -97.05 
_pdbx_validate_torsion.psi             46.36 
# 
_pdbx_validate_peptide_omega.id               1 
_pdbx_validate_peptide_omega.PDB_model_num    1 
_pdbx_validate_peptide_omega.auth_comp_id_1   MSE 
_pdbx_validate_peptide_omega.auth_asym_id_1   B 
_pdbx_validate_peptide_omega.auth_seq_id_1    27 
_pdbx_validate_peptide_omega.PDB_ins_code_1   ? 
_pdbx_validate_peptide_omega.label_alt_id_1   ? 
_pdbx_validate_peptide_omega.auth_comp_id_2   PRO 
_pdbx_validate_peptide_omega.auth_asym_id_2   B 
_pdbx_validate_peptide_omega.auth_seq_id_2    28 
_pdbx_validate_peptide_omega.PDB_ins_code_2   ? 
_pdbx_validate_peptide_omega.label_alt_id_2   ? 
_pdbx_validate_peptide_omega.omega            -34.85 
# 
_pdbx_SG_project.id                    1 
_pdbx_SG_project.project_name          'PSI, Protein Structure Initiative' 
_pdbx_SG_project.full_name_of_center   'Midwest Center for Structural Genomics' 
_pdbx_SG_project.initial_of_center     MCSG 
# 
loop_
_pdbx_struct_mod_residue.id 
_pdbx_struct_mod_residue.label_asym_id 
_pdbx_struct_mod_residue.label_comp_id 
_pdbx_struct_mod_residue.label_seq_id 
_pdbx_struct_mod_residue.auth_asym_id 
_pdbx_struct_mod_residue.auth_comp_id 
_pdbx_struct_mod_residue.auth_seq_id 
_pdbx_struct_mod_residue.PDB_ins_code 
_pdbx_struct_mod_residue.parent_comp_id 
_pdbx_struct_mod_residue.details 
1 A MSE 87 A MSE 85 ? MET SELENOMETHIONINE 
2 B MSE 29 B MSE 27 ? MET SELENOMETHIONINE 
3 B MSE 87 B MSE 85 ? MET SELENOMETHIONINE 
# 
loop_
_pdbx_refine_tls.id 
_pdbx_refine_tls.details 
_pdbx_refine_tls.method 
_pdbx_refine_tls.origin_x 
_pdbx_refine_tls.origin_y 
_pdbx_refine_tls.origin_z 
_pdbx_refine_tls.T[1][1] 
_pdbx_refine_tls.T[2][2] 
_pdbx_refine_tls.T[3][3] 
_pdbx_refine_tls.T[1][2] 
_pdbx_refine_tls.T[1][3] 
_pdbx_refine_tls.T[2][3] 
_pdbx_refine_tls.L[1][1] 
_pdbx_refine_tls.L[2][2] 
_pdbx_refine_tls.L[3][3] 
_pdbx_refine_tls.L[1][2] 
_pdbx_refine_tls.L[1][3] 
_pdbx_refine_tls.L[2][3] 
_pdbx_refine_tls.S[1][1] 
_pdbx_refine_tls.S[1][2] 
_pdbx_refine_tls.S[1][3] 
_pdbx_refine_tls.S[2][1] 
_pdbx_refine_tls.S[2][2] 
_pdbx_refine_tls.S[2][3] 
_pdbx_refine_tls.S[3][1] 
_pdbx_refine_tls.S[3][2] 
_pdbx_refine_tls.S[3][3] 
_pdbx_refine_tls.pdbx_refine_id 
1 ? refined 2.0906  -0.4225 -8.7818 -0.1060 -0.0588 -0.0641 -0.0196 0.0237 0.0091 3.0240 2.1259 4.1669 -0.2687 -1.1577 1.6136 0.0598  0.3440  0.0397  -0.0992 -0.0396 0.1540  -0.1392 -0.2507 -0.0202 'X-RAY DIFFRACTION' 
2 ? refined -1.5764 0.9217  8.7377  -0.0761 -0.0869 -0.0933 -0.0179 0.0207 0.0033 3.6379 0.8788 3.8374 -0.2894 -2.3107 0.2332 -0.0166 -0.1981 -0.0521 0.0542  0.0107  -0.0963 -0.0395 0.1102  0.0059  'X-RAY DIFFRACTION' 
# 
loop_
_pdbx_refine_tls_group.id 
_pdbx_refine_tls_group.refine_tls_id 
_pdbx_refine_tls_group.beg_auth_asym_id 
_pdbx_refine_tls_group.beg_auth_seq_id 
_pdbx_refine_tls_group.beg_label_asym_id 
_pdbx_refine_tls_group.beg_label_seq_id 
_pdbx_refine_tls_group.end_auth_asym_id 
_pdbx_refine_tls_group.end_auth_seq_id 
_pdbx_refine_tls_group.end_label_asym_id 
_pdbx_refine_tls_group.end_label_seq_id 
_pdbx_refine_tls_group.selection 
_pdbx_refine_tls_group.pdbx_refine_id 
_pdbx_refine_tls_group.selection_details 
1 1 A 28 A 30 A 116 A 118 ? 'X-RAY DIFFRACTION' ? 
2 2 B 27 B 29 B 116 B 118 ? 'X-RAY DIFFRACTION' ? 
# 
loop_
_pdbx_unobs_or_zero_occ_residues.id 
_pdbx_unobs_or_zero_occ_residues.PDB_model_num 
_pdbx_unobs_or_zero_occ_residues.polymer_flag 
_pdbx_unobs_or_zero_occ_residues.occupancy_flag 
_pdbx_unobs_or_zero_occ_residues.auth_asym_id 
_pdbx_unobs_or_zero_occ_residues.auth_comp_id 
_pdbx_unobs_or_zero_occ_residues.auth_seq_id 
_pdbx_unobs_or_zero_occ_residues.PDB_ins_code 
_pdbx_unobs_or_zero_occ_residues.label_asym_id 
_pdbx_unobs_or_zero_occ_residues.label_comp_id 
_pdbx_unobs_or_zero_occ_residues.label_seq_id 
1  1 Y 1 A GLY -1  ? A GLY 1   
2  1 Y 1 A HIS 0   ? A HIS 2   
3  1 Y 1 A MSE 1   ? A MSE 3   
4  1 Y 1 A VAL 2   ? A VAL 4   
5  1 Y 1 A ARG 3   ? A ARG 5   
6  1 Y 1 A LYS 4   ? A LYS 6   
7  1 Y 1 A SER 5   ? A SER 7   
8  1 Y 1 A ILE 6   ? A ILE 8   
9  1 Y 1 A ASP 7   ? A ASP 9   
10 1 Y 1 A ARG 8   ? A ARG 10  
11 1 Y 1 A SER 9   ? A SER 11  
12 1 Y 1 A THR 10  ? A THR 12  
13 1 Y 1 A ALA 11  ? A ALA 13  
14 1 Y 1 A ALA 12  ? A ALA 14  
15 1 Y 1 A GLU 13  ? A GLU 15  
16 1 Y 1 A ILE 14  ? A ILE 16  
17 1 Y 1 A THR 15  ? A THR 17  
18 1 Y 1 A ARG 16  ? A ARG 18  
19 1 Y 1 A GLY 17  ? A GLY 19  
20 1 Y 1 A ILE 18  ? A ILE 20  
21 1 Y 1 A GLY 19  ? A GLY 21  
22 1 Y 1 A ASN 20  ? A ASN 22  
23 1 Y 1 A VAL 21  ? A VAL 23  
24 1 Y 1 A PHE 22  ? A PHE 24  
25 1 Y 1 A ALA 23  ? A ALA 25  
26 1 Y 1 A ASP 24  ? A ASP 26  
27 1 Y 1 A LEU 25  ? A LEU 27  
28 1 Y 1 A GLY 26  ? A GLY 28  
29 1 Y 1 A MSE 27  ? A MSE 29  
30 1 Y 1 A GLY 117 ? A GLY 119 
31 1 Y 1 A SER 118 ? A SER 120 
32 1 Y 1 B GLY -1  ? B GLY 1   
33 1 Y 1 B HIS 0   ? B HIS 2   
34 1 Y 1 B MSE 1   ? B MSE 3   
35 1 Y 1 B VAL 2   ? B VAL 4   
36 1 Y 1 B ARG 3   ? B ARG 5   
37 1 Y 1 B LYS 4   ? B LYS 6   
38 1 Y 1 B SER 5   ? B SER 7   
39 1 Y 1 B ILE 6   ? B ILE 8   
40 1 Y 1 B ASP 7   ? B ASP 9   
41 1 Y 1 B ARG 8   ? B ARG 10  
42 1 Y 1 B SER 9   ? B SER 11  
43 1 Y 1 B THR 10  ? B THR 12  
44 1 Y 1 B ALA 11  ? B ALA 13  
45 1 Y 1 B ALA 12  ? B ALA 14  
46 1 Y 1 B GLU 13  ? B GLU 15  
47 1 Y 1 B ILE 14  ? B ILE 16  
48 1 Y 1 B THR 15  ? B THR 17  
49 1 Y 1 B ARG 16  ? B ARG 18  
50 1 Y 1 B GLY 17  ? B GLY 19  
51 1 Y 1 B ILE 18  ? B ILE 20  
52 1 Y 1 B GLY 19  ? B GLY 21  
53 1 Y 1 B ASN 20  ? B ASN 22  
54 1 Y 1 B VAL 21  ? B VAL 23  
55 1 Y 1 B PHE 22  ? B PHE 24  
56 1 Y 1 B ALA 23  ? B ALA 25  
57 1 Y 1 B ASP 24  ? B ASP 26  
58 1 Y 1 B LEU 25  ? B LEU 27  
59 1 Y 1 B GLY 26  ? B GLY 28  
60 1 Y 1 B GLY 117 ? B GLY 119 
61 1 Y 1 B SER 118 ? B SER 120 
# 
loop_
_chem_comp_atom.comp_id 
_chem_comp_atom.atom_id 
_chem_comp_atom.type_symbol 
_chem_comp_atom.pdbx_aromatic_flag 
_chem_comp_atom.pdbx_stereo_config 
_chem_comp_atom.pdbx_ordinal 
ACY C    C  N N 1   
ACY O    O  N N 2   
ACY OXT  O  N N 3   
ACY CH3  C  N N 4   
ACY HXT  H  N N 5   
ACY H1   H  N N 6   
ACY H2   H  N N 7   
ACY H3   H  N N 8   
ALA N    N  N N 9   
ALA CA   C  N S 10  
ALA C    C  N N 11  
ALA O    O  N N 12  
ALA CB   C  N N 13  
ALA OXT  O  N N 14  
ALA H    H  N N 15  
ALA H2   H  N N 16  
ALA HA   H  N N 17  
ALA HB1  H  N N 18  
ALA HB2  H  N N 19  
ALA HB3  H  N N 20  
ALA HXT  H  N N 21  
ARG N    N  N N 22  
ARG CA   C  N S 23  
ARG C    C  N N 24  
ARG O    O  N N 25  
ARG CB   C  N N 26  
ARG CG   C  N N 27  
ARG CD   C  N N 28  
ARG NE   N  N N 29  
ARG CZ   C  N N 30  
ARG NH1  N  N N 31  
ARG NH2  N  N N 32  
ARG OXT  O  N N 33  
ARG H    H  N N 34  
ARG H2   H  N N 35  
ARG HA   H  N N 36  
ARG HB2  H  N N 37  
ARG HB3  H  N N 38  
ARG HG2  H  N N 39  
ARG HG3  H  N N 40  
ARG HD2  H  N N 41  
ARG HD3  H  N N 42  
ARG HE   H  N N 43  
ARG HH11 H  N N 44  
ARG HH12 H  N N 45  
ARG HH21 H  N N 46  
ARG HH22 H  N N 47  
ARG HXT  H  N N 48  
ASN N    N  N N 49  
ASN CA   C  N S 50  
ASN C    C  N N 51  
ASN O    O  N N 52  
ASN CB   C  N N 53  
ASN CG   C  N N 54  
ASN OD1  O  N N 55  
ASN ND2  N  N N 56  
ASN OXT  O  N N 57  
ASN H    H  N N 58  
ASN H2   H  N N 59  
ASN HA   H  N N 60  
ASN HB2  H  N N 61  
ASN HB3  H  N N 62  
ASN HD21 H  N N 63  
ASN HD22 H  N N 64  
ASN HXT  H  N N 65  
ASP N    N  N N 66  
ASP CA   C  N S 67  
ASP C    C  N N 68  
ASP O    O  N N 69  
ASP CB   C  N N 70  
ASP CG   C  N N 71  
ASP OD1  O  N N 72  
ASP OD2  O  N N 73  
ASP OXT  O  N N 74  
ASP H    H  N N 75  
ASP H2   H  N N 76  
ASP HA   H  N N 77  
ASP HB2  H  N N 78  
ASP HB3  H  N N 79  
ASP HD2  H  N N 80  
ASP HXT  H  N N 81  
GLN N    N  N N 82  
GLN CA   C  N S 83  
GLN C    C  N N 84  
GLN O    O  N N 85  
GLN CB   C  N N 86  
GLN CG   C  N N 87  
GLN CD   C  N N 88  
GLN OE1  O  N N 89  
GLN NE2  N  N N 90  
GLN OXT  O  N N 91  
GLN H    H  N N 92  
GLN H2   H  N N 93  
GLN HA   H  N N 94  
GLN HB2  H  N N 95  
GLN HB3  H  N N 96  
GLN HG2  H  N N 97  
GLN HG3  H  N N 98  
GLN HE21 H  N N 99  
GLN HE22 H  N N 100 
GLN HXT  H  N N 101 
GLU N    N  N N 102 
GLU CA   C  N S 103 
GLU C    C  N N 104 
GLU O    O  N N 105 
GLU CB   C  N N 106 
GLU CG   C  N N 107 
GLU CD   C  N N 108 
GLU OE1  O  N N 109 
GLU OE2  O  N N 110 
GLU OXT  O  N N 111 
GLU H    H  N N 112 
GLU H2   H  N N 113 
GLU HA   H  N N 114 
GLU HB2  H  N N 115 
GLU HB3  H  N N 116 
GLU HG2  H  N N 117 
GLU HG3  H  N N 118 
GLU HE2  H  N N 119 
GLU HXT  H  N N 120 
GLY N    N  N N 121 
GLY CA   C  N N 122 
GLY C    C  N N 123 
GLY O    O  N N 124 
GLY OXT  O  N N 125 
GLY H    H  N N 126 
GLY H2   H  N N 127 
GLY HA2  H  N N 128 
GLY HA3  H  N N 129 
GLY HXT  H  N N 130 
HIS N    N  N N 131 
HIS CA   C  N S 132 
HIS C    C  N N 133 
HIS O    O  N N 134 
HIS CB   C  N N 135 
HIS CG   C  Y N 136 
HIS ND1  N  Y N 137 
HIS CD2  C  Y N 138 
HIS CE1  C  Y N 139 
HIS NE2  N  Y N 140 
HIS OXT  O  N N 141 
HIS H    H  N N 142 
HIS H2   H  N N 143 
HIS HA   H  N N 144 
HIS HB2  H  N N 145 
HIS HB3  H  N N 146 
HIS HD1  H  N N 147 
HIS HD2  H  N N 148 
HIS HE1  H  N N 149 
HIS HE2  H  N N 150 
HIS HXT  H  N N 151 
HOH O    O  N N 152 
HOH H1   H  N N 153 
HOH H2   H  N N 154 
ILE N    N  N N 155 
ILE CA   C  N S 156 
ILE C    C  N N 157 
ILE O    O  N N 158 
ILE CB   C  N S 159 
ILE CG1  C  N N 160 
ILE CG2  C  N N 161 
ILE CD1  C  N N 162 
ILE OXT  O  N N 163 
ILE H    H  N N 164 
ILE H2   H  N N 165 
ILE HA   H  N N 166 
ILE HB   H  N N 167 
ILE HG12 H  N N 168 
ILE HG13 H  N N 169 
ILE HG21 H  N N 170 
ILE HG22 H  N N 171 
ILE HG23 H  N N 172 
ILE HD11 H  N N 173 
ILE HD12 H  N N 174 
ILE HD13 H  N N 175 
ILE HXT  H  N N 176 
LEU N    N  N N 177 
LEU CA   C  N S 178 
LEU C    C  N N 179 
LEU O    O  N N 180 
LEU CB   C  N N 181 
LEU CG   C  N N 182 
LEU CD1  C  N N 183 
LEU CD2  C  N N 184 
LEU OXT  O  N N 185 
LEU H    H  N N 186 
LEU H2   H  N N 187 
LEU HA   H  N N 188 
LEU HB2  H  N N 189 
LEU HB3  H  N N 190 
LEU HG   H  N N 191 
LEU HD11 H  N N 192 
LEU HD12 H  N N 193 
LEU HD13 H  N N 194 
LEU HD21 H  N N 195 
LEU HD22 H  N N 196 
LEU HD23 H  N N 197 
LEU HXT  H  N N 198 
LYS N    N  N N 199 
LYS CA   C  N S 200 
LYS C    C  N N 201 
LYS O    O  N N 202 
LYS CB   C  N N 203 
LYS CG   C  N N 204 
LYS CD   C  N N 205 
LYS CE   C  N N 206 
LYS NZ   N  N N 207 
LYS OXT  O  N N 208 
LYS H    H  N N 209 
LYS H2   H  N N 210 
LYS HA   H  N N 211 
LYS HB2  H  N N 212 
LYS HB3  H  N N 213 
LYS HG2  H  N N 214 
LYS HG3  H  N N 215 
LYS HD2  H  N N 216 
LYS HD3  H  N N 217 
LYS HE2  H  N N 218 
LYS HE3  H  N N 219 
LYS HZ1  H  N N 220 
LYS HZ2  H  N N 221 
LYS HZ3  H  N N 222 
LYS HXT  H  N N 223 
MET N    N  N N 224 
MET CA   C  N S 225 
MET C    C  N N 226 
MET O    O  N N 227 
MET CB   C  N N 228 
MET CG   C  N N 229 
MET SD   S  N N 230 
MET CE   C  N N 231 
MET OXT  O  N N 232 
MET H    H  N N 233 
MET H2   H  N N 234 
MET HA   H  N N 235 
MET HB2  H  N N 236 
MET HB3  H  N N 237 
MET HG2  H  N N 238 
MET HG3  H  N N 239 
MET HE1  H  N N 240 
MET HE2  H  N N 241 
MET HE3  H  N N 242 
MET HXT  H  N N 243 
MSE N    N  N N 244 
MSE CA   C  N S 245 
MSE C    C  N N 246 
MSE O    O  N N 247 
MSE OXT  O  N N 248 
MSE CB   C  N N 249 
MSE CG   C  N N 250 
MSE SE   SE N N 251 
MSE CE   C  N N 252 
MSE H    H  N N 253 
MSE H2   H  N N 254 
MSE HA   H  N N 255 
MSE HXT  H  N N 256 
MSE HB2  H  N N 257 
MSE HB3  H  N N 258 
MSE HG2  H  N N 259 
MSE HG3  H  N N 260 
MSE HE1  H  N N 261 
MSE HE2  H  N N 262 
MSE HE3  H  N N 263 
PHE N    N  N N 264 
PHE CA   C  N S 265 
PHE C    C  N N 266 
PHE O    O  N N 267 
PHE CB   C  N N 268 
PHE CG   C  Y N 269 
PHE CD1  C  Y N 270 
PHE CD2  C  Y N 271 
PHE CE1  C  Y N 272 
PHE CE2  C  Y N 273 
PHE CZ   C  Y N 274 
PHE OXT  O  N N 275 
PHE H    H  N N 276 
PHE H2   H  N N 277 
PHE HA   H  N N 278 
PHE HB2  H  N N 279 
PHE HB3  H  N N 280 
PHE HD1  H  N N 281 
PHE HD2  H  N N 282 
PHE HE1  H  N N 283 
PHE HE2  H  N N 284 
PHE HZ   H  N N 285 
PHE HXT  H  N N 286 
PRO N    N  N N 287 
PRO CA   C  N S 288 
PRO C    C  N N 289 
PRO O    O  N N 290 
PRO CB   C  N N 291 
PRO CG   C  N N 292 
PRO CD   C  N N 293 
PRO OXT  O  N N 294 
PRO H    H  N N 295 
PRO HA   H  N N 296 
PRO HB2  H  N N 297 
PRO HB3  H  N N 298 
PRO HG2  H  N N 299 
PRO HG3  H  N N 300 
PRO HD2  H  N N 301 
PRO HD3  H  N N 302 
PRO HXT  H  N N 303 
SER N    N  N N 304 
SER CA   C  N S 305 
SER C    C  N N 306 
SER O    O  N N 307 
SER CB   C  N N 308 
SER OG   O  N N 309 
SER OXT  O  N N 310 
SER H    H  N N 311 
SER H2   H  N N 312 
SER HA   H  N N 313 
SER HB2  H  N N 314 
SER HB3  H  N N 315 
SER HG   H  N N 316 
SER HXT  H  N N 317 
THR N    N  N N 318 
THR CA   C  N S 319 
THR C    C  N N 320 
THR O    O  N N 321 
THR CB   C  N R 322 
THR OG1  O  N N 323 
THR CG2  C  N N 324 
THR OXT  O  N N 325 
THR H    H  N N 326 
THR H2   H  N N 327 
THR HA   H  N N 328 
THR HB   H  N N 329 
THR HG1  H  N N 330 
THR HG21 H  N N 331 
THR HG22 H  N N 332 
THR HG23 H  N N 333 
THR HXT  H  N N 334 
TYR N    N  N N 335 
TYR CA   C  N S 336 
TYR C    C  N N 337 
TYR O    O  N N 338 
TYR CB   C  N N 339 
TYR CG   C  Y N 340 
TYR CD1  C  Y N 341 
TYR CD2  C  Y N 342 
TYR CE1  C  Y N 343 
TYR CE2  C  Y N 344 
TYR CZ   C  Y N 345 
TYR OH   O  N N 346 
TYR OXT  O  N N 347 
TYR H    H  N N 348 
TYR H2   H  N N 349 
TYR HA   H  N N 350 
TYR HB2  H  N N 351 
TYR HB3  H  N N 352 
TYR HD1  H  N N 353 
TYR HD2  H  N N 354 
TYR HE1  H  N N 355 
TYR HE2  H  N N 356 
TYR HH   H  N N 357 
TYR HXT  H  N N 358 
VAL N    N  N N 359 
VAL CA   C  N S 360 
VAL C    C  N N 361 
VAL O    O  N N 362 
VAL CB   C  N N 363 
VAL CG1  C  N N 364 
VAL CG2  C  N N 365 
VAL OXT  O  N N 366 
VAL H    H  N N 367 
VAL H2   H  N N 368 
VAL HA   H  N N 369 
VAL HB   H  N N 370 
VAL HG11 H  N N 371 
VAL HG12 H  N N 372 
VAL HG13 H  N N 373 
VAL HG21 H  N N 374 
VAL HG22 H  N N 375 
VAL HG23 H  N N 376 
VAL HXT  H  N N 377 
# 
loop_
_chem_comp_bond.comp_id 
_chem_comp_bond.atom_id_1 
_chem_comp_bond.atom_id_2 
_chem_comp_bond.value_order 
_chem_comp_bond.pdbx_aromatic_flag 
_chem_comp_bond.pdbx_stereo_config 
_chem_comp_bond.pdbx_ordinal 
ACY C   O    doub N N 1   
ACY C   OXT  sing N N 2   
ACY C   CH3  sing N N 3   
ACY OXT HXT  sing N N 4   
ACY CH3 H1   sing N N 5   
ACY CH3 H2   sing N N 6   
ACY CH3 H3   sing N N 7   
ALA N   CA   sing N N 8   
ALA N   H    sing N N 9   
ALA N   H2   sing N N 10  
ALA CA  C    sing N N 11  
ALA CA  CB   sing N N 12  
ALA CA  HA   sing N N 13  
ALA C   O    doub N N 14  
ALA C   OXT  sing N N 15  
ALA CB  HB1  sing N N 16  
ALA CB  HB2  sing N N 17  
ALA CB  HB3  sing N N 18  
ALA OXT HXT  sing N N 19  
ARG N   CA   sing N N 20  
ARG N   H    sing N N 21  
ARG N   H2   sing N N 22  
ARG CA  C    sing N N 23  
ARG CA  CB   sing N N 24  
ARG CA  HA   sing N N 25  
ARG C   O    doub N N 26  
ARG C   OXT  sing N N 27  
ARG CB  CG   sing N N 28  
ARG CB  HB2  sing N N 29  
ARG CB  HB3  sing N N 30  
ARG CG  CD   sing N N 31  
ARG CG  HG2  sing N N 32  
ARG CG  HG3  sing N N 33  
ARG CD  NE   sing N N 34  
ARG CD  HD2  sing N N 35  
ARG CD  HD3  sing N N 36  
ARG NE  CZ   sing N N 37  
ARG NE  HE   sing N N 38  
ARG CZ  NH1  sing N N 39  
ARG CZ  NH2  doub N N 40  
ARG NH1 HH11 sing N N 41  
ARG NH1 HH12 sing N N 42  
ARG NH2 HH21 sing N N 43  
ARG NH2 HH22 sing N N 44  
ARG OXT HXT  sing N N 45  
ASN N   CA   sing N N 46  
ASN N   H    sing N N 47  
ASN N   H2   sing N N 48  
ASN CA  C    sing N N 49  
ASN CA  CB   sing N N 50  
ASN CA  HA   sing N N 51  
ASN C   O    doub N N 52  
ASN C   OXT  sing N N 53  
ASN CB  CG   sing N N 54  
ASN CB  HB2  sing N N 55  
ASN CB  HB3  sing N N 56  
ASN CG  OD1  doub N N 57  
ASN CG  ND2  sing N N 58  
ASN ND2 HD21 sing N N 59  
ASN ND2 HD22 sing N N 60  
ASN OXT HXT  sing N N 61  
ASP N   CA   sing N N 62  
ASP N   H    sing N N 63  
ASP N   H2   sing N N 64  
ASP CA  C    sing N N 65  
ASP CA  CB   sing N N 66  
ASP CA  HA   sing N N 67  
ASP C   O    doub N N 68  
ASP C   OXT  sing N N 69  
ASP CB  CG   sing N N 70  
ASP CB  HB2  sing N N 71  
ASP CB  HB3  sing N N 72  
ASP CG  OD1  doub N N 73  
ASP CG  OD2  sing N N 74  
ASP OD2 HD2  sing N N 75  
ASP OXT HXT  sing N N 76  
GLN N   CA   sing N N 77  
GLN N   H    sing N N 78  
GLN N   H2   sing N N 79  
GLN CA  C    sing N N 80  
GLN CA  CB   sing N N 81  
GLN CA  HA   sing N N 82  
GLN C   O    doub N N 83  
GLN C   OXT  sing N N 84  
GLN CB  CG   sing N N 85  
GLN CB  HB2  sing N N 86  
GLN CB  HB3  sing N N 87  
GLN CG  CD   sing N N 88  
GLN CG  HG2  sing N N 89  
GLN CG  HG3  sing N N 90  
GLN CD  OE1  doub N N 91  
GLN CD  NE2  sing N N 92  
GLN NE2 HE21 sing N N 93  
GLN NE2 HE22 sing N N 94  
GLN OXT HXT  sing N N 95  
GLU N   CA   sing N N 96  
GLU N   H    sing N N 97  
GLU N   H2   sing N N 98  
GLU CA  C    sing N N 99  
GLU CA  CB   sing N N 100 
GLU CA  HA   sing N N 101 
GLU C   O    doub N N 102 
GLU C   OXT  sing N N 103 
GLU CB  CG   sing N N 104 
GLU CB  HB2  sing N N 105 
GLU CB  HB3  sing N N 106 
GLU CG  CD   sing N N 107 
GLU CG  HG2  sing N N 108 
GLU CG  HG3  sing N N 109 
GLU CD  OE1  doub N N 110 
GLU CD  OE2  sing N N 111 
GLU OE2 HE2  sing N N 112 
GLU OXT HXT  sing N N 113 
GLY N   CA   sing N N 114 
GLY N   H    sing N N 115 
GLY N   H2   sing N N 116 
GLY CA  C    sing N N 117 
GLY CA  HA2  sing N N 118 
GLY CA  HA3  sing N N 119 
GLY C   O    doub N N 120 
GLY C   OXT  sing N N 121 
GLY OXT HXT  sing N N 122 
HIS N   CA   sing N N 123 
HIS N   H    sing N N 124 
HIS N   H2   sing N N 125 
HIS CA  C    sing N N 126 
HIS CA  CB   sing N N 127 
HIS CA  HA   sing N N 128 
HIS C   O    doub N N 129 
HIS C   OXT  sing N N 130 
HIS CB  CG   sing N N 131 
HIS CB  HB2  sing N N 132 
HIS CB  HB3  sing N N 133 
HIS CG  ND1  sing Y N 134 
HIS CG  CD2  doub Y N 135 
HIS ND1 CE1  doub Y N 136 
HIS ND1 HD1  sing N N 137 
HIS CD2 NE2  sing Y N 138 
HIS CD2 HD2  sing N N 139 
HIS CE1 NE2  sing Y N 140 
HIS CE1 HE1  sing N N 141 
HIS NE2 HE2  sing N N 142 
HIS OXT HXT  sing N N 143 
HOH O   H1   sing N N 144 
HOH O   H2   sing N N 145 
ILE N   CA   sing N N 146 
ILE N   H    sing N N 147 
ILE N   H2   sing N N 148 
ILE CA  C    sing N N 149 
ILE CA  CB   sing N N 150 
ILE CA  HA   sing N N 151 
ILE C   O    doub N N 152 
ILE C   OXT  sing N N 153 
ILE CB  CG1  sing N N 154 
ILE CB  CG2  sing N N 155 
ILE CB  HB   sing N N 156 
ILE CG1 CD1  sing N N 157 
ILE CG1 HG12 sing N N 158 
ILE CG1 HG13 sing N N 159 
ILE CG2 HG21 sing N N 160 
ILE CG2 HG22 sing N N 161 
ILE CG2 HG23 sing N N 162 
ILE CD1 HD11 sing N N 163 
ILE CD1 HD12 sing N N 164 
ILE CD1 HD13 sing N N 165 
ILE OXT HXT  sing N N 166 
LEU N   CA   sing N N 167 
LEU N   H    sing N N 168 
LEU N   H2   sing N N 169 
LEU CA  C    sing N N 170 
LEU CA  CB   sing N N 171 
LEU CA  HA   sing N N 172 
LEU C   O    doub N N 173 
LEU C   OXT  sing N N 174 
LEU CB  CG   sing N N 175 
LEU CB  HB2  sing N N 176 
LEU CB  HB3  sing N N 177 
LEU CG  CD1  sing N N 178 
LEU CG  CD2  sing N N 179 
LEU CG  HG   sing N N 180 
LEU CD1 HD11 sing N N 181 
LEU CD1 HD12 sing N N 182 
LEU CD1 HD13 sing N N 183 
LEU CD2 HD21 sing N N 184 
LEU CD2 HD22 sing N N 185 
LEU CD2 HD23 sing N N 186 
LEU OXT HXT  sing N N 187 
LYS N   CA   sing N N 188 
LYS N   H    sing N N 189 
LYS N   H2   sing N N 190 
LYS CA  C    sing N N 191 
LYS CA  CB   sing N N 192 
LYS CA  HA   sing N N 193 
LYS C   O    doub N N 194 
LYS C   OXT  sing N N 195 
LYS CB  CG   sing N N 196 
LYS CB  HB2  sing N N 197 
LYS CB  HB3  sing N N 198 
LYS CG  CD   sing N N 199 
LYS CG  HG2  sing N N 200 
LYS CG  HG3  sing N N 201 
LYS CD  CE   sing N N 202 
LYS CD  HD2  sing N N 203 
LYS CD  HD3  sing N N 204 
LYS CE  NZ   sing N N 205 
LYS CE  HE2  sing N N 206 
LYS CE  HE3  sing N N 207 
LYS NZ  HZ1  sing N N 208 
LYS NZ  HZ2  sing N N 209 
LYS NZ  HZ3  sing N N 210 
LYS OXT HXT  sing N N 211 
MET N   CA   sing N N 212 
MET N   H    sing N N 213 
MET N   H2   sing N N 214 
MET CA  C    sing N N 215 
MET CA  CB   sing N N 216 
MET CA  HA   sing N N 217 
MET C   O    doub N N 218 
MET C   OXT  sing N N 219 
MET CB  CG   sing N N 220 
MET CB  HB2  sing N N 221 
MET CB  HB3  sing N N 222 
MET CG  SD   sing N N 223 
MET CG  HG2  sing N N 224 
MET CG  HG3  sing N N 225 
MET SD  CE   sing N N 226 
MET CE  HE1  sing N N 227 
MET CE  HE2  sing N N 228 
MET CE  HE3  sing N N 229 
MET OXT HXT  sing N N 230 
MSE N   CA   sing N N 231 
MSE N   H    sing N N 232 
MSE N   H2   sing N N 233 
MSE CA  C    sing N N 234 
MSE CA  CB   sing N N 235 
MSE CA  HA   sing N N 236 
MSE C   O    doub N N 237 
MSE C   OXT  sing N N 238 
MSE OXT HXT  sing N N 239 
MSE CB  CG   sing N N 240 
MSE CB  HB2  sing N N 241 
MSE CB  HB3  sing N N 242 
MSE CG  SE   sing N N 243 
MSE CG  HG2  sing N N 244 
MSE CG  HG3  sing N N 245 
MSE SE  CE   sing N N 246 
MSE CE  HE1  sing N N 247 
MSE CE  HE2  sing N N 248 
MSE CE  HE3  sing N N 249 
PHE N   CA   sing N N 250 
PHE N   H    sing N N 251 
PHE N   H2   sing N N 252 
PHE CA  C    sing N N 253 
PHE CA  CB   sing N N 254 
PHE CA  HA   sing N N 255 
PHE C   O    doub N N 256 
PHE C   OXT  sing N N 257 
PHE CB  CG   sing N N 258 
PHE CB  HB2  sing N N 259 
PHE CB  HB3  sing N N 260 
PHE CG  CD1  doub Y N 261 
PHE CG  CD2  sing Y N 262 
PHE CD1 CE1  sing Y N 263 
PHE CD1 HD1  sing N N 264 
PHE CD2 CE2  doub Y N 265 
PHE CD2 HD2  sing N N 266 
PHE CE1 CZ   doub Y N 267 
PHE CE1 HE1  sing N N 268 
PHE CE2 CZ   sing Y N 269 
PHE CE2 HE2  sing N N 270 
PHE CZ  HZ   sing N N 271 
PHE OXT HXT  sing N N 272 
PRO N   CA   sing N N 273 
PRO N   CD   sing N N 274 
PRO N   H    sing N N 275 
PRO CA  C    sing N N 276 
PRO CA  CB   sing N N 277 
PRO CA  HA   sing N N 278 
PRO C   O    doub N N 279 
PRO C   OXT  sing N N 280 
PRO CB  CG   sing N N 281 
PRO CB  HB2  sing N N 282 
PRO CB  HB3  sing N N 283 
PRO CG  CD   sing N N 284 
PRO CG  HG2  sing N N 285 
PRO CG  HG3  sing N N 286 
PRO CD  HD2  sing N N 287 
PRO CD  HD3  sing N N 288 
PRO OXT HXT  sing N N 289 
SER N   CA   sing N N 290 
SER N   H    sing N N 291 
SER N   H2   sing N N 292 
SER CA  C    sing N N 293 
SER CA  CB   sing N N 294 
SER CA  HA   sing N N 295 
SER C   O    doub N N 296 
SER C   OXT  sing N N 297 
SER CB  OG   sing N N 298 
SER CB  HB2  sing N N 299 
SER CB  HB3  sing N N 300 
SER OG  HG   sing N N 301 
SER OXT HXT  sing N N 302 
THR N   CA   sing N N 303 
THR N   H    sing N N 304 
THR N   H2   sing N N 305 
THR CA  C    sing N N 306 
THR CA  CB   sing N N 307 
THR CA  HA   sing N N 308 
THR C   O    doub N N 309 
THR C   OXT  sing N N 310 
THR CB  OG1  sing N N 311 
THR CB  CG2  sing N N 312 
THR CB  HB   sing N N 313 
THR OG1 HG1  sing N N 314 
THR CG2 HG21 sing N N 315 
THR CG2 HG22 sing N N 316 
THR CG2 HG23 sing N N 317 
THR OXT HXT  sing N N 318 
TYR N   CA   sing N N 319 
TYR N   H    sing N N 320 
TYR N   H2   sing N N 321 
TYR CA  C    sing N N 322 
TYR CA  CB   sing N N 323 
TYR CA  HA   sing N N 324 
TYR C   O    doub N N 325 
TYR C   OXT  sing N N 326 
TYR CB  CG   sing N N 327 
TYR CB  HB2  sing N N 328 
TYR CB  HB3  sing N N 329 
TYR CG  CD1  doub Y N 330 
TYR CG  CD2  sing Y N 331 
TYR CD1 CE1  sing Y N 332 
TYR CD1 HD1  sing N N 333 
TYR CD2 CE2  doub Y N 334 
TYR CD2 HD2  sing N N 335 
TYR CE1 CZ   doub Y N 336 
TYR CE1 HE1  sing N N 337 
TYR CE2 CZ   sing Y N 338 
TYR CE2 HE2  sing N N 339 
TYR CZ  OH   sing N N 340 
TYR OH  HH   sing N N 341 
TYR OXT HXT  sing N N 342 
VAL N   CA   sing N N 343 
VAL N   H    sing N N 344 
VAL N   H2   sing N N 345 
VAL CA  C    sing N N 346 
VAL CA  CB   sing N N 347 
VAL CA  HA   sing N N 348 
VAL C   O    doub N N 349 
VAL C   OXT  sing N N 350 
VAL CB  CG1  sing N N 351 
VAL CB  CG2  sing N N 352 
VAL CB  HB   sing N N 353 
VAL CG1 HG11 sing N N 354 
VAL CG1 HG12 sing N N 355 
VAL CG1 HG13 sing N N 356 
VAL CG2 HG21 sing N N 357 
VAL CG2 HG22 sing N N 358 
VAL CG2 HG23 sing N N 359 
VAL OXT HXT  sing N N 360 
# 
_atom_sites.entry_id                    2O38 
_atom_sites.fract_transf_matrix[1][1]   0.02050912 
_atom_sites.fract_transf_matrix[1][2]   -0.01478779 
_atom_sites.fract_transf_matrix[1][3]   0.01503519 
_atom_sites.fract_transf_matrix[2][1]   0.01061753 
_atom_sites.fract_transf_matrix[2][2]   0.01341954 
_atom_sites.fract_transf_matrix[2][3]   -0.00128437 
_atom_sites.fract_transf_matrix[3][1]   -0.00433835 
_atom_sites.fract_transf_matrix[3][2]   0.00441443 
_atom_sites.fract_transf_matrix[3][3]   0.01025962 
_atom_sites.fract_transf_vector[1]      0.503339 
_atom_sites.fract_transf_vector[2]      0.488469 
_atom_sites.fract_transf_vector[3]      0.375240 
# 
loop_
_atom_type.symbol 
C  
N  
O  
SE 
# 
loop_
_atom_site.group_PDB 
_atom_site.id 
_atom_site.type_symbol 
_atom_site.label_atom_id 
_atom_site.label_alt_id 
_atom_site.label_comp_id 
_atom_site.label_asym_id 
_atom_site.label_entity_id 
_atom_site.label_seq_id 
_atom_site.pdbx_PDB_ins_code 
_atom_site.Cartn_x 
_atom_site.Cartn_y 
_atom_site.Cartn_z 
_atom_site.occupancy 
_atom_site.B_iso_or_equiv 
_atom_site.pdbx_formal_charge 
_atom_site.auth_seq_id 
_atom_site.auth_comp_id 
_atom_site.auth_asym_id 
_atom_site.auth_atom_id 
_atom_site.pdbx_PDB_model_num 
ATOM   1    N  N   . PRO A 1 30  ? -14.189 4.580   -1.509  1.00 59.42  ? 28  PRO A N   1 
ATOM   2    C  CA  . PRO A 1 30  ? -13.019 3.784   -1.147  1.00 59.31  ? 28  PRO A CA  1 
ATOM   3    C  C   . PRO A 1 30  ? -12.722 2.655   -2.135  1.00 58.97  ? 28  PRO A C   1 
ATOM   4    O  O   . PRO A 1 30  ? -11.550 2.330   -2.357  1.00 58.95  ? 28  PRO A O   1 
ATOM   5    C  CB  . PRO A 1 30  ? -13.412 3.217   0.218   1.00 59.50  ? 28  PRO A CB  1 
ATOM   6    C  CG  . PRO A 1 30  ? -14.288 4.297   0.823   1.00 59.52  ? 28  PRO A CG  1 
ATOM   7    C  CD  . PRO A 1 30  ? -14.850 5.139   -0.317  1.00 59.50  ? 28  PRO A CD  1 
ATOM   8    N  N   . ASP A 1 31  ? -13.774 2.065   -2.708  1.00 58.53  ? 29  ASP A N   1 
ATOM   9    C  CA  . ASP A 1 31  ? -13.644 1.045   -3.760  1.00 58.06  ? 29  ASP A CA  1 
ATOM   10   C  C   . ASP A 1 31  ? -12.995 1.679   -4.996  1.00 57.28  ? 29  ASP A C   1 
ATOM   11   O  O   . ASP A 1 31  ? -12.156 1.063   -5.662  1.00 57.17  ? 29  ASP A O   1 
ATOM   12   C  CB  . ASP A 1 31  ? -15.027 0.458   -4.101  1.00 58.15  ? 29  ASP A CB  1 
ATOM   13   C  CG  . ASP A 1 31  ? -14.960 -0.824  -4.958  1.00 58.83  ? 29  ASP A CG  1 
ATOM   14   O  OD1 . ASP A 1 31  ? -13.898 -1.145  -5.550  1.00 58.77  ? 29  ASP A OD1 1 
ATOM   15   O  OD2 . ASP A 1 31  ? -16.003 -1.516  -5.044  1.00 58.97  ? 29  ASP A OD2 1 
ATOM   16   N  N   . ALA A 1 32  ? -13.394 2.920   -5.271  1.00 56.24  ? 30  ALA A N   1 
ATOM   17   C  CA  . ALA A 1 32  ? -12.863 3.709   -6.374  1.00 55.25  ? 30  ALA A CA  1 
ATOM   18   C  C   . ALA A 1 32  ? -11.397 4.073   -6.148  1.00 54.27  ? 30  ALA A C   1 
ATOM   19   O  O   . ALA A 1 32  ? -10.573 3.899   -7.046  1.00 54.09  ? 30  ALA A O   1 
ATOM   20   C  CB  . ALA A 1 32  ? -13.709 4.974   -6.575  1.00 55.24  ? 30  ALA A CB  1 
ATOM   21   N  N   . GLU A 1 33  ? -11.084 4.570   -4.951  1.00 53.15  ? 31  GLU A N   1 
ATOM   22   C  CA  . GLU A 1 33  ? -9.722  4.981   -4.601  1.00 52.41  ? 31  GLU A CA  1 
ATOM   23   C  C   . GLU A 1 33  ? -8.724  3.813   -4.730  1.00 51.38  ? 31  GLU A C   1 
ATOM   24   O  O   . GLU A 1 33  ? -7.588  3.991   -5.202  1.00 51.10  ? 31  GLU A O   1 
ATOM   25   C  CB  . GLU A 1 33  ? -9.686  5.566   -3.176  1.00 52.74  ? 31  GLU A CB  1 
ATOM   26   C  CG  . GLU A 1 33  ? -8.325  6.182   -2.747  1.00 54.36  ? 31  GLU A CG  1 
ATOM   27   C  CD  . GLU A 1 33  ? -8.354  7.708   -2.585  1.00 56.80  ? 31  GLU A CD  1 
ATOM   28   O  OE1 . GLU A 1 33  ? -9.292  8.222   -1.924  1.00 58.88  ? 31  GLU A OE1 1 
ATOM   29   O  OE2 . GLU A 1 33  ? -7.426  8.392   -3.084  1.00 56.27  ? 31  GLU A OE2 1 
ATOM   30   N  N   . GLU A 1 34  ? -9.162  2.621   -4.324  1.00 49.53  ? 32  GLU A N   1 
ATOM   31   C  CA  . GLU A 1 34  ? -8.297  1.446   -4.319  1.00 47.87  ? 32  GLU A CA  1 
ATOM   32   C  C   . GLU A 1 34  ? -7.931  0.961   -5.730  1.00 46.18  ? 32  GLU A C   1 
ATOM   33   O  O   . GLU A 1 34  ? -6.762  0.624   -5.996  1.00 45.84  ? 32  GLU A O   1 
ATOM   34   C  CB  . GLU A 1 34  ? -8.924  0.342   -3.480  1.00 48.38  ? 32  GLU A CB  1 
ATOM   35   C  CG  . GLU A 1 34  ? -9.644  -0.735  -4.242  1.00 50.14  ? 32  GLU A CG  1 
ATOM   36   C  CD  . GLU A 1 34  ? -8.817  -1.994  -4.339  1.00 51.92  ? 32  GLU A CD  1 
ATOM   37   O  OE1 . GLU A 1 34  ? -7.720  -1.934  -4.924  1.00 53.51  ? 32  GLU A OE1 1 
ATOM   38   O  OE2 . GLU A 1 34  ? -9.262  -3.042  -3.825  1.00 54.32  ? 32  GLU A OE2 1 
ATOM   39   N  N   . ARG A 1 35  ? -8.914  0.923   -6.630  1.00 43.73  ? 33  ARG A N   1 
ATOM   40   C  CA  . ARG A 1 35  ? -8.627  0.576   -8.007  1.00 41.89  ? 33  ARG A CA  1 
ATOM   41   C  C   . ARG A 1 35  ? -7.721  1.645   -8.585  1.00 39.85  ? 33  ARG A C   1 
ATOM   42   O  O   . ARG A 1 35  ? -6.804  1.340   -9.337  1.00 38.84  ? 33  ARG A O   1 
ATOM   43   C  CB  . ARG A 1 35  ? -9.903  0.381   -8.828  1.00 42.61  ? 33  ARG A CB  1 
ATOM   44   C  CG  . ARG A 1 35  ? -10.539 -0.980  -8.569  1.00 43.93  ? 33  ARG A CG  1 
ATOM   45   C  CD  . ARG A 1 35  ? -11.521 -1.377  -9.645  1.00 46.59  ? 33  ARG A CD  1 
ATOM   46   N  NE  . ARG A 1 35  ? -12.797 -0.685  -9.522  1.00 49.27  ? 33  ARG A NE  1 
ATOM   47   C  CZ  . ARG A 1 35  ? -13.821 -1.120  -8.795  1.00 50.12  ? 33  ARG A CZ  1 
ATOM   48   N  NH1 . ARG A 1 35  ? -13.734 -2.267  -8.121  1.00 50.47  ? 33  ARG A NH1 1 
ATOM   49   N  NH2 . ARG A 1 35  ? -14.939 -0.411  -8.747  1.00 51.10  ? 33  ARG A NH2 1 
ATOM   50   N  N   . GLN A 1 36  ? -7.938  2.892   -8.169  1.00 38.03  ? 34  GLN A N   1 
ATOM   51   C  CA  . GLN A 1 36  ? -7.117  3.990   -8.668  1.00 36.96  ? 34  GLN A CA  1 
ATOM   52   C  C   . GLN A 1 36  ? -5.673  3.862   -8.181  1.00 35.28  ? 34  GLN A C   1 
ATOM   53   O  O   . GLN A 1 36  ? -4.729  4.159   -8.926  1.00 35.05  ? 34  GLN A O   1 
ATOM   54   C  CB  . GLN A 1 36  ? -7.706  5.348   -8.295  1.00 37.78  ? 34  GLN A CB  1 
ATOM   55   C  CG  . GLN A 1 36  ? -7.456  6.418   -9.363  1.00 41.65  ? 34  GLN A CG  1 
ATOM   56   C  CD  . GLN A 1 36  ? -7.633  5.877   -10.778 1.00 45.39  ? 34  GLN A CD  1 
ATOM   57   O  OE1 . GLN A 1 36  ? -8.743  5.522   -11.186 1.00 46.51  ? 34  GLN A OE1 1 
ATOM   58   N  NE2 . GLN A 1 36  ? -6.533  5.793   -11.524 1.00 46.82  ? 34  GLN A NE2 1 
ATOM   59   N  N   . THR A 1 37  ? -5.522  3.400   -6.943  1.00 33.03  ? 35  THR A N   1 
ATOM   60   C  CA  . THR A 1 37  ? -4.191  3.124   -6.376  1.00 31.86  ? 35  THR A CA  1 
ATOM   61   C  C   . THR A 1 37  ? -3.494  1.991   -7.111  1.00 30.65  ? 35  THR A C   1 
ATOM   62   O  O   . THR A 1 37  ? -2.332  2.109   -7.490  1.00 30.82  ? 35  THR A O   1 
ATOM   63   C  CB  . THR A 1 37  ? -4.280  2.850   -4.878  1.00 31.64  ? 35  THR A CB  1 
ATOM   64   O  OG1 . THR A 1 37  ? -4.754  4.040   -4.254  1.00 33.24  ? 35  THR A OG1 1 
ATOM   65   C  CG2 . THR A 1 37  ? -2.893  2.511   -4.284  1.00 30.82  ? 35  THR A CG2 1 
ATOM   66   N  N   . LYS A 1 38  ? -4.202  0.884   -7.297  1.00 30.06  ? 36  LYS A N   1 
ATOM   67   C  CA  . LYS A 1 38  ? -3.699  -0.223  -8.111  1.00 30.01  ? 36  LYS A CA  1 
ATOM   68   C  C   . LYS A 1 38  ? -3.259  0.198   -9.515  1.00 30.02  ? 36  LYS A C   1 
ATOM   69   O  O   . LYS A 1 38  ? -2.207  -0.193  -9.974  1.00 27.45  ? 36  LYS A O   1 
ATOM   70   C  CB  . LYS A 1 38  ? -4.763  -1.293  -8.237  1.00 30.65  ? 36  LYS A CB  1 
ATOM   71   C  CG  . LYS A 1 38  ? -4.932  -2.173  -7.060  1.00 31.88  ? 36  LYS A CG  1 
ATOM   72   C  CD  . LYS A 1 38  ? -5.522  -3.490  -7.620  1.00 35.47  ? 36  LYS A CD  1 
ATOM   73   C  CE  . LYS A 1 38  ? -6.256  -4.295  -6.609  1.00 37.97  ? 36  LYS A CE  1 
ATOM   74   N  NZ  . LYS A 1 38  ? -6.862  -5.480  -7.276  1.00 35.75  ? 36  LYS A NZ  1 
ATOM   75   N  N   . LEU A 1 39  ? -4.086  0.989   -10.194 1.00 30.11  ? 37  LEU A N   1 
ATOM   76   C  CA  . LEU A 1 39  ? -3.775  1.429   -11.551 1.00 31.47  ? 37  LEU A CA  1 
ATOM   77   C  C   . LEU A 1 39  ? -2.485  2.262   -11.590 1.00 30.58  ? 37  LEU A C   1 
ATOM   78   O  O   . LEU A 1 39  ? -1.672  2.089   -12.471 1.00 30.32  ? 37  LEU A O   1 
ATOM   79   C  CB  . LEU A 1 39  ? -4.963  2.204   -12.129 1.00 31.87  ? 37  LEU A CB  1 
ATOM   80   C  CG  . LEU A 1 39  ? -5.440  2.004   -13.570 1.00 34.94  ? 37  LEU A CG  1 
ATOM   81   C  CD1 . LEU A 1 39  ? -5.477  0.535   -14.017 1.00 35.40  ? 37  LEU A CD1 1 
ATOM   82   C  CD2 . LEU A 1 39  ? -6.825  2.649   -13.679 1.00 33.02  ? 37  LEU A CD2 1 
ATOM   83   N  N   . ARG A 1 40  ? -2.301  3.145   -10.612 1.00 31.58  ? 38  ARG A N   1 
ATOM   84   C  CA  . ARG A 1 40  ? -1.091  3.983   -10.522 1.00 31.79  ? 38  ARG A CA  1 
ATOM   85   C  C   . ARG A 1 40  ? 0.189   3.203   -10.217 1.00 31.08  ? 38  ARG A C   1 
ATOM   86   O  O   . ARG A 1 40  ? 1.260   3.442   -10.826 1.00 30.99  ? 38  ARG A O   1 
ATOM   87   C  CB  . ARG A 1 40  ? -1.306  5.112   -9.521  1.00 32.86  ? 38  ARG A CB  1 
ATOM   88   C  CG  . ARG A 1 40  ? -2.289  6.150   -10.024 1.00 35.97  ? 38  ARG A CG  1 
ATOM   89   C  CD  . ARG A 1 40  ? -2.852  6.977   -8.886  1.00 41.44  ? 38  ARG A CD  1 
ATOM   90   N  NE  . ARG A 1 40  ? -3.786  7.975   -9.415  1.00 44.90  ? 38  ARG A NE  1 
ATOM   91   C  CZ  . ARG A 1 40  ? -4.893  8.381   -8.803  1.00 46.15  ? 38  ARG A CZ  1 
ATOM   92   N  NH1 . ARG A 1 40  ? -5.234  7.881   -7.618  1.00 46.82  ? 38  ARG A NH1 1 
ATOM   93   N  NH2 . ARG A 1 40  ? -5.671  9.286   -9.387  1.00 45.94  ? 38  ARG A NH2 1 
ATOM   94   N  N   . LEU A 1 41  ? 0.093   2.256   -9.297  1.00 30.58  ? 39  LEU A N   1 
ATOM   95   C  CA  . LEU A 1 41  ? 1.222   1.330   -9.010  1.00 29.19  ? 39  LEU A CA  1 
ATOM   96   C  C   . LEU A 1 41  ? 1.543   0.499   -10.255 1.00 29.45  ? 39  LEU A C   1 
ATOM   97   O  O   . LEU A 1 41  ? 2.701   0.312   -10.574 1.00 29.35  ? 39  LEU A O   1 
ATOM   98   C  CB  . LEU A 1 41  ? 0.863   0.421   -7.820  1.00 29.59  ? 39  LEU A CB  1 
ATOM   99   C  CG  . LEU A 1 41  ? 0.752   1.181   -6.491  1.00 28.30  ? 39  LEU A CG  1 
ATOM   100  C  CD1 . LEU A 1 41  ? 0.264   0.275   -5.398  1.00 26.59  ? 39  LEU A CD1 1 
ATOM   101  C  CD2 . LEU A 1 41  ? 2.134   1.732   -6.115  1.00 26.31  ? 39  LEU A CD2 1 
ATOM   102  N  N   . ALA A 1 42  ? 0.515   0.025   -10.966 1.00 30.19  ? 40  ALA A N   1 
ATOM   103  C  CA  . ALA A 1 42  ? 0.732   -0.788  -12.179 1.00 29.89  ? 40  ALA A CA  1 
ATOM   104  C  C   . ALA A 1 42  ? 1.368   0.041   -13.295 1.00 29.70  ? 40  ALA A C   1 
ATOM   105  O  O   . ALA A 1 42  ? 2.177   -0.471  -14.067 1.00 27.62  ? 40  ALA A O   1 
ATOM   106  C  CB  . ALA A 1 42  ? -0.586  -1.428  -12.660 1.00 30.51  ? 40  ALA A CB  1 
ATOM   107  N  N   . TYR A 1 43  ? 0.957   1.308   -13.395 1.00 30.95  ? 41  TYR A N   1 
ATOM   108  C  CA  . TYR A 1 43  ? 1.562   2.219   -14.375 1.00 31.66  ? 41  TYR A CA  1 
ATOM   109  C  C   . TYR A 1 43  ? 3.060   2.364   -14.096 1.00 31.21  ? 41  TYR A C   1 
ATOM   110  O  O   . TYR A 1 43  ? 3.868   2.207   -15.000 1.00 30.76  ? 41  TYR A O   1 
ATOM   111  C  CB  . TYR A 1 43  ? 0.855   3.585   -14.420 1.00 33.60  ? 41  TYR A CB  1 
ATOM   112  C  CG  . TYR A 1 43  ? 1.543   4.533   -15.376 1.00 35.08  ? 41  TYR A CG  1 
ATOM   113  C  CD1 . TYR A 1 43  ? 1.066   4.710   -16.679 1.00 40.05  ? 41  TYR A CD1 1 
ATOM   114  C  CD2 . TYR A 1 43  ? 2.687   5.239   -14.988 1.00 38.81  ? 41  TYR A CD2 1 
ATOM   115  C  CE1 . TYR A 1 43  ? 1.705   5.572   -17.570 1.00 38.88  ? 41  TYR A CE1 1 
ATOM   116  C  CE2 . TYR A 1 43  ? 3.344   6.101   -15.883 1.00 38.28  ? 41  TYR A CE2 1 
ATOM   117  C  CZ  . TYR A 1 43  ? 2.846   6.260   -17.161 1.00 38.21  ? 41  TYR A CZ  1 
ATOM   118  O  OH  . TYR A 1 43  ? 3.474   7.118   -18.038 1.00 38.49  ? 41  TYR A OH  1 
ATOM   119  N  N   . ALA A 1 44  ? 3.413   2.642   -12.838 1.00 30.60  ? 42  ALA A N   1 
ATOM   120  C  CA  . ALA A 1 44  ? 4.808   2.741   -12.394 1.00 30.12  ? 42  ALA A CA  1 
ATOM   121  C  C   . ALA A 1 44  ? 5.559   1.449   -12.725 1.00 29.31  ? 42  ALA A C   1 
ATOM   122  O  O   . ALA A 1 44  ? 6.649   1.483   -13.306 1.00 28.79  ? 42  ALA A O   1 
ATOM   123  C  CB  . ALA A 1 44  ? 4.855   2.986   -10.881 1.00 30.09  ? 42  ALA A CB  1 
ATOM   124  N  N   . LEU A 1 45  ? 4.955   0.312   -12.381 1.00 29.06  ? 43  LEU A N   1 
ATOM   125  C  CA  . LEU A 1 45  ? 5.543   -0.989  -12.647 1.00 29.62  ? 43  LEU A CA  1 
ATOM   126  C  C   . LEU A 1 45  ? 5.773   -1.190  -14.125 1.00 28.40  ? 43  LEU A C   1 
ATOM   127  O  O   . LEU A 1 45  ? 6.859   -1.606  -14.553 1.00 27.67  ? 43  LEU A O   1 
ATOM   128  C  CB  . LEU A 1 45  ? 4.608   -2.099  -12.087 1.00 29.61  ? 43  LEU A CB  1 
ATOM   129  C  CG  . LEU A 1 45  ? 5.012   -3.498  -11.678 1.00 32.52  ? 43  LEU A CG  1 
ATOM   130  C  CD1 . LEU A 1 45  ? 6.460   -3.614  -11.080 1.00 33.11  ? 43  LEU A CD1 1 
ATOM   131  C  CD2 . LEU A 1 45  ? 3.941   -4.108  -10.731 1.00 32.64  ? 43  LEU A CD2 1 
ATOM   132  N  N   . ASN A 1 46  ? 4.763   -0.871  -14.921 1.00 28.17  ? 44  ASN A N   1 
ATOM   133  C  CA  . ASN A 1 46  ? 4.871   -1.096  -16.356 1.00 26.84  ? 44  ASN A CA  1 
ATOM   134  C  C   . ASN A 1 46  ? 5.938   -0.175  -16.989 1.00 27.29  ? 44  ASN A C   1 
ATOM   135  O  O   . ASN A 1 46  ? 6.677   -0.578  -17.862 1.00 27.80  ? 44  ASN A O   1 
ATOM   136  C  CB  . ASN A 1 46  ? 3.492   -0.949  -17.002 1.00 26.85  ? 44  ASN A CB  1 
ATOM   137  C  CG  . ASN A 1 46  ? 2.709   -2.241  -16.936 1.00 28.65  ? 44  ASN A CG  1 
ATOM   138  O  OD1 . ASN A 1 46  ? 3.266   -3.319  -17.211 1.00 26.41  ? 44  ASN A OD1 1 
ATOM   139  N  ND2 . ASN A 1 46  ? 1.425   -2.154  -16.558 1.00 28.30  ? 44  ASN A ND2 1 
ATOM   140  N  N   . ALA A 1 47  ? 6.040   1.034   -16.470 1.00 28.45  ? 45  ALA A N   1 
ATOM   141  C  CA  . ALA A 1 47  ? 7.054   2.006   -16.914 1.00 28.24  ? 45  ALA A CA  1 
ATOM   142  C  C   . ALA A 1 47  ? 8.510   1.563   -16.624 1.00 28.75  ? 45  ALA A C   1 
ATOM   143  O  O   . ALA A 1 47  ? 9.395   1.834   -17.399 1.00 29.43  ? 45  ALA A O   1 
ATOM   144  C  CB  . ALA A 1 47  ? 6.774   3.321   -16.309 1.00 29.17  ? 45  ALA A CB  1 
ATOM   145  N  N   . VAL A 1 48  ? 8.723   0.891   -15.496 1.00 29.97  ? 46  VAL A N   1 
ATOM   146  C  CA  . VAL A 1 48  ? 10.010  0.360   -15.084 1.00 30.73  ? 46  VAL A CA  1 
ATOM   147  C  C   . VAL A 1 48  ? 10.378  -0.771  -16.023 1.00 30.14  ? 46  VAL A C   1 
ATOM   148  O  O   . VAL A 1 48  ? 11.496  -0.827  -16.542 1.00 31.87  ? 46  VAL A O   1 
ATOM   149  C  CB  . VAL A 1 48  ? 9.985   -0.074  -13.562 1.00 30.74  ? 46  VAL A CB  1 
ATOM   150  C  CG1 . VAL A 1 48  ? 11.245  -0.864  -13.201 1.00 31.81  ? 46  VAL A CG1 1 
ATOM   151  C  CG2 . VAL A 1 48  ? 9.864   1.160   -12.671 1.00 33.07  ? 46  VAL A CG2 1 
ATOM   152  N  N   . ILE A 1 49  ? 9.394   -1.614  -16.318 1.00 30.52  ? 47  ILE A N   1 
ATOM   153  C  CA  . ILE A 1 49  ? 9.569   -2.735  -17.240 1.00 28.87  ? 47  ILE A CA  1 
ATOM   154  C  C   . ILE A 1 49  ? 9.921   -2.264  -18.627 1.00 30.37  ? 47  ILE A C   1 
ATOM   155  O  O   . ILE A 1 49  ? 10.833  -2.809  -19.251 1.00 30.63  ? 47  ILE A O   1 
ATOM   156  C  CB  . ILE A 1 49  ? 8.306   -3.641  -17.320 1.00 27.90  ? 47  ILE A CB  1 
ATOM   157  C  CG1 . ILE A 1 49  ? 8.111   -4.433  -16.013 1.00 28.07  ? 47  ILE A CG1 1 
ATOM   158  C  CG2 . ILE A 1 49  ? 8.428   -4.599  -18.472 1.00 27.08  ? 47  ILE A CG2 1 
ATOM   159  C  CD1 . ILE A 1 49  ? 6.711   -5.063  -15.820 1.00 26.96  ? 47  ILE A CD1 1 
ATOM   160  N  N   . ASP A 1 50  ? 9.171   -1.270  -19.105 1.00 31.46  ? 48  ASP A N   1 
ATOM   161  C  CA  . ASP A 1 50  ? 9.483   -0.575  -20.352 1.00 32.74  ? 48  ASP A CA  1 
ATOM   162  C  C   . ASP A 1 50  ? 10.939  -0.110  -20.370 1.00 34.59  ? 48  ASP A C   1 
ATOM   163  O  O   . ASP A 1 50  ? 11.703  -0.550  -21.219 1.00 35.78  ? 48  ASP A O   1 
ATOM   164  C  CB  . ASP A 1 50  ? 8.565   0.638   -20.545 1.00 30.93  ? 48  ASP A CB  1 
ATOM   165  C  CG  . ASP A 1 50  ? 7.123   0.260   -20.727 1.00 30.68  ? 48  ASP A CG  1 
ATOM   166  O  OD1 . ASP A 1 50  ? 6.814   -0.926  -21.022 1.00 29.70  ? 48  ASP A OD1 1 
ATOM   167  O  OD2 . ASP A 1 50  ? 6.291   1.164   -20.583 1.00 29.93  ? 48  ASP A OD2 1 
ATOM   168  N  N   . ARG A 1 51  ? 11.306  0.791   -19.461 1.00 37.01  ? 49  ARG A N   1 
ATOM   169  C  CA  . ARG A 1 51  ? 12.683  1.297   -19.371 1.00 39.54  ? 49  ARG A CA  1 
ATOM   170  C  C   . ARG A 1 51  ? 13.718  0.162   -19.423 1.00 40.61  ? 49  ARG A C   1 
ATOM   171  O  O   . ARG A 1 51  ? 14.698  0.236   -20.182 1.00 41.07  ? 49  ARG A O   1 
ATOM   172  C  CB  . ARG A 1 51  ? 12.865  2.146   -18.098 1.00 40.64  ? 49  ARG A CB  1 
ATOM   173  C  CG  . ARG A 1 51  ? 12.178  3.519   -18.161 1.00 44.01  ? 49  ARG A CG  1 
ATOM   174  C  CD  . ARG A 1 51  ? 12.897  4.458   -19.152 1.00 49.54  ? 49  ARG A CD  1 
ATOM   175  N  NE  . ARG A 1 51  ? 12.021  5.496   -19.715 1.00 53.55  ? 49  ARG A NE  1 
ATOM   176  C  CZ  . ARG A 1 51  ? 11.063  5.280   -20.623 1.00 55.30  ? 49  ARG A CZ  1 
ATOM   177  N  NH1 . ARG A 1 51  ? 10.824  4.052   -21.079 1.00 54.75  ? 49  ARG A NH1 1 
ATOM   178  N  NH2 . ARG A 1 51  ? 10.332  6.294   -21.073 1.00 56.53  ? 49  ARG A NH2 1 
ATOM   179  N  N   . ALA A 1 52  ? 13.487  -0.883  -18.623 1.00 41.32  ? 50  ALA A N   1 
ATOM   180  C  CA  . ALA A 1 52  ? 14.361  -2.058  -18.574 1.00 42.26  ? 50  ALA A CA  1 
ATOM   181  C  C   . ALA A 1 52  ? 14.391  -2.846  -19.890 1.00 42.89  ? 50  ALA A C   1 
ATOM   182  O  O   . ALA A 1 52  ? 15.234  -3.748  -20.074 1.00 43.27  ? 50  ALA A O   1 
ATOM   183  C  CB  . ALA A 1 52  ? 13.957  -2.960  -17.426 1.00 41.66  ? 50  ALA A CB  1 
ATOM   184  N  N   . ARG A 1 53  ? 13.475  -2.506  -20.799 1.00 43.44  ? 51  ARG A N   1 
ATOM   185  C  CA  . ARG A 1 53  ? 13.369  -3.129  -22.127 1.00 43.93  ? 51  ARG A CA  1 
ATOM   186  C  C   . ARG A 1 53  ? 13.201  -4.648  -22.048 1.00 44.07  ? 51  ARG A C   1 
ATOM   187  O  O   . ARG A 1 53  ? 13.552  -5.371  -22.981 1.00 44.18  ? 51  ARG A O   1 
ATOM   188  C  CB  . ARG A 1 53  ? 14.587  -2.766  -22.994 1.00 44.62  ? 51  ARG A CB  1 
ATOM   189  C  CG  . ARG A 1 53  ? 14.451  -1.474  -23.773 1.00 46.09  ? 51  ARG A CG  1 
ATOM   190  C  CD  . ARG A 1 53  ? 14.208  -1.727  -25.269 1.00 50.80  ? 51  ARG A CD  1 
ATOM   191  N  NE  . ARG A 1 53  ? 15.321  -2.417  -25.934 1.00 53.13  ? 51  ARG A NE  1 
ATOM   192  C  CZ  . ARG A 1 53  ? 16.415  -1.823  -26.422 1.00 55.82  ? 51  ARG A CZ  1 
ATOM   193  N  NH1 . ARG A 1 53  ? 16.581  -0.502  -26.331 1.00 56.04  ? 51  ARG A NH1 1 
ATOM   194  N  NH2 . ARG A 1 53  ? 17.356  -2.557  -27.008 1.00 56.30  ? 51  ARG A NH2 1 
ATOM   195  N  N   . LEU A 1 54  ? 12.686  -5.124  -20.917 1.00 43.85  ? 52  LEU A N   1 
ATOM   196  C  CA  . LEU A 1 54  ? 12.465  -6.556  -20.708 1.00 43.32  ? 52  LEU A CA  1 
ATOM   197  C  C   . LEU A 1 54  ? 11.268  -7.089  -21.487 1.00 42.97  ? 52  LEU A C   1 
ATOM   198  O  O   . LEU A 1 54  ? 10.186  -6.481  -21.491 1.00 43.27  ? 52  LEU A O   1 
ATOM   199  C  CB  . LEU A 1 54  ? 12.252  -6.859  -19.218 1.00 43.29  ? 52  LEU A CB  1 
ATOM   200  C  CG  . LEU A 1 54  ? 13.304  -6.426  -18.186 1.00 42.41  ? 52  LEU A CG  1 
ATOM   201  C  CD1 . LEU A 1 54  ? 12.707  -6.543  -16.775 1.00 40.94  ? 52  LEU A CD1 1 
ATOM   202  C  CD2 . LEU A 1 54  ? 14.610  -7.218  -18.309 1.00 42.30  ? 52  LEU A CD2 1 
ATOM   203  N  N   . SER A 1 55  ? 11.468  -8.237  -22.131 1.00 42.14  ? 53  SER A N   1 
ATOM   204  C  CA  . SER A 1 55  ? 10.377  -9.010  -22.706 1.00 41.75  ? 53  SER A CA  1 
ATOM   205  C  C   . SER A 1 55  ? 9.470   -9.451  -21.588 1.00 40.99  ? 53  SER A C   1 
ATOM   206  O  O   . SER A 1 55  ? 9.835   -9.315  -20.423 1.00 41.82  ? 53  SER A O   1 
ATOM   207  C  CB  . SER A 1 55  ? 10.941  -10.243 -23.425 1.00 42.17  ? 53  SER A CB  1 
ATOM   208  O  OG  . SER A 1 55  ? 11.858  -10.962 -22.603 1.00 42.27  ? 53  SER A OG  1 
ATOM   209  N  N   . GLN A 1 56  ? 8.297   -9.977  -21.924 1.00 40.26  ? 54  GLN A N   1 
ATOM   210  C  CA  . GLN A 1 56  ? 7.393   -10.540 -20.920 1.00 39.20  ? 54  GLN A CA  1 
ATOM   211  C  C   . GLN A 1 56  ? 7.995   -11.769 -20.243 1.00 37.76  ? 54  GLN A C   1 
ATOM   212  O  O   . GLN A 1 56  ? 7.735   -12.047 -19.060 1.00 36.82  ? 54  GLN A O   1 
ATOM   213  C  CB  . GLN A 1 56  ? 6.044   -10.894 -21.538 1.00 40.02  ? 54  GLN A CB  1 
ATOM   214  C  CG  . GLN A 1 56  ? 5.115   -9.686  -21.682 1.00 41.27  ? 54  GLN A CG  1 
ATOM   215  C  CD  . GLN A 1 56  ? 3.667   -10.072 -21.885 1.00 41.70  ? 54  GLN A CD  1 
ATOM   216  O  OE1 . GLN A 1 56  ? 3.281   -11.228 -21.698 1.00 42.92  ? 54  GLN A OE1 1 
ATOM   217  N  NE2 . GLN A 1 56  ? 2.847   -9.095  -22.267 1.00 43.16  ? 54  GLN A NE2 1 
ATOM   218  N  N   . ALA A 1 57  ? 8.784   -12.518 -21.010 1.00 34.90  ? 55  ALA A N   1 
ATOM   219  C  CA  . ALA A 1 57  ? 9.497   -13.655 -20.462 1.00 32.86  ? 55  ALA A CA  1 
ATOM   220  C  C   . ALA A 1 57  ? 10.539  -13.191 -19.421 1.00 31.52  ? 55  ALA A C   1 
ATOM   221  O  O   . ALA A 1 57  ? 10.571  -13.717 -18.311 1.00 29.98  ? 55  ALA A O   1 
ATOM   222  C  CB  . ALA A 1 57  ? 10.142  -14.477 -21.586 1.00 32.79  ? 55  ALA A CB  1 
ATOM   223  N  N   . ALA A 1 58  ? 11.375  -12.210 -19.766 1.00 30.34  ? 56  ALA A N   1 
ATOM   224  C  CA  . ALA A 1 58  ? 12.369  -11.718 -18.800 1.00 30.30  ? 56  ALA A CA  1 
ATOM   225  C  C   . ALA A 1 58  ? 11.677  -11.067 -17.596 1.00 30.28  ? 56  ALA A C   1 
ATOM   226  O  O   . ALA A 1 58  ? 12.108  -11.245 -16.446 1.00 29.12  ? 56  ALA A O   1 
ATOM   227  C  CB  . ALA A 1 58  ? 13.340  -10.748 -19.426 1.00 30.00  ? 56  ALA A CB  1 
ATOM   228  N  N   . ALA A 1 59  ? 10.626  -10.290 -17.875 1.00 29.26  ? 57  ALA A N   1 
ATOM   229  C  CA  . ALA A 1 59  ? 9.866   -9.622  -16.812 1.00 29.37  ? 57  ALA A CA  1 
ATOM   230  C  C   . ALA A 1 59  ? 9.287   -10.638 -15.807 1.00 28.77  ? 57  ALA A C   1 
ATOM   231  O  O   . ALA A 1 59  ? 9.374   -10.431 -14.589 1.00 29.40  ? 57  ALA A O   1 
ATOM   232  C  CB  . ALA A 1 59  ? 8.749   -8.777  -17.429 1.00 29.11  ? 57  ALA A CB  1 
ATOM   233  N  N   . ALA A 1 60  ? 8.700   -11.726 -16.324 1.00 28.59  ? 58  ALA A N   1 
ATOM   234  C  CA  . ALA A 1 60  ? 8.094   -12.791 -15.502 1.00 27.61  ? 58  ALA A CA  1 
ATOM   235  C  C   . ALA A 1 60  ? 9.135   -13.349 -14.550 1.00 27.75  ? 58  ALA A C   1 
ATOM   236  O  O   . ALA A 1 60  ? 8.910   -13.478 -13.338 1.00 26.85  ? 58  ALA A O   1 
ATOM   237  C  CB  . ALA A 1 60  ? 7.553   -13.888 -16.391 1.00 28.49  ? 58  ALA A CB  1 
ATOM   238  N  N   . ALA A 1 61  ? 10.307  -13.647 -15.112 1.00 26.64  ? 59  ALA A N   1 
ATOM   239  C  CA  . ALA A 1 61  ? 11.381  -14.214 -14.329 1.00 25.53  ? 59  ALA A CA  1 
ATOM   240  C  C   . ALA A 1 61  ? 11.862  -13.244 -13.282 1.00 25.05  ? 59  ALA A C   1 
ATOM   241  O  O   . ALA A 1 61  ? 12.030  -13.607 -12.103 1.00 24.14  ? 59  ALA A O   1 
ATOM   242  C  CB  . ALA A 1 61  ? 12.550  -14.693 -15.255 1.00 24.67  ? 59  ALA A CB  1 
ATOM   243  N  N   . ARG A 1 62  ? 12.061  -11.991 -13.681 1.00 25.19  ? 60  ARG A N   1 
ATOM   244  C  CA  . ARG A 1 62  ? 12.615  -11.051 -12.732 1.00 25.68  ? 60  ARG A CA  1 
ATOM   245  C  C   . ARG A 1 62  ? 11.646  -10.762 -11.597 1.00 26.17  ? 60  ARG A C   1 
ATOM   246  O  O   . ARG A 1 62  ? 12.064  -10.668 -10.426 1.00 25.35  ? 60  ARG A O   1 
ATOM   247  C  CB  . ARG A 1 62  ? 13.051  -9.761  -13.389 1.00 25.94  ? 60  ARG A CB  1 
ATOM   248  C  CG  . ARG A 1 62  ? 13.861  -8.957  -12.426 1.00 27.51  ? 60  ARG A CG  1 
ATOM   249  C  CD  . ARG A 1 62  ? 14.779  -8.029  -13.117 1.00 31.81  ? 60  ARG A CD  1 
ATOM   250  N  NE  . ARG A 1 62  ? 15.599  -8.655  -14.156 1.00 34.13  ? 60  ARG A NE  1 
ATOM   251  C  CZ  . ARG A 1 62  ? 16.510  -7.973  -14.830 1.00 31.91  ? 60  ARG A CZ  1 
ATOM   252  N  NH1 . ARG A 1 62  ? 16.695  -6.685  -14.523 1.00 33.64  ? 60  ARG A NH1 1 
ATOM   253  N  NH2 . ARG A 1 62  ? 17.214  -8.546  -15.778 1.00 28.26  ? 60  ARG A NH2 1 
ATOM   254  N  N   . LEU A 1 63  ? 10.359  -10.720 -11.938 1.00 25.54  ? 61  LEU A N   1 
ATOM   255  C  CA  . LEU A 1 63  ? 9.298   -10.391 -10.987 1.00 27.12  ? 61  LEU A CA  1 
ATOM   256  C  C   . LEU A 1 63  ? 8.926   -11.564 -10.096 1.00 27.59  ? 61  LEU A C   1 
ATOM   257  O  O   . LEU A 1 63  ? 8.250   -11.380 -9.061  1.00 28.12  ? 61  LEU A O   1 
ATOM   258  C  CB  . LEU A 1 63  ? 8.056   -9.904  -11.721 1.00 25.57  ? 61  LEU A CB  1 
ATOM   259  C  CG  . LEU A 1 63  ? 8.142   -8.507  -12.374 1.00 29.01  ? 61  LEU A CG  1 
ATOM   260  C  CD1 . LEU A 1 63  ? 7.011   -8.328  -13.396 1.00 28.56  ? 61  LEU A CD1 1 
ATOM   261  C  CD2 . LEU A 1 63  ? 8.084   -7.407  -11.327 1.00 28.95  ? 61  LEU A CD2 1 
ATOM   262  N  N   . GLY A 1 64  ? 9.377   -12.735 -10.497 1.00 28.08  ? 62  GLY A N   1 
ATOM   263  C  CA  . GLY A 1 64  ? 9.097   -13.985 -9.804  1.00 29.76  ? 62  GLY A CA  1 
ATOM   264  C  C   . GLY A 1 64  ? 7.637   -14.385 -9.905  1.00 30.69  ? 62  GLY A C   1 
ATOM   265  O  O   . GLY A 1 64  ? 7.068   -14.925 -8.945  1.00 31.49  ? 62  GLY A O   1 
ATOM   266  N  N   . ILE A 1 65  ? 7.024   -14.093 -11.047 1.00 30.62  ? 63  ILE A N   1 
ATOM   267  C  CA  . ILE A 1 65  ? 5.620   -14.433 -11.284 1.00 30.82  ? 63  ILE A CA  1 
ATOM   268  C  C   . ILE A 1 65  ? 5.451   -15.228 -12.562 1.00 30.83  ? 63  ILE A C   1 
ATOM   269  O  O   . ILE A 1 65  ? 6.309   -15.177 -13.461 1.00 30.95  ? 63  ILE A O   1 
ATOM   270  C  CB  . ILE A 1 65  ? 4.699   -13.189 -11.347 1.00 31.14  ? 63  ILE A CB  1 
ATOM   271  C  CG1 . ILE A 1 65  ? 5.067   -12.246 -12.509 1.00 30.88  ? 63  ILE A CG1 1 
ATOM   272  C  CG2 . ILE A 1 65  ? 4.707   -12.442 -10.015 1.00 31.50  ? 63  ILE A CG2 1 
ATOM   273  C  CD1 . ILE A 1 65  ? 4.075   -11.038 -12.665 1.00 32.14  ? 63  ILE A CD1 1 
ATOM   274  N  N   A ASN A 1 66  ? 4.301   -15.895 -12.616 0.50 30.77  ? 64  ASN A N   1 
ATOM   275  N  N   B ASN A 1 66  ? 4.376   -16.005 -12.692 0.50 30.26  ? 64  ASN A N   1 
ATOM   276  C  CA  A ASN A 1 66  ? 3.784   -16.570 -13.779 0.50 30.94  ? 64  ASN A CA  1 
ATOM   277  C  CA  B ASN A 1 66  ? 4.261   -16.837 -13.893 0.50 30.10  ? 64  ASN A CA  1 
ATOM   278  C  C   A ASN A 1 66  ? 3.767   -15.728 -15.035 0.50 30.83  ? 64  ASN A C   1 
ATOM   279  C  C   B ASN A 1 66  ? 3.922   -16.049 -15.163 0.50 30.30  ? 64  ASN A C   1 
ATOM   280  O  O   A ASN A 1 66  ? 3.468   -14.543 -15.002 0.50 30.78  ? 64  ASN A O   1 
ATOM   281  O  O   B ASN A 1 66  ? 3.441   -14.919 -15.104 0.50 30.07  ? 64  ASN A O   1 
ATOM   282  C  CB  A ASN A 1 66  ? 2.339   -17.015 -13.499 0.50 31.11  ? 64  ASN A CB  1 
ATOM   283  C  CB  B ASN A 1 66  ? 3.343   -18.072 -13.704 0.50 29.40  ? 64  ASN A CB  1 
ATOM   284  C  CG  A ASN A 1 66  ? 2.263   -18.180 -12.552 0.50 30.80  ? 64  ASN A CG  1 
ATOM   285  C  CG  B ASN A 1 66  ? 1.897   -17.716 -13.328 0.50 28.64  ? 64  ASN A CG  1 
ATOM   286  O  OD1 A ASN A 1 66  ? 1.503   -18.161 -11.582 0.50 29.61  ? 64  ASN A OD1 1 
ATOM   287  O  OD1 B ASN A 1 66  ? 1.364   -16.668 -13.693 0.50 25.30  ? 64  ASN A OD1 1 
ATOM   288  N  ND2 A ASN A 1 66  ? 3.058   -19.209 -12.824 0.50 31.87  ? 64  ASN A ND2 1 
ATOM   289  N  ND2 B ASN A 1 66  ? 1.254   -18.624 -12.615 0.50 27.76  ? 64  ASN A ND2 1 
ATOM   290  N  N   A GLN A 1 67  ? 4.066   -16.368 -16.152 0.50 30.65  ? 65  GLN A N   1 
ATOM   291  N  N   B GLN A 1 67  ? 4.199   -16.654 -16.308 0.50 30.66  ? 65  GLN A N   1 
ATOM   292  C  CA  A GLN A 1 67  ? 3.800   -15.774 -17.450 0.50 30.57  ? 65  GLN A CA  1 
ATOM   293  C  CA  B GLN A 1 67  ? 3.794   -16.091 -17.594 0.50 30.98  ? 65  GLN A CA  1 
ATOM   294  C  C   A GLN A 1 67  ? 2.303   -15.380 -17.621 0.50 30.65  ? 65  GLN A C   1 
ATOM   295  C  C   B GLN A 1 67  ? 2.382   -15.456 -17.554 0.50 30.89  ? 65  GLN A C   1 
ATOM   296  O  O   A GLN A 1 67  ? 2.034   -14.312 -18.165 0.50 30.64  ? 65  GLN A O   1 
ATOM   297  O  O   B GLN A 1 67  ? 2.254   -14.274 -17.859 0.50 30.76  ? 65  GLN A O   1 
ATOM   298  C  CB  A GLN A 1 67  ? 4.323   -16.694 -18.563 0.50 30.49  ? 65  GLN A CB  1 
ATOM   299  C  CB  B GLN A 1 67  ? 3.949   -17.138 -18.713 0.50 31.47  ? 65  GLN A CB  1 
ATOM   300  C  CG  A GLN A 1 67  ? 4.025   -16.266 -19.991 0.50 30.15  ? 65  GLN A CG  1 
ATOM   301  C  CG  B GLN A 1 67  ? 3.209   -16.849 -20.016 0.50 32.34  ? 65  GLN A CG  1 
ATOM   302  C  CD  A GLN A 1 67  ? 4.740   -15.007 -20.428 0.50 28.68  ? 65  GLN A CD  1 
ATOM   303  C  CD  B GLN A 1 67  ? 1.865   -17.536 -20.092 0.50 33.52  ? 65  GLN A CD  1 
ATOM   304  O  OE1 A GLN A 1 67  ? 5.915   -14.773 -20.109 0.50 26.67  ? 65  GLN A OE1 1 
ATOM   305  O  OE1 B GLN A 1 67  ? 0.827   -16.901 -19.916 0.50 33.16  ? 65  GLN A OE1 1 
ATOM   306  N  NE2 A GLN A 1 67  ? 4.021   -14.177 -21.171 0.50 29.59  ? 65  GLN A NE2 1 
ATOM   307  N  NE2 B GLN A 1 67  ? 1.872   -18.848 -20.348 0.50 34.25  ? 65  GLN A NE2 1 
ATOM   308  N  N   . PRO A 1 68  ? 1.328   -16.229 -17.180 1.00 30.39  ? 66  PRO A N   1 
ATOM   309  C  CA  . PRO A 1 68  ? -0.047  -15.671 -17.099 1.00 30.25  ? 66  PRO A CA  1 
ATOM   310  C  C   . PRO A 1 68  ? -0.186  -14.404 -16.234 1.00 29.74  ? 66  PRO A C   1 
ATOM   311  O  O   . PRO A 1 68  ? -0.823  -13.439 -16.661 1.00 29.19  ? 66  PRO A O   1 
ATOM   312  C  CB  . PRO A 1 68  ? -0.898  -16.847 -16.564 1.00 29.67  ? 66  PRO A CB  1 
ATOM   313  C  CG  . PRO A 1 68  ? -0.148  -18.048 -16.973 1.00 30.35  ? 66  PRO A CG  1 
ATOM   314  C  CD  . PRO A 1 68  ? 1.310   -17.670 -16.823 1.00 30.48  ? 66  PRO A CD  1 
ATOM   315  N  N   . LYS A 1 69  ? 0.465   -14.369 -15.080 1.00 29.98  ? 67  LYS A N   1 
ATOM   316  C  CA  . LYS A 1 69  ? 0.397   -13.168 -14.259 1.00 30.20  ? 67  LYS A CA  1 
ATOM   317  C  C   . LYS A 1 69  ? 1.010   -11.915 -14.932 1.00 29.92  ? 67  LYS A C   1 
ATOM   318  O  O   . LYS A 1 69  ? 0.435   -10.828 -14.831 1.00 29.95  ? 67  LYS A O   1 
ATOM   319  C  CB  . LYS A 1 69  ? 0.978   -13.417 -12.868 1.00 30.47  ? 67  LYS A CB  1 
ATOM   320  C  CG  . LYS A 1 69  ? 0.432   -12.463 -11.842 1.00 32.75  ? 67  LYS A CG  1 
ATOM   321  C  CD  . LYS A 1 69  ? -0.013  -13.186 -10.573 1.00 33.29  ? 67  LYS A CD  1 
ATOM   322  C  CE  . LYS A 1 69  ? -0.694  -12.224 -9.621  1.00 34.68  ? 67  LYS A CE  1 
ATOM   323  N  NZ  . LYS A 1 69  ? -2.185  -12.491 -9.570  1.00 34.35  ? 67  LYS A NZ  1 
ATOM   324  N  N   . VAL A 1 70  ? 2.156   -12.057 -15.614 1.00 30.41  ? 68  VAL A N   1 
ATOM   325  C  CA  . VAL A 1 70  ? 2.761   -10.914 -16.346 1.00 30.36  ? 68  VAL A CA  1 
ATOM   326  C  C   . VAL A 1 70  ? 1.880   -10.361 -17.471 1.00 29.54  ? 68  VAL A C   1 
ATOM   327  O  O   . VAL A 1 70  ? 1.813   -9.146  -17.662 1.00 28.30  ? 68  VAL A O   1 
ATOM   328  C  CB  . VAL A 1 70  ? 4.145   -11.244 -16.944 1.00 31.35  ? 68  VAL A CB  1 
ATOM   329  C  CG1 . VAL A 1 70  ? 4.622   -10.122 -17.838 1.00 33.27  ? 68  VAL A CG1 1 
ATOM   330  C  CG2 . VAL A 1 70  ? 5.131   -11.450 -15.844 1.00 32.23  ? 68  VAL A CG2 1 
ATOM   331  N  N   . SER A 1 71  ? 1.221   -11.241 -18.233 1.00 28.60  ? 69  SER A N   1 
ATOM   332  C  CA  . SER A 1 71  ? 0.328   -10.754 -19.289 1.00 28.14  ? 69  SER A CA  1 
ATOM   333  C  C   . SER A 1 71  ? -0.765  -9.864  -18.714 1.00 27.25  ? 69  SER A C   1 
ATOM   334  O  O   . SER A 1 71  ? -1.071  -8.821  -19.276 1.00 27.08  ? 69  SER A O   1 
ATOM   335  C  CB  . SER A 1 71  ? -0.300  -11.889 -20.088 1.00 28.26  ? 69  SER A CB  1 
ATOM   336  O  OG  . SER A 1 71  ? 0.664   -12.480 -20.943 1.00 29.60  ? 69  SER A OG  1 
ATOM   337  N  N   . ALA A 1 72  ? -1.360  -10.295 -17.605 1.00 26.59  ? 70  ALA A N   1 
ATOM   338  C  CA  . ALA A 1 72  ? -2.390  -9.493  -16.953 1.00 26.98  ? 70  ALA A CA  1 
ATOM   339  C  C   . ALA A 1 72  ? -1.843  -8.096  -16.568 1.00 26.92  ? 70  ALA A C   1 
ATOM   340  O  O   . ALA A 1 72  ? -2.484  -7.077  -16.830 1.00 27.21  ? 70  ALA A O   1 
ATOM   341  C  CB  . ALA A 1 72  ? -2.886  -10.194 -15.723 1.00 28.22  ? 70  ALA A CB  1 
ATOM   342  N  N   . LEU A 1 73  ? -0.700  -8.082  -15.898 1.00 26.25  ? 71  LEU A N   1 
ATOM   343  C  CA  . LEU A 1 73  ? -0.044  -6.827  -15.510 1.00 26.85  ? 71  LEU A CA  1 
ATOM   344  C  C   . LEU A 1 73  ? 0.095   -5.919  -16.719 1.00 26.95  ? 71  LEU A C   1 
ATOM   345  O  O   . LEU A 1 73  ? -0.326  -4.766  -16.675 1.00 27.13  ? 71  LEU A O   1 
ATOM   346  C  CB  . LEU A 1 73  ? 1.330   -7.099  -14.906 1.00 27.16  ? 71  LEU A CB  1 
ATOM   347  C  CG  . LEU A 1 73  ? 2.106   -5.810  -14.539 1.00 25.52  ? 71  LEU A CG  1 
ATOM   348  C  CD1 . LEU A 1 73  ? 1.326   -5.014  -13.462 1.00 26.72  ? 71  LEU A CD1 1 
ATOM   349  C  CD2 . LEU A 1 73  ? 3.535   -6.162  -14.097 1.00 27.83  ? 71  LEU A CD2 1 
ATOM   350  N  N   . ARG A 1 74  ? 0.657   -6.451  -17.809 1.00 26.54  ? 72  ARG A N   1 
ATOM   351  C  CA  . ARG A 1 74  ? 0.929   -5.639  -19.008 1.00 26.52  ? 72  ARG A CA  1 
ATOM   352  C  C   . ARG A 1 74  ? -0.345  -5.096  -19.634 1.00 27.85  ? 72  ARG A C   1 
ATOM   353  O  O   . ARG A 1 74  ? -0.326  -4.054  -20.308 1.00 26.83  ? 72  ARG A O   1 
ATOM   354  C  CB  . ARG A 1 74  ? 1.725   -6.453  -20.061 1.00 27.24  ? 72  ARG A CB  1 
ATOM   355  C  CG  . ARG A 1 74  ? 3.108   -6.894  -19.581 1.00 28.55  ? 72  ARG A CG  1 
ATOM   356  C  CD  . ARG A 1 74  ? 3.979   -5.681  -19.185 1.00 27.56  ? 72  ARG A CD  1 
ATOM   357  N  NE  . ARG A 1 74  ? 4.705   -5.156  -20.339 1.00 27.08  ? 72  ARG A NE  1 
ATOM   358  C  CZ  . ARG A 1 74  ? 5.317   -3.973  -20.387 1.00 27.64  ? 72  ARG A CZ  1 
ATOM   359  N  NH1 . ARG A 1 74  ? 5.259   -3.119  -19.362 1.00 24.75  ? 72  ARG A NH1 1 
ATOM   360  N  NH2 . ARG A 1 74  ? 6.008   -3.652  -21.474 1.00 26.89  ? 72  ARG A NH2 1 
ATOM   361  N  N   . ASN A 1 75  ? -1.452  -5.823  -19.404 1.00 27.50  ? 73  ASN A N   1 
ATOM   362  C  CA  . ASN A 1 75  ? -2.764  -5.438  -19.875 1.00 28.18  ? 73  ASN A CA  1 
ATOM   363  C  C   . ASN A 1 75  ? -3.657  -4.745  -18.849 1.00 27.63  ? 73  ASN A C   1 
ATOM   364  O  O   . ASN A 1 75  ? -4.864  -4.575  -19.090 1.00 27.15  ? 73  ASN A O   1 
ATOM   365  C  CB  . ASN A 1 75  ? -3.465  -6.673  -20.380 1.00 28.37  ? 73  ASN A CB  1 
ATOM   366  C  CG  . ASN A 1 75  ? -2.985  -7.062  -21.748 1.00 32.33  ? 73  ASN A CG  1 
ATOM   367  O  OD1 . ASN A 1 75  ? -2.364  -8.113  -21.933 1.00 36.42  ? 73  ASN A OD1 1 
ATOM   368  N  ND2 . ASN A 1 75  ? -3.221  -6.184  -22.714 1.00 32.44  ? 73  ASN A ND2 1 
ATOM   369  N  N   . TYR A 1 76  ? -3.071  -4.361  -17.716 1.00 26.71  ? 74  TYR A N   1 
ATOM   370  C  CA  . TYR A 1 76  ? -3.796  -3.660  -16.653 1.00 26.73  ? 74  TYR A CA  1 
ATOM   371  C  C   . TYR A 1 76  ? -5.071  -4.449  -16.287 1.00 27.21  ? 74  TYR A C   1 
ATOM   372  O  O   . TYR A 1 76  ? -6.128  -3.862  -16.066 1.00 27.35  ? 74  TYR A O   1 
ATOM   373  C  CB  . TYR A 1 76  ? -4.099  -2.202  -17.049 1.00 26.65  ? 74  TYR A CB  1 
ATOM   374  C  CG  . TYR A 1 76  ? -2.867  -1.342  -17.164 1.00 27.56  ? 74  TYR A CG  1 
ATOM   375  C  CD1 . TYR A 1 76  ? -2.343  -0.691  -16.046 1.00 29.51  ? 74  TYR A CD1 1 
ATOM   376  C  CD2 . TYR A 1 76  ? -2.207  -1.192  -18.380 1.00 28.61  ? 74  TYR A CD2 1 
ATOM   377  C  CE1 . TYR A 1 76  ? -1.187  0.096   -16.129 1.00 26.92  ? 74  TYR A CE1 1 
ATOM   378  C  CE2 . TYR A 1 76  ? -1.044  -0.395  -18.472 1.00 27.48  ? 74  TYR A CE2 1 
ATOM   379  C  CZ  . TYR A 1 76  ? -0.552  0.233   -17.325 1.00 29.32  ? 74  TYR A CZ  1 
ATOM   380  O  OH  . TYR A 1 76  ? 0.575   1.011   -17.397 1.00 27.91  ? 74  TYR A OH  1 
ATOM   381  N  N   . LYS A 1 77  ? -4.941  -5.784  -16.270 1.00 27.47  ? 75  LYS A N   1 
ATOM   382  C  CA  . LYS A 1 77  ? -5.928  -6.686  -15.669 1.00 28.47  ? 75  LYS A CA  1 
ATOM   383  C  C   . LYS A 1 77  ? -5.487  -6.956  -14.227 1.00 27.58  ? 75  LYS A C   1 
ATOM   384  O  O   . LYS A 1 77  ? -4.649  -7.822  -13.950 1.00 26.95  ? 75  LYS A O   1 
ATOM   385  C  CB  . LYS A 1 77  ? -6.103  -7.975  -16.487 1.00 28.79  ? 75  LYS A CB  1 
ATOM   386  C  CG  . LYS A 1 77  ? -6.534  -7.740  -17.957 1.00 30.00  ? 75  LYS A CG  1 
ATOM   387  C  CD  . LYS A 1 77  ? -6.713  -9.054  -18.701 1.00 31.10  ? 75  LYS A CD  1 
ATOM   388  C  CE  . LYS A 1 77  ? -7.400  -8.863  -20.055 1.00 33.59  ? 75  LYS A CE  1 
ATOM   389  N  NZ  . LYS A 1 77  ? -7.557  -10.156 -20.781 1.00 35.68  ? 75  LYS A NZ  1 
ATOM   390  N  N   . LEU A 1 78  ? -6.061  -6.198  -13.304 1.00 26.36  ? 76  LEU A N   1 
ATOM   391  C  CA  . LEU A 1 78  ? -5.456  -6.065  -11.982 1.00 27.59  ? 76  LEU A CA  1 
ATOM   392  C  C   . LEU A 1 78  ? -6.233  -6.716  -10.850 1.00 27.53  ? 76  LEU A C   1 
ATOM   393  O  O   . LEU A 1 78  ? -5.863  -6.595  -9.679  1.00 27.47  ? 76  LEU A O   1 
ATOM   394  C  CB  . LEU A 1 78  ? -5.194  -4.592  -11.668 1.00 27.21  ? 76  LEU A CB  1 
ATOM   395  C  CG  . LEU A 1 78  ? -4.200  -3.854  -12.580 1.00 28.14  ? 76  LEU A CG  1 
ATOM   396  C  CD1 . LEU A 1 78  ? -4.003  -2.461  -11.962 1.00 30.73  ? 76  LEU A CD1 1 
ATOM   397  C  CD2 . LEU A 1 78  ? -2.812  -4.542  -12.718 1.00 27.84  ? 76  LEU A CD2 1 
ATOM   398  N  N   A GLU A 1 79  ? -7.264  -7.449  -11.243 0.50 27.78  ? 77  GLU A N   1 
ATOM   399  N  N   B GLU A 1 79  ? -7.325  -7.400  -11.173 0.50 27.74  ? 77  GLU A N   1 
ATOM   400  C  CA  A GLU A 1 79  ? -8.217  -8.047  -10.335 0.50 28.52  ? 77  GLU A CA  1 
ATOM   401  C  CA  B GLU A 1 79  ? -8.171  -7.954  -10.118 0.50 28.29  ? 77  GLU A CA  1 
ATOM   402  C  C   A GLU A 1 79  ? -7.540  -9.023  -9.359  0.50 28.44  ? 77  GLU A C   1 
ATOM   403  C  C   B GLU A 1 79  ? -7.384  -8.914  -9.235  0.50 28.24  ? 77  GLU A C   1 
ATOM   404  O  O   A GLU A 1 79  ? -7.962  -9.141  -8.213  0.50 28.90  ? 77  GLU A O   1 
ATOM   405  O  O   B GLU A 1 79  ? -7.559  -8.913  -8.022  0.50 28.81  ? 77  GLU A O   1 
ATOM   406  C  CB  A GLU A 1 79  ? -9.321  -8.735  -11.154 0.50 28.19  ? 77  GLU A CB  1 
ATOM   407  C  CB  B GLU A 1 79  ? -9.425  -8.626  -10.694 0.50 28.05  ? 77  GLU A CB  1 
ATOM   408  C  CG  A GLU A 1 79  ? -10.058 -7.806  -12.175 0.50 28.87  ? 77  GLU A CG  1 
ATOM   409  C  CG  B GLU A 1 79  ? -10.614 -7.684  -10.832 0.50 28.63  ? 77  GLU A CG  1 
ATOM   410  C  CD  A GLU A 1 79  ? -9.394  -7.700  -13.576 0.50 28.64  ? 77  GLU A CD  1 
ATOM   411  C  CD  B GLU A 1 79  ? -11.271 -7.351  -9.499  0.50 29.40  ? 77  GLU A CD  1 
ATOM   412  O  OE1 A GLU A 1 79  ? -8.403  -8.408  -13.859 0.50 23.02  ? 77  GLU A OE1 1 
ATOM   413  O  OE1 B GLU A 1 79  ? -12.005 -8.205  -8.969  0.50 31.13  ? 77  GLU A OE1 1 
ATOM   414  O  OE2 A GLU A 1 79  ? -9.896  -6.903  -14.412 0.50 30.80  ? 77  GLU A OE2 1 
ATOM   415  O  OE2 B GLU A 1 79  ? -11.073 -6.231  -8.983  0.50 29.55  ? 77  GLU A OE2 1 
ATOM   416  N  N   . GLY A 1 80  ? -6.499  -9.704  -9.833  1.00 28.42  ? 78  GLY A N   1 
ATOM   417  C  CA  . GLY A 1 80  ? -5.685  -10.648 -9.035  1.00 29.74  ? 78  GLY A CA  1 
ATOM   418  C  C   . GLY A 1 80  ? -4.363  -10.136 -8.472  1.00 30.59  ? 78  GLY A C   1 
ATOM   419  O  O   . GLY A 1 80  ? -3.505  -10.951 -8.061  1.00 31.05  ? 78  GLY A O   1 
ATOM   420  N  N   . PHE A 1 81  ? -4.177  -8.806  -8.481  1.00 29.33  ? 79  PHE A N   1 
ATOM   421  C  CA  . PHE A 1 81  ? -3.024  -8.154  -7.862  1.00 28.68  ? 79  PHE A CA  1 
ATOM   422  C  C   . PHE A 1 81  ? -3.493  -7.299  -6.696  1.00 29.35  ? 79  PHE A C   1 
ATOM   423  O  O   . PHE A 1 81  ? -4.361  -6.446  -6.864  1.00 29.83  ? 79  PHE A O   1 
ATOM   424  C  CB  . PHE A 1 81  ? -2.309  -7.215  -8.827  1.00 28.46  ? 79  PHE A CB  1 
ATOM   425  C  CG  . PHE A 1 81  ? -1.663  -7.892  -9.998  1.00 27.65  ? 79  PHE A CG  1 
ATOM   426  C  CD1 . PHE A 1 81  ? -0.325  -8.273  -9.942  1.00 30.82  ? 79  PHE A CD1 1 
ATOM   427  C  CD2 . PHE A 1 81  ? -2.371  -8.093  -11.169 1.00 31.35  ? 79  PHE A CD2 1 
ATOM   428  C  CE1 . PHE A 1 81  ? 0.304   -8.888  -11.055 1.00 30.84  ? 79  PHE A CE1 1 
ATOM   429  C  CE2 . PHE A 1 81  ? -1.765  -8.691  -12.284 1.00 30.87  ? 79  PHE A CE2 1 
ATOM   430  C  CZ  . PHE A 1 81  ? -0.426  -9.093  -12.221 1.00 27.73  ? 79  PHE A CZ  1 
ATOM   431  N  N   . SER A 1 82  ? -2.926  -7.504  -5.517  1.00 29.29  ? 80  SER A N   1 
ATOM   432  C  CA  . SER A 1 82  ? -3.278  -6.629  -4.403  1.00 28.20  ? 80  SER A CA  1 
ATOM   433  C  C   . SER A 1 82  ? -2.341  -5.448  -4.472  1.00 27.69  ? 80  SER A C   1 
ATOM   434  O  O   . SER A 1 82  ? -1.320  -5.484  -5.177  1.00 26.59  ? 80  SER A O   1 
ATOM   435  C  CB  . SER A 1 82  ? -3.120  -7.335  -3.067  1.00 29.13  ? 80  SER A CB  1 
ATOM   436  O  OG  . SER A 1 82  ? -1.795  -7.779  -2.880  1.00 27.36  ? 80  SER A OG  1 
ATOM   437  N  N   . VAL A 1 83  ? -2.714  -4.397  -3.771  1.00 26.86  ? 81  VAL A N   1 
ATOM   438  C  CA  . VAL A 1 83  ? -1.836  -3.229  -3.623  1.00 27.59  ? 81  VAL A CA  1 
ATOM   439  C  C   . VAL A 1 83  ? -0.487  -3.677  -3.042  1.00 27.24  ? 81  VAL A C   1 
ATOM   440  O  O   . VAL A 1 83  ? 0.554   -3.319  -3.593  1.00 26.01  ? 81  VAL A O   1 
ATOM   441  C  CB  . VAL A 1 83  ? -2.518  -2.156  -2.727  1.00 26.96  ? 81  VAL A CB  1 
ATOM   442  C  CG1 . VAL A 1 83  ? -1.518  -1.031  -2.437  1.00 28.50  ? 81  VAL A CG1 1 
ATOM   443  C  CG2 . VAL A 1 83  ? -3.722  -1.590  -3.437  1.00 27.67  ? 81  VAL A CG2 1 
ATOM   444  N  N   . GLU A 1 84  ? -0.518  -4.504  -1.985  1.00 28.40  ? 82  GLU A N   1 
ATOM   445  C  CA  . GLU A 1 84  ? 0.722   -5.097  -1.414  1.00 28.83  ? 82  GLU A CA  1 
ATOM   446  C  C   . GLU A 1 84  ? 1.562   -5.820  -2.483  1.00 28.82  ? 82  GLU A C   1 
ATOM   447  O  O   . GLU A 1 84  ? 2.776   -5.529  -2.601  1.00 27.55  ? 82  GLU A O   1 
ATOM   448  C  CB  . GLU A 1 84  ? 0.449   -6.024  -0.220  1.00 30.57  ? 82  GLU A CB  1 
ATOM   449  C  CG  . GLU A 1 84  ? 1.667   -6.916  0.192   1.00 30.50  ? 82  GLU A CG  1 
ATOM   450  C  CD  . GLU A 1 84  ? 2.754   -6.171  0.969   1.00 36.74  ? 82  GLU A CD  1 
ATOM   451  O  OE1 . GLU A 1 84  ? 2.508   -5.017  1.407   1.00 33.40  ? 82  GLU A OE1 1 
ATOM   452  O  OE2 . GLU A 1 84  ? 3.857   -6.769  1.167   1.00 37.45  ? 82  GLU A OE2 1 
ATOM   453  N  N   . ARG A 1 85  ? 0.916   -6.706  -3.264  1.00 28.18  ? 83  ARG A N   1 
ATOM   454  C  CA  . ARG A 1 85  ? 1.629   -7.434  -4.343  1.00 28.12  ? 83  ARG A CA  1 
ATOM   455  C  C   . ARG A 1 85  ? 2.298   -6.504  -5.350  1.00 27.37  ? 83  ARG A C   1 
ATOM   456  O  O   . ARG A 1 85  ? 3.447   -6.760  -5.749  1.00 28.07  ? 83  ARG A O   1 
ATOM   457  C  CB  . ARG A 1 85  ? 0.767   -8.456  -5.078  1.00 29.40  ? 83  ARG A CB  1 
ATOM   458  C  CG  . ARG A 1 85  ? 1.603   -9.323  -6.098  1.00 29.24  ? 83  ARG A CG  1 
ATOM   459  C  CD  . ARG A 1 85  ? 2.891   -9.903  -5.409  1.00 36.20  ? 83  ARG A CD  1 
ATOM   460  N  NE  . ARG A 1 85  ? 3.655   -10.906 -6.173  1.00 38.60  ? 83  ARG A NE  1 
ATOM   461  C  CZ  . ARG A 1 85  ? 4.979   -11.067 -6.082  1.00 42.57  ? 83  ARG A CZ  1 
ATOM   462  N  NH1 . ARG A 1 85  ? 5.592   -12.006 -6.804  1.00 45.63  ? 83  ARG A NH1 1 
ATOM   463  N  NH2 . ARG A 1 85  ? 5.711   -10.268 -5.302  1.00 38.85  ? 83  ARG A NH2 1 
ATOM   464  N  N   . LEU A 1 86  ? 1.564   -5.492  -5.816  1.00 25.81  ? 84  LEU A N   1 
ATOM   465  C  CA  . LEU A 1 86  ? 2.117   -4.479  -6.731  1.00 26.80  ? 84  LEU A CA  1 
ATOM   466  C  C   . LEU A 1 86  ? 3.346   -3.830  -6.115  1.00 26.63  ? 84  LEU A C   1 
ATOM   467  O  O   . LEU A 1 86  ? 4.325   -3.596  -6.802  1.00 24.79  ? 84  LEU A O   1 
ATOM   468  C  CB  . LEU A 1 86  ? 1.052   -3.444  -7.128  1.00 26.94  ? 84  LEU A CB  1 
ATOM   469  C  CG  . LEU A 1 86  ? -0.028  -4.090  -8.020  1.00 23.07  ? 84  LEU A CG  1 
ATOM   470  C  CD1 . LEU A 1 86  ? -1.250  -3.155  -8.167  1.00 28.16  ? 84  LEU A CD1 1 
ATOM   471  C  CD2 . LEU A 1 86  ? 0.512   -4.533  -9.387  1.00 26.19  ? 84  LEU A CD2 1 
HETATM 472  N  N   . MSE A 1 87  ? 3.281   -3.520  -4.818  1.00 26.04  ? 85  MSE A N   1 
HETATM 473  C  CA  . MSE A 1 87  ? 4.461   -2.897  -4.183  1.00 27.88  ? 85  MSE A CA  1 
HETATM 474  C  C   . MSE A 1 87  ? 5.626   -3.868  -4.129  1.00 26.51  ? 85  MSE A C   1 
HETATM 475  O  O   . MSE A 1 87  ? 6.769   -3.483  -4.327  1.00 25.75  ? 85  MSE A O   1 
HETATM 476  C  CB  . MSE A 1 87  ? 4.103   -2.375  -2.766  1.00 27.56  ? 85  MSE A CB  1 
HETATM 477  C  CG  . MSE A 1 87  ? 3.136   -1.187  -2.892  1.00 27.00  ? 85  MSE A CG  1 
HETATM 478  SE SE  . MSE A 1 87  ? 2.781   -0.404  -1.132  0.88 37.70  ? 85  MSE A SE  1 
HETATM 479  C  CE  . MSE A 1 87  ? 2.006   -1.876  -0.311  1.00 28.14  ? 85  MSE A CE  1 
ATOM   480  N  N   . THR A 1 88  ? 5.357   -5.128  -3.874  1.00 26.57  ? 86  THR A N   1 
ATOM   481  C  CA  . THR A 1 88  ? 6.463   -6.059  -3.759  1.00 26.79  ? 86  THR A CA  1 
ATOM   482  C  C   . THR A 1 88  ? 7.030   -6.366  -5.142  1.00 25.78  ? 86  THR A C   1 
ATOM   483  O  O   . THR A 1 88  ? 8.240   -6.623  -5.264  1.00 25.14  ? 86  THR A O   1 
ATOM   484  C  CB  . THR A 1 88  ? 6.137   -7.354  -2.995  1.00 27.85  ? 86  THR A CB  1 
ATOM   485  O  OG1 . THR A 1 88  ? 5.097   -8.049  -3.671  1.00 27.54  ? 86  THR A OG1 1 
ATOM   486  C  CG2 . THR A 1 88  ? 5.734   -7.056  -1.516  1.00 27.63  ? 86  THR A CG2 1 
ATOM   487  N  N   . LEU A 1 89  ? 6.192   -6.283  -6.173  1.00 25.04  ? 87  LEU A N   1 
ATOM   488  C  CA  . LEU A 1 89  ? 6.690   -6.435  -7.570  1.00 24.69  ? 87  LEU A CA  1 
ATOM   489  C  C   . LEU A 1 89  ? 7.604   -5.228  -7.935  1.00 24.58  ? 87  LEU A C   1 
ATOM   490  O  O   . LEU A 1 89  ? 8.624   -5.395  -8.569  1.00 25.90  ? 87  LEU A O   1 
ATOM   491  C  CB  . LEU A 1 89  ? 5.532   -6.560  -8.552  1.00 23.67  ? 87  LEU A CB  1 
ATOM   492  C  CG  . LEU A 1 89  ? 4.736   -7.888  -8.391  1.00 25.23  ? 87  LEU A CG  1 
ATOM   493  C  CD1 . LEU A 1 89  ? 3.578   -7.823  -9.297  1.00 25.18  ? 87  LEU A CD1 1 
ATOM   494  C  CD2 . LEU A 1 89  ? 5.626   -9.106  -8.704  1.00 27.89  ? 87  LEU A CD2 1 
ATOM   495  N  N   . LEU A 1 90  ? 7.252   -4.040  -7.464  1.00 25.01  ? 88  LEU A N   1 
ATOM   496  C  CA  . LEU A 1 90  ? 8.149   -2.858  -7.618  1.00 24.01  ? 88  LEU A CA  1 
ATOM   497  C  C   . LEU A 1 90  ? 9.509   -3.142  -6.987  1.00 24.53  ? 88  LEU A C   1 
ATOM   498  O  O   . LEU A 1 90  ? 10.559  -2.899  -7.612  1.00 25.23  ? 88  LEU A O   1 
ATOM   499  C  CB  . LEU A 1 90  ? 7.478   -1.571  -7.075  1.00 24.62  ? 88  LEU A CB  1 
ATOM   500  C  CG  . LEU A 1 90  ? 6.465   -0.968  -8.056  1.00 25.63  ? 88  LEU A CG  1 
ATOM   501  C  CD1 . LEU A 1 90  ? 5.447   0.015   -7.329  1.00 26.95  ? 88  LEU A CD1 1 
ATOM   502  C  CD2 . LEU A 1 90  ? 7.211   -0.263  -9.180  1.00 26.48  ? 88  LEU A CD2 1 
ATOM   503  N  N   . ASN A 1 91  ? 9.495   -3.718  -5.802  1.00 24.35  ? 89  ASN A N   1 
ATOM   504  C  CA  . ASN A 1 91  ? 10.731  -4.068  -5.093  1.00 27.62  ? 89  ASN A CA  1 
ATOM   505  C  C   . ASN A 1 91  ? 11.570  -5.063  -5.904  1.00 25.81  ? 89  ASN A C   1 
ATOM   506  O  O   . ASN A 1 91  ? 12.778  -4.937  -5.978  1.00 26.83  ? 89  ASN A O   1 
ATOM   507  C  CB  . ASN A 1 91  ? 10.438  -4.650  -3.730  1.00 24.64  ? 89  ASN A CB  1 
ATOM   508  C  CG  . ASN A 1 91  ? 9.921   -3.621  -2.697  1.00 29.38  ? 89  ASN A CG  1 
ATOM   509  O  OD1 . ASN A 1 91  ? 9.916   -2.355  -2.855  1.00 30.03  ? 89  ASN A OD1 1 
ATOM   510  N  ND2 . ASN A 1 91  ? 9.484   -4.176  -1.619  1.00 26.45  ? 89  ASN A ND2 1 
ATOM   511  N  N   . ALA A 1 92  ? 10.890  -5.965  -6.599  1.00 26.84  ? 90  ALA A N   1 
ATOM   512  C  CA  . ALA A 1 92  ? 11.534  -7.005  -7.408  1.00 27.04  ? 90  ALA A CA  1 
ATOM   513  C  C   . ALA A 1 92  ? 12.312  -6.368  -8.547  1.00 26.90  ? 90  ALA A C   1 
ATOM   514  O  O   . ALA A 1 92  ? 13.318  -6.909  -9.003  1.00 26.48  ? 90  ALA A O   1 
ATOM   515  C  CB  . ALA A 1 92  ? 10.473  -7.997  -7.958  1.00 27.02  ? 90  ALA A CB  1 
ATOM   516  N  N   . LEU A 1 93  ? 11.826  -5.224  -9.011  1.00 26.24  ? 91  LEU A N   1 
ATOM   517  C  CA  . LEU A 1 93  ? 12.530  -4.426  -9.996  1.00 26.90  ? 91  LEU A CA  1 
ATOM   518  C  C   . LEU A 1 93  ? 13.381  -3.287  -9.415  1.00 26.70  ? 91  LEU A C   1 
ATOM   519  O  O   . LEU A 1 93  ? 13.702  -2.304  -10.116 1.00 26.85  ? 91  LEU A O   1 
ATOM   520  C  CB  . LEU A 1 93  ? 11.553  -3.896  -11.030 1.00 26.86  ? 91  LEU A CB  1 
ATOM   521  C  CG  . LEU A 1 93  ? 10.664  -4.964  -11.681 1.00 27.04  ? 91  LEU A CG  1 
ATOM   522  C  CD1 . LEU A 1 93  ? 9.702   -4.300  -12.656 1.00 30.25  ? 91  LEU A CD1 1 
ATOM   523  C  CD2 . LEU A 1 93  ? 11.494  -6.019  -12.370 1.00 28.73  ? 91  LEU A CD2 1 
ATOM   524  N  N   . ASP A 1 94  ? 13.799  -3.470  -8.171  1.00 27.36  ? 92  ASP A N   1 
ATOM   525  C  CA  . ASP A 1 94  ? 14.755  -2.590  -7.514  1.00 27.74  ? 92  ASP A CA  1 
ATOM   526  C  C   . ASP A 1 94  ? 14.234  -1.181  -7.241  1.00 27.71  ? 92  ASP A C   1 
ATOM   527  O  O   . ASP A 1 94  ? 14.986  -0.245  -7.181  1.00 26.97  ? 92  ASP A O   1 
ATOM   528  C  CB  . ASP A 1 94  ? 16.084  -2.579  -8.262  1.00 29.23  ? 92  ASP A CB  1 
ATOM   529  C  CG  . ASP A 1 94  ? 16.896  -3.846  -8.018  1.00 31.52  ? 92  ASP A CG  1 
ATOM   530  O  OD1 . ASP A 1 94  ? 16.560  -4.679  -7.130  1.00 31.41  ? 92  ASP A OD1 1 
ATOM   531  O  OD2 . ASP A 1 94  ? 17.884  -4.004  -8.725  1.00 36.61  ? 92  ASP A OD2 1 
ATOM   532  N  N   . GLN A 1 95  ? 12.932  -1.069  -7.032  1.00 26.95  ? 93  GLN A N   1 
ATOM   533  C  CA  . GLN A 1 95  ? 12.310  0.202   -6.672  1.00 27.30  ? 93  GLN A CA  1 
ATOM   534  C  C   . GLN A 1 95  ? 11.848  0.064   -5.239  1.00 26.95  ? 93  GLN A C   1 
ATOM   535  O  O   . GLN A 1 95  ? 10.994  -0.777  -4.951  1.00 28.90  ? 93  GLN A O   1 
ATOM   536  C  CB  . GLN A 1 95  ? 11.066  0.468   -7.544  1.00 27.81  ? 93  GLN A CB  1 
ATOM   537  C  CG  . GLN A 1 95  ? 11.277  0.320   -9.052  1.00 28.45  ? 93  GLN A CG  1 
ATOM   538  C  CD  . GLN A 1 95  ? 12.380  1.190   -9.561  1.00 32.50  ? 93  GLN A CD  1 
ATOM   539  O  OE1 . GLN A 1 95  ? 12.311  2.396   -9.451  1.00 36.44  ? 93  GLN A OE1 1 
ATOM   540  N  NE2 . GLN A 1 95  ? 13.422  0.580   -10.124 1.00 33.78  ? 93  GLN A NE2 1 
ATOM   541  N  N   . ASP A 1 96  ? 12.423  0.882   -4.367  1.00 28.09  ? 94  ASP A N   1 
ATOM   542  C  CA  . ASP A 1 96  ? 11.909  1.146   -3.003  1.00 27.67  ? 94  ASP A CA  1 
ATOM   543  C  C   . ASP A 1 96  ? 10.492  1.769   -3.056  1.00 28.02  ? 94  ASP A C   1 
ATOM   544  O  O   . ASP A 1 96  ? 10.116  2.466   -4.008  1.00 27.20  ? 94  ASP A O   1 
ATOM   545  C  CB  . ASP A 1 96  ? 12.858  2.081   -2.208  1.00 27.61  ? 94  ASP A CB  1 
ATOM   546  C  CG  . ASP A 1 96  ? 14.108  1.383   -1.657  1.00 29.19  ? 94  ASP A CG  1 
ATOM   547  O  OD1 . ASP A 1 96  ? 14.110  0.158   -1.415  1.00 27.24  ? 94  ASP A OD1 1 
ATOM   548  O  OD2 . ASP A 1 96  ? 15.115  2.091   -1.428  1.00 29.87  ? 94  ASP A OD2 1 
ATOM   549  N  N   . VAL A 1 97  ? 9.702   1.471   -2.039  1.00 27.99  ? 95  VAL A N   1 
ATOM   550  C  CA  . VAL A 1 97  ? 8.364   2.006   -1.915  1.00 28.28  ? 95  VAL A CA  1 
ATOM   551  C  C   . VAL A 1 97  ? 8.296   2.496   -0.479  1.00 27.83  ? 95  VAL A C   1 
ATOM   552  O  O   . VAL A 1 97  ? 8.479   1.697   0.470   1.00 28.10  ? 95  VAL A O   1 
ATOM   553  C  CB  . VAL A 1 97  ? 7.308   0.897   -2.140  1.00 28.89  ? 95  VAL A CB  1 
ATOM   554  C  CG1 . VAL A 1 97  ? 5.967   1.403   -1.743  1.00 30.64  ? 95  VAL A CG1 1 
ATOM   555  C  CG2 . VAL A 1 97  ? 7.304   0.389   -3.631  1.00 29.82  ? 95  VAL A CG2 1 
ATOM   556  N  N   . GLU A 1 98  ? 8.088   3.800   -0.319  1.00 27.15  ? 96  GLU A N   1 
ATOM   557  C  CA  . GLU A 1 98  ? 8.013   4.399   1.004   1.00 27.39  ? 96  GLU A CA  1 
ATOM   558  C  C   . GLU A 1 98  ? 6.620   4.938   1.143   1.00 26.76  ? 96  GLU A C   1 
ATOM   559  O  O   . GLU A 1 98  ? 6.197   5.798   0.369   1.00 26.60  ? 96  GLU A O   1 
ATOM   560  C  CB  . GLU A 1 98  ? 9.000   5.545   1.170   1.00 28.19  ? 96  GLU A CB  1 
ATOM   561  C  CG  . GLU A 1 98  ? 8.914   6.180   2.563   1.00 28.06  ? 96  GLU A CG  1 
ATOM   562  C  CD  . GLU A 1 98  ? 9.742   7.438   2.705   1.00 34.10  ? 96  GLU A CD  1 
ATOM   563  O  OE1 . GLU A 1 98  ? 9.924   8.159   1.715   1.00 37.34  ? 96  GLU A OE1 1 
ATOM   564  O  OE2 . GLU A 1 98  ? 10.185  7.725   3.830   1.00 37.65  ? 96  GLU A OE2 1 
ATOM   565  N  N   . ILE A 1 99  ? 5.928   4.464   2.171   1.00 26.88  ? 97  ILE A N   1 
ATOM   566  C  CA  . ILE A 1 99  ? 4.557   4.891   2.395   1.00 26.51  ? 97  ILE A CA  1 
ATOM   567  C  C   . ILE A 1 99  ? 4.577   5.952   3.466   1.00 26.25  ? 97  ILE A C   1 
ATOM   568  O  O   . ILE A 1 99  ? 4.818   5.623   4.602   1.00 26.51  ? 97  ILE A O   1 
ATOM   569  C  CB  . ILE A 1 99  ? 3.650   3.699   2.835   1.00 26.33  ? 97  ILE A CB  1 
ATOM   570  C  CG1 . ILE A 1 99  ? 3.728   2.531   1.825   1.00 24.72  ? 97  ILE A CG1 1 
ATOM   571  C  CG2 . ILE A 1 99  ? 2.202   4.190   3.093   1.00 24.93  ? 97  ILE A CG2 1 
ATOM   572  C  CD1 . ILE A 1 99  ? 3.101   1.173   2.421   1.00 27.54  ? 97  ILE A CD1 1 
ATOM   573  N  N   . VAL A 1 100 ? 4.372   7.223   3.104   1.00 25.89  ? 98  VAL A N   1 
ATOM   574  C  CA  . VAL A 1 100 ? 4.372   8.290   4.089   1.00 26.32  ? 98  VAL A CA  1 
ATOM   575  C  C   . VAL A 1 100 ? 2.970   8.745   4.484   1.00 26.55  ? 98  VAL A C   1 
ATOM   576  O  O   . VAL A 1 100 ? 2.127   9.084   3.628   1.00 26.77  ? 98  VAL A O   1 
ATOM   577  C  CB  . VAL A 1 100 ? 5.158   9.532   3.589   1.00 25.21  ? 98  VAL A CB  1 
ATOM   578  C  CG1 . VAL A 1 100 ? 5.368   10.501  4.718   1.00 26.76  ? 98  VAL A CG1 1 
ATOM   579  C  CG2 . VAL A 1 100 ? 6.504   9.095   2.958   1.00 27.83  ? 98  VAL A CG2 1 
ATOM   580  N  N   . ILE A 1 101 ? 2.739   8.765   5.786   1.00 26.81  ? 99  ILE A N   1 
ATOM   581  C  CA  . ILE A 1 101 ? 1.431   9.093   6.336   1.00 27.77  ? 99  ILE A CA  1 
ATOM   582  C  C   . ILE A 1 101 ? 1.499   10.452  7.039   1.00 28.58  ? 99  ILE A C   1 
ATOM   583  O  O   . ILE A 1 101 ? 2.348   10.664  7.911   1.00 27.77  ? 99  ILE A O   1 
ATOM   584  C  CB  . ILE A 1 101 ? 0.958   7.975   7.267   1.00 27.31  ? 99  ILE A CB  1 
ATOM   585  C  CG1 . ILE A 1 101 ? 0.937   6.631   6.485   1.00 28.49  ? 99  ILE A CG1 1 
ATOM   586  C  CG2 . ILE A 1 101 ? -0.405  8.293   7.862   1.00 28.59  ? 99  ILE A CG2 1 
ATOM   587  C  CD1 . ILE A 1 101 ? 1.194   5.455   7.366   1.00 32.74  ? 99  ILE A CD1 1 
ATOM   588  N  N   A ARG A 1 102 ? 0.602   11.356  6.638   0.50 29.18  ? 100 ARG A N   1 
ATOM   589  N  N   B ARG A 1 102 ? 0.599   11.360  6.671   0.50 29.17  ? 100 ARG A N   1 
ATOM   590  C  CA  A ARG A 1 102 ? 0.612   12.770  7.044   0.50 30.62  ? 100 ARG A CA  1 
ATOM   591  C  CA  B ARG A 1 102 ? 0.658   12.739  7.158   0.50 30.53  ? 100 ARG A CA  1 
ATOM   592  C  C   A ARG A 1 102 ? -0.811  13.199  7.331   0.50 30.89  ? 100 ARG A C   1 
ATOM   593  C  C   B ARG A 1 102 ? -0.754  13.269  7.288   0.50 30.85  ? 100 ARG A C   1 
ATOM   594  O  O   A ARG A 1 102 ? -1.721  12.814  6.603   0.50 30.79  ? 100 ARG A O   1 
ATOM   595  O  O   B ARG A 1 102 ? -1.596  13.000  6.429   0.50 30.50  ? 100 ARG A O   1 
ATOM   596  C  CB  A ARG A 1 102 ? 1.097   13.657  5.887   0.50 30.62  ? 100 ARG A CB  1 
ATOM   597  C  CB  B ARG A 1 102 ? 1.436   13.637  6.178   0.50 30.73  ? 100 ARG A CB  1 
ATOM   598  C  CG  A ARG A 1 102 ? 2.600   13.879  5.779   0.50 32.13  ? 100 ARG A CG  1 
ATOM   599  C  CG  B ARG A 1 102 ? 2.725   13.023  5.588   0.50 31.25  ? 100 ARG A CG  1 
ATOM   600  C  CD  A ARG A 1 102 ? 2.963   14.769  4.576   0.50 31.91  ? 100 ARG A CD  1 
ATOM   601  C  CD  B ARG A 1 102 ? 3.362   13.910  4.492   0.50 32.25  ? 100 ARG A CD  1 
ATOM   602  N  NE  A ARG A 1 102 ? 2.753   14.091  3.294   0.50 35.07  ? 100 ARG A NE  1 
ATOM   603  N  NE  B ARG A 1 102 ? 4.358   14.868  4.976   0.50 35.40  ? 100 ARG A NE  1 
ATOM   604  C  CZ  A ARG A 1 102 ? 3.460   14.300  2.189   0.50 35.04  ? 100 ARG A CZ  1 
ATOM   605  C  CZ  B ARG A 1 102 ? 5.621   14.926  4.557   0.50 36.47  ? 100 ARG A CZ  1 
ATOM   606  N  NH1 A ARG A 1 102 ? 3.165   13.614  1.095   0.50 35.86  ? 100 ARG A NH1 1 
ATOM   607  N  NH1 B ARG A 1 102 ? 6.444   15.848  5.051   0.50 37.11  ? 100 ARG A NH1 1 
ATOM   608  N  NH2 A ARG A 1 102 ? 4.452   15.183  2.168   0.50 35.92  ? 100 ARG A NH2 1 
ATOM   609  N  NH2 B ARG A 1 102 ? 6.064   14.081  3.636   0.50 36.43  ? 100 ARG A NH2 1 
ATOM   610  N  N   . LYS A 1 103 ? -0.996  14.041  8.348   1.00 31.19  ? 101 LYS A N   1 
ATOM   611  C  CA  . LYS A 1 103 ? -2.288  14.664  8.574   1.00 32.49  ? 101 LYS A CA  1 
ATOM   612  C  C   . LYS A 1 103 ? -2.611  15.502  7.333   1.00 33.00  ? 101 LYS A C   1 
ATOM   613  O  O   . LYS A 1 103 ? -1.725  16.150  6.789   1.00 32.73  ? 101 LYS A O   1 
ATOM   614  C  CB  . LYS A 1 103 ? -2.250  15.551  9.817   1.00 33.03  ? 101 LYS A CB  1 
ATOM   615  C  CG  . LYS A 1 103 ? -3.586  16.134  10.143  1.00 34.10  ? 101 LYS A CG  1 
ATOM   616  C  CD  . LYS A 1 103 ? -3.495  17.261  11.116  1.00 36.45  ? 101 LYS A CD  1 
ATOM   617  C  CE  . LYS A 1 103 ? -4.862  17.932  11.227  1.00 38.15  ? 101 LYS A CE  1 
ATOM   618  N  NZ  . LYS A 1 103 ? -5.579  17.916  9.893   1.00 35.78  ? 101 LYS A NZ  1 
ATOM   619  N  N   . LYS A 1 104 ? -3.860  15.447  6.868   1.00 33.96  ? 102 LYS A N   1 
ATOM   620  C  CA  . LYS A 1 104 ? -4.314  16.338  5.798   1.00 34.82  ? 102 LYS A CA  1 
ATOM   621  C  C   . LYS A 1 104 ? -4.180  17.791  6.249   1.00 35.36  ? 102 LYS A C   1 
ATOM   622  O  O   . LYS A 1 104 ? -4.260  18.091  7.454   1.00 35.69  ? 102 LYS A O   1 
ATOM   623  C  CB  . LYS A 1 104 ? -5.759  16.041  5.364   1.00 34.43  ? 102 LYS A CB  1 
ATOM   624  C  CG  . LYS A 1 104 ? -6.838  16.495  6.364   1.00 34.76  ? 102 LYS A CG  1 
ATOM   625  C  CD  . LYS A 1 104 ? -8.256  16.281  5.826   1.00 34.26  ? 102 LYS A CD  1 
ATOM   626  C  CE  . LYS A 1 104 ? -9.315  16.822  6.784   1.00 31.80  ? 102 LYS A CE  1 
ATOM   627  N  NZ  . LYS A 1 104 ? -9.223  18.300  7.015   1.00 30.13  ? 102 LYS A NZ  1 
ATOM   628  N  N   . PRO A 1 105 ? -3.937  18.708  5.296   1.00 36.53  ? 103 PRO A N   1 
ATOM   629  C  CA  . PRO A 1 105 ? -4.053  20.117  5.652   1.00 36.84  ? 103 PRO A CA  1 
ATOM   630  C  C   . PRO A 1 105 ? -5.394  20.433  6.315   1.00 38.01  ? 103 PRO A C   1 
ATOM   631  O  O   . PRO A 1 105 ? -6.427  19.850  5.955   1.00 37.80  ? 103 PRO A O   1 
ATOM   632  C  CB  . PRO A 1 105 ? -3.967  20.831  4.302   1.00 37.28  ? 103 PRO A CB  1 
ATOM   633  C  CG  . PRO A 1 105 ? -3.174  19.925  3.454   1.00 35.74  ? 103 PRO A CG  1 
ATOM   634  C  CD  . PRO A 1 105 ? -3.511  18.519  3.896   1.00 36.45  ? 103 PRO A CD  1 
ATOM   635  N  N   . ARG A 1 106 ? -5.350  21.332  7.296   1.00 38.08  ? 104 ARG A N   1 
ATOM   636  C  CA  . ARG A 1 106 ? -6.535  21.895  7.910   1.00 39.67  ? 104 ARG A CA  1 
ATOM   637  C  C   . ARG A 1 106 ? -7.402  22.489  6.803   1.00 40.02  ? 104 ARG A C   1 
ATOM   638  O  O   . ARG A 1 106 ? -8.633  22.466  6.891   1.00 39.98  ? 104 ARG A O   1 
ATOM   639  C  CB  . ARG A 1 106 ? -6.105  22.990  8.873   1.00 39.73  ? 104 ARG A CB  1 
ATOM   640  C  CG  . ARG A 1 106 ? -6.790  22.960  10.207  1.00 41.82  ? 104 ARG A CG  1 
ATOM   641  C  CD  . ARG A 1 106 ? -5.830  23.334  11.318  1.00 43.92  ? 104 ARG A CD  1 
ATOM   642  N  NE  . ARG A 1 106 ? -5.202  24.635  11.112  1.00 46.36  ? 104 ARG A NE  1 
ATOM   643  C  CZ  . ARG A 1 106 ? -4.734  25.404  12.091  1.00 47.02  ? 104 ARG A CZ  1 
ATOM   644  N  NH1 . ARG A 1 106 ? -4.837  25.017  13.358  1.00 47.38  ? 104 ARG A NH1 1 
ATOM   645  N  NH2 . ARG A 1 106 ? -4.174  26.574  11.802  1.00 48.60  ? 104 ARG A NH2 1 
ATOM   646  N  N   . SER A 1 107 ? -6.731  22.991  5.758   1.00 40.32  ? 105 SER A N   1 
ATOM   647  C  CA  . SER A 1 107 ? -7.361  23.648  4.606   1.00 40.55  ? 105 SER A CA  1 
ATOM   648  C  C   . SER A 1 107 ? -7.547  22.694  3.426   1.00 40.56  ? 105 SER A C   1 
ATOM   649  O  O   . SER A 1 107 ? -7.222  23.019  2.272   1.00 40.64  ? 105 SER A O   1 
ATOM   650  C  CB  . SER A 1 107 ? -6.542  24.862  4.173   1.00 40.56  ? 105 SER A CB  1 
ATOM   651  O  OG  . SER A 1 107 ? -6.374  25.761  5.250   1.00 41.24  ? 105 SER A OG  1 
ATOM   652  N  N   . ARG A 1 108 ? -8.057  21.510  3.741   1.00 40.06  ? 106 ARG A N   1 
ATOM   653  C  CA  . ARG A 1 108 ? -8.455  20.519  2.746   1.00 39.93  ? 106 ARG A CA  1 
ATOM   654  C  C   . ARG A 1 108 ? -9.534  19.708  3.434   1.00 39.61  ? 106 ARG A C   1 
ATOM   655  O  O   . ARG A 1 108 ? -9.466  19.506  4.648   1.00 40.13  ? 106 ARG A O   1 
ATOM   656  C  CB  . ARG A 1 108 ? -7.288  19.622  2.314   1.00 39.71  ? 106 ARG A CB  1 
ATOM   657  C  CG  . ARG A 1 108 ? -7.159  19.528  0.792   1.00 40.10  ? 106 ARG A CG  1 
ATOM   658  C  CD  . ARG A 1 108 ? -6.713  18.167  0.277   1.00 38.96  ? 106 ARG A CD  1 
ATOM   659  N  NE  . ARG A 1 108 ? -5.272  17.940  0.417   1.00 37.14  ? 106 ARG A NE  1 
ATOM   660  C  CZ  . ARG A 1 108 ? -4.720  16.820  0.890   1.00 38.60  ? 106 ARG A CZ  1 
ATOM   661  N  NH1 . ARG A 1 108 ? -5.484  15.786  1.241   1.00 36.10  ? 106 ARG A NH1 1 
ATOM   662  N  NH2 . ARG A 1 108 ? -3.395  16.714  0.972   1.00 36.59  ? 106 ARG A NH2 1 
ATOM   663  N  N   . ALA A 1 109 ? -10.535 19.265  2.678   1.00 38.83  ? 107 ALA A N   1 
ATOM   664  C  CA  . ALA A 1 109 ? -11.686 18.566  3.272   1.00 37.56  ? 107 ALA A CA  1 
ATOM   665  C  C   . ALA A 1 109 ? -11.522 17.045  3.324   1.00 36.50  ? 107 ALA A C   1 
ATOM   666  O  O   . ALA A 1 109 ? -12.074 16.386  4.215   1.00 35.73  ? 107 ALA A O   1 
ATOM   667  C  CB  . ALA A 1 109 ? -12.979 18.954  2.560   1.00 37.84  ? 107 ALA A CB  1 
ATOM   668  N  N   . ALA A 1 110 ? -10.766 16.493  2.376   1.00 35.18  ? 108 ALA A N   1 
ATOM   669  C  CA  . ALA A 1 110 ? -10.575 15.055  2.301   1.00 34.23  ? 108 ALA A CA  1 
ATOM   670  C  C   . ALA A 1 110 ? -9.098  14.666  2.198   1.00 33.71  ? 108 ALA A C   1 
ATOM   671  O  O   . ALA A 1 110 ? -8.325  15.277  1.437   1.00 33.71  ? 108 ALA A O   1 
ATOM   672  C  CB  . ALA A 1 110 ? -11.352 14.467  1.128   1.00 34.35  ? 108 ALA A CB  1 
ATOM   673  N  N   . ALA A 1 111 ? -8.724  13.639  2.956   1.00 32.70  ? 109 ALA A N   1 
ATOM   674  C  CA  . ALA A 1 111 ? -7.425  13.002  2.794   1.00 32.65  ? 109 ALA A CA  1 
ATOM   675  C  C   . ALA A 1 111 ? -7.457  12.085  1.578   1.00 32.75  ? 109 ALA A C   1 
ATOM   676  O  O   . ALA A 1 111 ? -8.522  11.625  1.158   1.00 32.35  ? 109 ALA A O   1 
ATOM   677  C  CB  . ALA A 1 111 ? -7.053  12.221  4.031   1.00 31.78  ? 109 ALA A CB  1 
ATOM   678  N  N   . ARG A 1 112 ? -6.274  11.794  1.044   1.00 33.20  ? 110 ARG A N   1 
ATOM   679  C  CA  . ARG A 1 112 ? -6.126  11.019  -0.192  1.00 33.78  ? 110 ARG A CA  1 
ATOM   680  C  C   . ARG A 1 112 ? -4.887  10.125  -0.168  1.00 32.58  ? 110 ARG A C   1 
ATOM   681  O  O   . ARG A 1 112 ? -3.949  10.379  0.588   1.00 31.33  ? 110 ARG A O   1 
ATOM   682  C  CB  . ARG A 1 112 ? -6.034  11.982  -1.378  1.00 35.57  ? 110 ARG A CB  1 
ATOM   683  C  CG  . ARG A 1 112 ? -4.714  12.791  -1.472  1.00 38.77  ? 110 ARG A CG  1 
ATOM   684  C  CD  . ARG A 1 112 ? -4.978  14.227  -1.900  1.00 44.31  ? 110 ARG A CD  1 
ATOM   685  N  NE  . ARG A 1 112 ? -6.329  14.358  -2.447  1.00 47.98  ? 110 ARG A NE  1 
ATOM   686  C  CZ  . ARG A 1 112 ? -6.932  15.500  -2.768  1.00 49.30  ? 110 ARG A CZ  1 
ATOM   687  N  NH1 . ARG A 1 112 ? -6.317  16.669  -2.623  1.00 50.84  ? 110 ARG A NH1 1 
ATOM   688  N  NH2 . ARG A 1 112 ? -8.169  15.465  -3.244  1.00 50.16  ? 110 ARG A NH2 1 
ATOM   689  N  N   . ILE A 1 113 ? -4.916  9.066   -0.980  1.00 31.74  ? 111 ILE A N   1 
ATOM   690  C  CA  . ILE A 1 113 ? -3.738  8.234   -1.266  1.00 31.43  ? 111 ILE A CA  1 
ATOM   691  C  C   . ILE A 1 113 ? -3.218  8.738   -2.580  1.00 31.95  ? 111 ILE A C   1 
ATOM   692  O  O   . ILE A 1 113 ? -3.990  8.970   -3.507  1.00 32.96  ? 111 ILE A O   1 
ATOM   693  C  CB  . ILE A 1 113 ? -4.059  6.726   -1.417  1.00 30.54  ? 111 ILE A CB  1 
ATOM   694  C  CG1 . ILE A 1 113 ? -4.832  6.189   -0.191  1.00 30.35  ? 111 ILE A CG1 1 
ATOM   695  C  CG2 . ILE A 1 113 ? -2.760  5.912   -1.742  1.00 29.31  ? 111 ILE A CG2 1 
ATOM   696  C  CD1 . ILE A 1 113 ? -5.516  4.848   -0.446  1.00 32.15  ? 111 ILE A CD1 1 
ATOM   697  N  N   . SER A 1 114 ? -1.925  9.001   -2.631  1.00 31.02  ? 112 SER A N   1 
ATOM   698  C  CA  . SER A 1 114 ? -1.291  9.397   -3.898  1.00 30.92  ? 112 SER A CA  1 
ATOM   699  C  C   . SER A 1 114 ? -0.104  8.506   -4.144  1.00 29.39  ? 112 SER A C   1 
ATOM   700  O  O   . SER A 1 114 ? 0.432   7.904   -3.223  1.00 30.18  ? 112 SER A O   1 
ATOM   701  C  CB  . SER A 1 114 ? -0.860  10.849  -3.882  1.00 30.07  ? 112 SER A CB  1 
ATOM   702  O  OG  . SER A 1 114 ? -0.110  11.121  -2.710  1.00 34.20  ? 112 SER A OG  1 
ATOM   703  N  N   . VAL A 1 115 ? 0.283   8.408   -5.406  1.00 29.37  ? 113 VAL A N   1 
ATOM   704  C  CA  . VAL A 1 115 ? 1.452   7.617   -5.795  1.00 30.44  ? 113 VAL A CA  1 
ATOM   705  C  C   . VAL A 1 115 ? 2.441   8.560   -6.512  1.00 31.32  ? 113 VAL A C   1 
ATOM   706  O  O   . VAL A 1 115 ? 2.065   9.271   -7.470  1.00 31.52  ? 113 VAL A O   1 
ATOM   707  C  CB  . VAL A 1 115 ? 1.026   6.456   -6.679  1.00 29.87  ? 113 VAL A CB  1 
ATOM   708  C  CG1 . VAL A 1 115 ? 2.221   5.667   -7.124  1.00 29.07  ? 113 VAL A CG1 1 
ATOM   709  C  CG2 . VAL A 1 115 ? 0.025   5.528   -5.942  1.00 31.53  ? 113 VAL A CG2 1 
ATOM   710  N  N   . VAL A 1 116 ? 3.671   8.604   -6.014  1.00 31.63  ? 114 VAL A N   1 
ATOM   711  C  CA  . VAL A 1 116 ? 4.660   9.613   -6.423  1.00 34.35  ? 114 VAL A CA  1 
ATOM   712  C  C   . VAL A 1 116 ? 5.991   8.958   -6.791  1.00 35.22  ? 114 VAL A C   1 
ATOM   713  O  O   . VAL A 1 116 ? 6.396   8.000   -6.156  1.00 34.30  ? 114 VAL A O   1 
ATOM   714  C  CB  . VAL A 1 116 ? 4.935   10.594  -5.263  1.00 34.32  ? 114 VAL A CB  1 
ATOM   715  C  CG1 . VAL A 1 116 ? 6.050   11.586  -5.604  1.00 35.40  ? 114 VAL A CG1 1 
ATOM   716  C  CG2 . VAL A 1 116 ? 3.667   11.359  -4.881  1.00 35.95  ? 114 VAL A CG2 1 
ATOM   717  N  N   . ALA A 1 117 ? 6.685   9.540   -7.775  1.00 36.18  ? 115 ALA A N   1 
ATOM   718  C  CA  . ALA A 1 117 ? 8.046   9.124   -8.158  1.00 37.25  ? 115 ALA A CA  1 
ATOM   719  C  C   . ALA A 1 117 ? 9.096   10.042  -7.523  1.00 38.00  ? 115 ALA A C   1 
ATOM   720  O  O   . ALA A 1 117 ? 8.950   11.261  -7.545  1.00 38.24  ? 115 ALA A O   1 
ATOM   721  C  CB  . ALA A 1 117 ? 8.186   9.144   -9.664  1.00 37.36  ? 115 ALA A CB  1 
ATOM   722  N  N   . ALA A 1 118 ? 10.151  9.459   -6.961  1.00 38.89  ? 116 ALA A N   1 
ATOM   723  C  CA  . ALA A 1 118 ? 11.260  10.233  -6.366  1.00 38.83  ? 116 ALA A CA  1 
ATOM   724  C  C   . ALA A 1 118 ? 12.604  9.562   -6.621  1.00 39.10  ? 116 ALA A C   1 
ATOM   725  O  O   . ALA A 1 118 ? 12.665  8.615   -7.401  1.00 39.23  ? 116 ALA A O   1 
ATOM   726  C  CB  . ALA A 1 118 ? 11.053  10.430  -4.887  1.00 38.66  ? 116 ALA A CB  1 
HETATM 727  N  N   . MSE B 1 29  ? 9.703   -11.276 2.568   0.50 46.52  ? 27  MSE B N   1 
HETATM 728  C  CA  . MSE B 1 29  ? 9.258   -12.385 1.673   0.50 46.42  ? 27  MSE B CA  1 
HETATM 729  C  C   . MSE B 1 29  ? 8.516   -13.505 2.402   0.50 46.02  ? 27  MSE B C   1 
HETATM 730  O  O   . MSE B 1 29  ? 8.870   -13.863 3.529   0.50 46.53  ? 27  MSE B O   1 
HETATM 731  C  CB  . MSE B 1 29  ? 10.453  -12.982 0.908   0.50 46.64  ? 27  MSE B CB  1 
HETATM 732  C  CG  . MSE B 1 29  ? 11.558  -13.631 1.773   0.50 47.25  ? 27  MSE B CG  1 
HETATM 733  SE SE  . MSE B 1 29  ? 11.256  -15.505 2.275   0.30 49.10  ? 27  MSE B SE  1 
HETATM 734  C  CE  . MSE B 1 29  ? 13.042  -15.939 2.935   0.50 47.40  ? 27  MSE B CE  1 
ATOM   735  N  N   . PRO B 1 30  ? 7.425   -13.997 1.798   0.50 45.18  ? 28  PRO B N   1 
ATOM   736  C  CA  . PRO B 1 30  ? 6.481   -13.225 0.992   0.50 44.30  ? 28  PRO B CA  1 
ATOM   737  C  C   . PRO B 1 30  ? 5.359   -12.693 1.897   0.50 42.84  ? 28  PRO B C   1 
ATOM   738  O  O   . PRO B 1 30  ? 5.135   -11.476 1.996   0.50 43.02  ? 28  PRO B O   1 
ATOM   739  C  CB  . PRO B 1 30  ? 5.937   -14.271 -0.004  0.50 44.19  ? 28  PRO B CB  1 
ATOM   740  C  CG  . PRO B 1 30  ? 6.645   -15.584 0.331   0.50 45.10  ? 28  PRO B CG  1 
ATOM   741  C  CD  . PRO B 1 30  ? 7.137   -15.436 1.728   0.50 45.26  ? 28  PRO B CD  1 
ATOM   742  N  N   . ASP B 1 31  ? 4.678   -13.601 2.591   1.00 41.22  ? 29  ASP B N   1 
ATOM   743  C  CA  . ASP B 1 31  ? 3.672   -13.181 3.546   1.00 39.32  ? 29  ASP B CA  1 
ATOM   744  C  C   . ASP B 1 31  ? 4.269   -12.429 4.724   1.00 37.72  ? 29  ASP B C   1 
ATOM   745  O  O   . ASP B 1 31  ? 3.630   -11.545 5.247   1.00 35.91  ? 29  ASP B O   1 
ATOM   746  C  CB  . ASP B 1 31  ? 2.815   -14.324 4.027   1.00 40.75  ? 29  ASP B CB  1 
ATOM   747  C  CG  . ASP B 1 31  ? 1.504   -13.841 4.613   1.00 40.92  ? 29  ASP B CG  1 
ATOM   748  O  OD1 . ASP B 1 31  ? 1.338   -13.965 5.845   1.00 38.44  ? 29  ASP B OD1 1 
ATOM   749  O  OD2 . ASP B 1 31  ? 0.662   -13.309 3.849   1.00 42.72  ? 29  ASP B OD2 1 
ATOM   750  N  N   . ALA B 1 32  ? 5.511   -12.738 5.093   1.00 36.20  ? 30  ALA B N   1 
ATOM   751  C  CA  . ALA B 1 32  ? 6.175   -12.000 6.171   1.00 35.13  ? 30  ALA B CA  1 
ATOM   752  C  C   . ALA B 1 32  ? 6.304   -10.501 5.862   1.00 34.69  ? 30  ALA B C   1 
ATOM   753  O  O   . ALA B 1 32  ? 6.101   -9.667  6.753   1.00 33.03  ? 30  ALA B O   1 
ATOM   754  C  CB  . ALA B 1 32  ? 7.553   -12.602 6.477   1.00 35.45  ? 30  ALA B CB  1 
ATOM   755  N  N   . GLU B 1 33  ? 6.655   -10.159 4.617   1.00 33.57  ? 31  GLU B N   1 
ATOM   756  C  CA  . GLU B 1 33  ? 6.777   -8.734  4.266   1.00 34.04  ? 31  GLU B CA  1 
ATOM   757  C  C   . GLU B 1 33  ? 5.404   -8.052  4.358   1.00 31.76  ? 31  GLU B C   1 
ATOM   758  O  O   . GLU B 1 33  ? 5.299   -6.913  4.803   1.00 30.90  ? 31  GLU B O   1 
ATOM   759  C  CB  . GLU B 1 33  ? 7.392   -8.485  2.872   1.00 33.40  ? 31  GLU B CB  1 
ATOM   760  C  CG  . GLU B 1 33  ? 7.440   -6.941  2.532   1.00 35.60  ? 31  GLU B CG  1 
ATOM   761  C  CD  . GLU B 1 33  ? 8.425   -6.521  1.429   1.00 38.80  ? 31  GLU B CD  1 
ATOM   762  O  OE1 . GLU B 1 33  ? 8.985   -5.375  1.525   1.00 46.08  ? 31  GLU B OE1 1 
ATOM   763  O  OE2 . GLU B 1 33  ? 8.636   -7.293  0.468   1.00 42.01  ? 31  GLU B OE2 1 
ATOM   764  N  N   . GLU B 1 34  ? 4.358   -8.758  3.956   1.00 30.30  ? 32  GLU B N   1 
ATOM   765  C  CA  . GLU B 1 34  ? 3.020   -8.180  3.991   1.00 30.04  ? 32  GLU B CA  1 
ATOM   766  C  C   . GLU B 1 34  ? 2.569   -7.946  5.440   1.00 29.78  ? 32  GLU B C   1 
ATOM   767  O  O   . GLU B 1 34  ? 2.011   -6.897  5.760   1.00 29.24  ? 32  GLU B O   1 
ATOM   768  C  CB  . GLU B 1 34  ? 2.012   -9.078  3.256   1.00 30.63  ? 32  GLU B CB  1 
ATOM   769  C  CG  . GLU B 1 34  ? 0.565   -8.607  3.423   1.00 33.31  ? 32  GLU B CG  1 
ATOM   770  C  CD  . GLU B 1 34  ? -0.386  -9.141  2.371   1.00 38.53  ? 32  GLU B CD  1 
ATOM   771  O  OE1 . GLU B 1 34  ? 0.041   -9.875  1.462   1.00 39.78  ? 32  GLU B OE1 1 
ATOM   772  O  OE2 . GLU B 1 34  ? -1.580  -8.805  2.444   1.00 40.98  ? 32  GLU B OE2 1 
ATOM   773  N  N   . ARG B 1 35  ? 2.846   -8.912  6.306   1.00 28.99  ? 33  ARG B N   1 
ATOM   774  C  CA  . ARG B 1 35  ? 2.500   -8.788  7.730   1.00 29.03  ? 33  ARG B CA  1 
ATOM   775  C  C   . ARG B 1 35  ? 3.182   -7.580  8.350   1.00 29.12  ? 33  ARG B C   1 
ATOM   776  O  O   . ARG B 1 35  ? 2.573   -6.848  9.122   1.00 28.65  ? 33  ARG B O   1 
ATOM   777  C  CB  . ARG B 1 35  ? 2.865   -10.049 8.498   1.00 28.90  ? 33  ARG B CB  1 
ATOM   778  C  CG  . ARG B 1 35  ? 2.076   -11.290 8.076   1.00 29.88  ? 33  ARG B CG  1 
ATOM   779  C  CD  . ARG B 1 35  ? 2.224   -12.438 9.091   1.00 29.57  ? 33  ARG B CD  1 
ATOM   780  N  NE  . ARG B 1 35  ? 3.595   -12.929 9.221   1.00 30.16  ? 33  ARG B NE  1 
ATOM   781  C  CZ  . ARG B 1 35  ? 4.109   -13.944 8.533   1.00 32.89  ? 33  ARG B CZ  1 
ATOM   782  N  NH1 . ARG B 1 35  ? 3.370   -14.623 7.656   1.00 35.95  ? 33  ARG B NH1 1 
ATOM   783  N  NH2 . ARG B 1 35  ? 5.368   -14.308 8.740   1.00 34.96  ? 33  ARG B NH2 1 
ATOM   784  N  N   . GLN B 1 36  ? 4.439   -7.373  7.975   1.00 29.50  ? 34  GLN B N   1 
ATOM   785  C  CA  . GLN B 1 36  ? 5.223   -6.247  8.444   1.00 30.54  ? 34  GLN B CA  1 
ATOM   786  C  C   . GLN B 1 36  ? 4.614   -4.902  7.999   1.00 29.17  ? 34  GLN B C   1 
ATOM   787  O  O   . GLN B 1 36  ? 4.470   -3.988  8.800   1.00 29.04  ? 34  GLN B O   1 
ATOM   788  C  CB  . GLN B 1 36  ? 6.676   -6.399  7.987   1.00 31.53  ? 34  GLN B CB  1 
ATOM   789  C  CG  . GLN B 1 36  ? 7.645   -5.447  8.648   1.00 37.77  ? 34  GLN B CG  1 
ATOM   790  C  CD  . GLN B 1 36  ? 9.043   -6.044  8.782   1.00 44.60  ? 34  GLN B CD  1 
ATOM   791  O  OE1 . GLN B 1 36  ? 9.918   -5.809  7.942   1.00 48.41  ? 34  GLN B OE1 1 
ATOM   792  N  NE2 . GLN B 1 36  ? 9.249   -6.847  9.834   1.00 47.55  ? 34  GLN B NE2 1 
ATOM   793  N  N   . THR B 1 37  ? 4.259   -4.792  6.729   1.00 28.95  ? 35  THR B N   1 
ATOM   794  C  CA  . THR B 1 37  ? 3.621   -3.576  6.201   1.00 28.63  ? 35  THR B CA  1 
ATOM   795  C  C   . THR B 1 37  ? 2.326   -3.266  6.970   1.00 27.89  ? 35  THR B C   1 
ATOM   796  O  O   . THR B 1 37  ? 2.097   -2.113  7.385   1.00 26.75  ? 35  THR B O   1 
ATOM   797  C  CB  . THR B 1 37  ? 3.352   -3.704  4.695   1.00 28.72  ? 35  THR B CB  1 
ATOM   798  O  OG1 . THR B 1 37  ? 4.584   -4.001  4.047   1.00 32.28  ? 35  THR B OG1 1 
ATOM   799  C  CG2 . THR B 1 37  ? 2.746   -2.390  4.086   1.00 29.93  ? 35  THR B CG2 1 
ATOM   800  N  N   . LYS B 1 38  ? 1.472   -4.280  7.099   1.00 26.56  ? 36  LYS B N   1 
ATOM   801  C  CA  . LYS B 1 38  ? 0.211   -4.146  7.844   1.00 26.12  ? 36  LYS B CA  1 
ATOM   802  C  C   . LYS B 1 38  ? 0.442   -3.658  9.268   1.00 26.00  ? 36  LYS B C   1 
ATOM   803  O  O   . LYS B 1 38  ? -0.282  -2.811  9.737   1.00 24.45  ? 36  LYS B O   1 
ATOM   804  C  CB  . LYS B 1 38  ? -0.499  -5.485  7.928   1.00 26.70  ? 36  LYS B CB  1 
ATOM   805  C  CG  . LYS B 1 38  ? -1.140  -5.992  6.618   1.00 29.01  ? 36  LYS B CG  1 
ATOM   806  C  CD  . LYS B 1 38  ? -1.796  -7.332  6.995   1.00 33.41  ? 36  LYS B CD  1 
ATOM   807  C  CE  . LYS B 1 38  ? -2.986  -7.675  6.160   1.00 32.51  ? 36  LYS B CE  1 
ATOM   808  N  NZ  . LYS B 1 38  ? -3.741  -8.881  6.712   1.00 29.64  ? 36  LYS B NZ  1 
ATOM   809  N  N   . LEU B 1 39  ? 1.438   -4.221  9.956   1.00 26.59  ? 37  LEU B N   1 
ATOM   810  C  CA  . LEU B 1 39  ? 1.717   -3.867  11.356  1.00 26.62  ? 37  LEU B CA  1 
ATOM   811  C  C   . LEU B 1 39  ? 2.126   -2.397  11.441  1.00 27.41  ? 37  LEU B C   1 
ATOM   812  O  O   . LEU B 1 39  ? 1.732   -1.665  12.362  1.00 27.48  ? 37  LEU B O   1 
ATOM   813  C  CB  . LEU B 1 39  ? 2.827   -4.789  11.925  1.00 26.56  ? 37  LEU B CB  1 
ATOM   814  C  CG  . LEU B 1 39  ? 2.387   -6.155  12.487  1.00 29.99  ? 37  LEU B CG  1 
ATOM   815  C  CD1 . LEU B 1 39  ? 3.573   -7.066  12.881  1.00 32.28  ? 37  LEU B CD1 1 
ATOM   816  C  CD2 . LEU B 1 39  ? 1.420   -5.984  13.678  1.00 33.07  ? 37  LEU B CD2 1 
ATOM   817  N  N   . ARG B 1 40  ? 2.921   -1.956  10.473  1.00 27.95  ? 38  ARG B N   1 
ATOM   818  C  CA  . ARG B 1 40  ? 3.362   -0.561  10.474  1.00 28.64  ? 38  ARG B CA  1 
ATOM   819  C  C   . ARG B 1 40  ? 2.215   0.401   10.187  1.00 28.87  ? 38  ARG B C   1 
ATOM   820  O  O   . ARG B 1 40  ? 2.121   1.488   10.799  1.00 28.52  ? 38  ARG B O   1 
ATOM   821  C  CB  . ARG B 1 40  ? 4.506   -0.352  9.487   1.00 30.04  ? 38  ARG B CB  1 
ATOM   822  C  CG  . ARG B 1 40  ? 5.831   -0.975  9.944   1.00 32.33  ? 38  ARG B CG  1 
ATOM   823  C  CD  . ARG B 1 40  ? 6.792   -1.159  8.737   1.00 39.92  ? 38  ARG B CD  1 
ATOM   824  N  NE  . ARG B 1 40  ? 8.092   -1.690  9.158   1.00 43.02  ? 38  ARG B NE  1 
ATOM   825  C  CZ  . ARG B 1 40  ? 9.063   -2.085  8.336   1.00 44.92  ? 38  ARG B CZ  1 
ATOM   826  N  NH1 . ARG B 1 40  ? 8.906   -2.030  7.021   1.00 46.68  ? 38  ARG B NH1 1 
ATOM   827  N  NH2 . ARG B 1 40  ? 10.205  -2.545  8.839   1.00 46.46  ? 38  ARG B NH2 1 
ATOM   828  N  N   . LEU B 1 41  ? 1.385   0.029   9.208   1.00 28.78  ? 39  LEU B N   1 
ATOM   829  C  CA  . LEU B 1 41  ? 0.205   0.811   8.885   1.00 28.28  ? 39  LEU B CA  1 
ATOM   830  C  C   . LEU B 1 41  ? -0.741  0.823   10.078  1.00 27.12  ? 39  LEU B C   1 
ATOM   831  O  O   . LEU B 1 41  ? -1.306  1.862   10.373  1.00 26.76  ? 39  LEU B O   1 
ATOM   832  C  CB  . LEU B 1 41  ? -0.459  0.297   7.612   1.00 28.61  ? 39  LEU B CB  1 
ATOM   833  C  CG  . LEU B 1 41  ? 0.291   0.611   6.300   1.00 30.30  ? 39  LEU B CG  1 
ATOM   834  C  CD1 . LEU B 1 41  ? -0.415  -0.121  5.158   1.00 30.12  ? 39  LEU B CD1 1 
ATOM   835  C  CD2 . LEU B 1 41  ? 0.330   2.148   6.026   1.00 30.75  ? 39  LEU B CD2 1 
ATOM   836  N  N   . ALA B 1 42  ? -0.911  -0.333  10.743  1.00 27.43  ? 40  ALA B N   1 
ATOM   837  C  CA  . ALA B 1 42  ? -1.769  -0.419  11.906  1.00 27.55  ? 40  ALA B CA  1 
ATOM   838  C  C   . ALA B 1 42  ? -1.208  0.414   13.051  1.00 27.65  ? 40  ALA B C   1 
ATOM   839  O  O   . ALA B 1 42  ? -1.984  1.043   13.760  1.00 27.62  ? 40  ALA B O   1 
ATOM   840  C  CB  . ALA B 1 42  ? -1.975  -1.870  12.353  1.00 26.97  ? 40  ALA B CB  1 
ATOM   841  N  N   . TYR B 1 43  ? 0.124   0.447   13.215  1.00 28.28  ? 41  TYR B N   1 
ATOM   842  C  CA  . TYR B 1 43  ? 0.684   1.294   14.257  1.00 29.93  ? 41  TYR B CA  1 
ATOM   843  C  C   . TYR B 1 43  ? 0.318   2.760   13.944  1.00 29.41  ? 41  TYR B C   1 
ATOM   844  O  O   . TYR B 1 43  ? -0.137  3.503   14.813  1.00 27.36  ? 41  TYR B O   1 
ATOM   845  C  CB  . TYR B 1 43  ? 2.207   1.135   14.398  1.00 31.00  ? 41  TYR B CB  1 
ATOM   846  C  CG  . TYR B 1 43  ? 2.839   2.327   15.077  1.00 32.59  ? 41  TYR B CG  1 
ATOM   847  C  CD1 . TYR B 1 43  ? 2.901   2.419   16.479  1.00 34.62  ? 41  TYR B CD1 1 
ATOM   848  C  CD2 . TYR B 1 43  ? 3.354   3.376   14.325  1.00 32.68  ? 41  TYR B CD2 1 
ATOM   849  C  CE1 . TYR B 1 43  ? 3.480   3.527   17.107  1.00 34.54  ? 41  TYR B CE1 1 
ATOM   850  C  CE2 . TYR B 1 43  ? 3.919   4.491   14.934  1.00 36.17  ? 41  TYR B CE2 1 
ATOM   851  C  CZ  . TYR B 1 43  ? 3.967   4.569   16.322  1.00 34.75  ? 41  TYR B CZ  1 
ATOM   852  O  OH  . TYR B 1 43  ? 4.559   5.657   16.917  1.00 37.53  ? 41  TYR B OH  1 
ATOM   853  N  N   . ALA B 1 44  ? 0.504   3.147   12.681  1.00 28.32  ? 42  ALA B N   1 
ATOM   854  C  CA  . ALA B 1 44  ? 0.224   4.529   12.302  1.00 28.10  ? 42  ALA B CA  1 
ATOM   855  C  C   . ALA B 1 44  ? -1.251  4.874   12.545  1.00 27.25  ? 42  ALA B C   1 
ATOM   856  O  O   . ALA B 1 44  ? -1.555  5.934   13.079  1.00 27.53  ? 42  ALA B O   1 
ATOM   857  C  CB  . ALA B 1 44  ? 0.659   4.797   10.854  1.00 28.49  ? 42  ALA B CB  1 
ATOM   858  N  N   . LEU B 1 45  ? -2.160  3.963   12.215  1.00 26.32  ? 43  LEU B N   1 
ATOM   859  C  CA  . LEU B 1 45  ? -3.580  4.198   12.459  1.00 27.11  ? 43  LEU B CA  1 
ATOM   860  C  C   . LEU B 1 45  ? -3.873  4.302   13.956  1.00 25.89  ? 43  LEU B C   1 
ATOM   861  O  O   . LEU B 1 45  ? -4.682  5.136   14.384  1.00 25.21  ? 43  LEU B O   1 
ATOM   862  C  CB  . LEU B 1 45  ? -4.397  3.046   11.811  1.00 26.32  ? 43  LEU B CB  1 
ATOM   863  C  CG  . LEU B 1 45  ? -5.922  3.171   11.725  1.00 30.02  ? 43  LEU B CG  1 
ATOM   864  C  CD1 . LEU B 1 45  ? -6.373  4.475   11.034  1.00 30.87  ? 43  LEU B CD1 1 
ATOM   865  C  CD2 . LEU B 1 45  ? -6.477  1.996   10.941  1.00 28.58  ? 43  LEU B CD2 1 
ATOM   866  N  N   . ASN B 1 46  ? -3.276  3.412   14.735  1.00 26.76  ? 44  ASN B N   1 
ATOM   867  C  CA  . ASN B 1 46  ? -3.534  3.381   16.208  1.00 27.21  ? 44  ASN B CA  1 
ATOM   868  C  C   . ASN B 1 46  ? -2.983  4.675   16.835  1.00 27.34  ? 44  ASN B C   1 
ATOM   869  O  O   . ASN B 1 46  ? -3.608  5.270   17.729  1.00 26.62  ? 44  ASN B O   1 
ATOM   870  C  CB  . ASN B 1 46  ? -2.904  2.117   16.829  1.00 27.40  ? 44  ASN B CB  1 
ATOM   871  C  CG  . ASN B 1 46  ? -3.848  0.896   16.741  1.00 27.82  ? 44  ASN B CG  1 
ATOM   872  O  OD1 . ASN B 1 46  ? -5.050  1.026   16.976  1.00 29.35  ? 44  ASN B OD1 1 
ATOM   873  N  ND2 . ASN B 1 46  ? -3.307  -0.276  16.381  1.00 25.58  ? 44  ASN B ND2 1 
ATOM   874  N  N   . ALA B 1 47  ? -1.833  5.113   16.326  1.00 27.76  ? 45  ALA B N   1 
ATOM   875  C  CA  . ALA B 1 47  ? -1.217  6.326   16.836  1.00 28.33  ? 45  ALA B CA  1 
ATOM   876  C  C   . ALA B 1 47  ? -2.107  7.556   16.549  1.00 28.89  ? 45  ALA B C   1 
ATOM   877  O  O   . ALA B 1 47  ? -2.226  8.453   17.387  1.00 28.84  ? 45  ALA B O   1 
ATOM   878  C  CB  . ALA B 1 47  ? 0.187   6.490   16.291  1.00 28.68  ? 45  ALA B CB  1 
ATOM   879  N  N   . VAL B 1 48  ? -2.767  7.571   15.393  1.00 28.78  ? 46  VAL B N   1 
ATOM   880  C  CA  . VAL B 1 48  ? -3.714  8.650   15.038  1.00 29.26  ? 46  VAL B CA  1 
ATOM   881  C  C   . VAL B 1 48  ? -4.945  8.611   15.969  1.00 28.54  ? 46  VAL B C   1 
ATOM   882  O  O   . VAL B 1 48  ? -5.395  9.637   16.496  1.00 29.82  ? 46  VAL B O   1 
ATOM   883  C  CB  . VAL B 1 48  ? -4.108  8.538   13.518  1.00 28.95  ? 46  VAL B CB  1 
ATOM   884  C  CG1 . VAL B 1 48  ? -5.174  9.548   13.118  1.00 30.51  ? 46  VAL B CG1 1 
ATOM   885  C  CG2 . VAL B 1 48  ? -2.872  8.683   12.631  1.00 32.27  ? 46  VAL B CG2 1 
ATOM   886  N  N   . ILE B 1 49  ? -5.507  7.424   16.173  1.00 27.77  ? 47  ILE B N   1 
ATOM   887  C  CA  . ILE B 1 49  ? -6.577  7.254   17.154  1.00 27.56  ? 47  ILE B CA  1 
ATOM   888  C  C   . ILE B 1 49  ? -6.145  7.750   18.544  1.00 27.57  ? 47  ILE B C   1 
ATOM   889  O  O   . ILE B 1 49  ? -6.895  8.457   19.216  1.00 28.05  ? 47  ILE B O   1 
ATOM   890  C  CB  . ILE B 1 49  ? -7.093  5.777   17.203  1.00 26.32  ? 47  ILE B CB  1 
ATOM   891  C  CG1 . ILE B 1 49  ? -7.682  5.386   15.839  1.00 26.74  ? 47  ILE B CG1 1 
ATOM   892  C  CG2 . ILE B 1 49  ? -8.150  5.590   18.311  1.00 26.10  ? 47  ILE B CG2 1 
ATOM   893  C  CD1 . ILE B 1 49  ? -8.044  3.903   15.704  1.00 27.03  ? 47  ILE B CD1 1 
ATOM   894  N  N   . ASP B 1 50  ? -4.922  7.401   18.942  1.00 28.59  ? 48  ASP B N   1 
ATOM   895  C  CA  . ASP B 1 50  ? -4.377  7.783   20.247  1.00 29.15  ? 48  ASP B CA  1 
ATOM   896  C  C   . ASP B 1 50  ? -4.336  9.298   20.393  1.00 29.79  ? 48  ASP B C   1 
ATOM   897  O  O   . ASP B 1 50  ? -4.863  9.866   21.354  1.00 29.66  ? 48  ASP B O   1 
ATOM   898  C  CB  . ASP B 1 50  ? -2.955  7.229   20.432  1.00 27.67  ? 48  ASP B CB  1 
ATOM   899  C  CG  . ASP B 1 50  ? -2.913  5.701   20.525  1.00 28.17  ? 48  ASP B CG  1 
ATOM   900  O  OD1 . ASP B 1 50  ? -3.950  5.051   20.866  1.00 27.42  ? 48  ASP B OD1 1 
ATOM   901  O  OD2 . ASP B 1 50  ? -1.820  5.153   20.247  1.00 28.27  ? 48  ASP B OD2 1 
ATOM   902  N  N   . ARG B 1 51  ? -3.705  9.942   19.426  1.00 31.61  ? 49  ARG B N   1 
ATOM   903  C  CA  . ARG B 1 51  ? -3.554  11.389  19.463  1.00 32.55  ? 49  ARG B CA  1 
ATOM   904  C  C   . ARG B 1 51  ? -4.895  12.118  19.433  1.00 32.95  ? 49  ARG B C   1 
ATOM   905  O  O   . ARG B 1 51  ? -5.090  13.085  20.175  1.00 33.70  ? 49  ARG B O   1 
ATOM   906  C  CB  . ARG B 1 51  ? -2.655  11.859  18.325  1.00 32.59  ? 49  ARG B CB  1 
ATOM   907  C  CG  . ARG B 1 51  ? -1.186  11.527  18.556  1.00 34.42  ? 49  ARG B CG  1 
ATOM   908  C  CD  . ARG B 1 51  ? -0.330  12.199  17.540  1.00 36.09  ? 49  ARG B CD  1 
ATOM   909  N  NE  . ARG B 1 51  ? -0.616  11.743  16.188  1.00 37.71  ? 49  ARG B NE  1 
ATOM   910  C  CZ  . ARG B 1 51  ? -0.019  10.714  15.593  1.00 39.11  ? 49  ARG B CZ  1 
ATOM   911  N  NH1 . ARG B 1 51  ? -0.353  10.396  14.357  1.00 37.15  ? 49  ARG B NH1 1 
ATOM   912  N  NH2 . ARG B 1 51  ? 0.906   9.997   16.233  1.00 39.45  ? 49  ARG B NH2 1 
ATOM   913  N  N   . ALA B 1 52  ? -5.818  11.646  18.595  1.00 33.46  ? 50  ALA B N   1 
ATOM   914  C  CA  . ALA B 1 52  ? -7.188  12.158  18.546  1.00 33.47  ? 50  ALA B CA  1 
ATOM   915  C  C   . ALA B 1 52  ? -8.011  11.827  19.806  1.00 33.66  ? 50  ALA B C   1 
ATOM   916  O  O   . ALA B 1 52  ? -9.109  12.340  19.989  1.00 34.01  ? 50  ALA B O   1 
ATOM   917  C  CB  . ALA B 1 52  ? -7.891  11.639  17.282  1.00 34.70  ? 50  ALA B CB  1 
ATOM   918  N  N   . ARG B 1 53  ? -7.460  10.978  20.680  1.00 33.51  ? 51  ARG B N   1 
ATOM   919  C  CA  . ARG B 1 53  ? -8.082  10.615  21.961  1.00 33.79  ? 51  ARG B CA  1 
ATOM   920  C  C   . ARG B 1 53  ? -9.487  10.034  21.796  1.00 33.05  ? 51  ARG B C   1 
ATOM   921  O  O   . ARG B 1 53  ? -10.360 10.249  22.640  1.00 33.08  ? 51  ARG B O   1 
ATOM   922  C  CB  . ARG B 1 53  ? -8.115  11.820  22.914  1.00 33.91  ? 51  ARG B CB  1 
ATOM   923  C  CG  . ARG B 1 53  ? -6.750  12.345  23.334  1.00 34.61  ? 51  ARG B CG  1 
ATOM   924  C  CD  . ARG B 1 53  ? -6.913  13.595  24.194  1.00 36.66  ? 51  ARG B CD  1 
ATOM   925  N  NE  . ARG B 1 53  ? -7.678  13.326  25.412  1.00 42.98  ? 51  ARG B NE  1 
ATOM   926  C  CZ  . ARG B 1 53  ? -7.218  13.476  26.656  1.00 46.01  ? 51  ARG B CZ  1 
ATOM   927  N  NH1 . ARG B 1 53  ? -5.976  13.910  26.872  1.00 46.94  ? 51  ARG B NH1 1 
ATOM   928  N  NH2 . ARG B 1 53  ? -8.009  13.197  27.686  1.00 45.67  ? 51  ARG B NH2 1 
ATOM   929  N  N   . LEU B 1 54  ? -9.709  9.313   20.701  1.00 31.84  ? 52  LEU B N   1 
ATOM   930  C  CA  . LEU B 1 54  ? -11.010 8.695   20.425  1.00 31.23  ? 52  LEU B CA  1 
ATOM   931  C  C   . LEU B 1 54  ? -11.237 7.437   21.242  1.00 31.53  ? 52  LEU B C   1 
ATOM   932  O  O   . LEU B 1 54  ? -10.370 6.556   21.321  1.00 30.35  ? 52  LEU B O   1 
ATOM   933  C  CB  . LEU B 1 54  ? -11.141 8.362   18.934  1.00 31.15  ? 52  LEU B CB  1 
ATOM   934  C  CG  . LEU B 1 54  ? -10.962 9.583   18.015  1.00 30.58  ? 52  LEU B CG  1 
ATOM   935  C  CD1 . LEU B 1 54  ? -10.996 9.205   16.562  1.00 31.57  ? 52  LEU B CD1 1 
ATOM   936  C  CD2 . LEU B 1 54  ? -12.036 10.681  18.346  1.00 32.67  ? 52  LEU B CD2 1 
ATOM   937  N  N   . SER B 1 55  ? -12.420 7.353   21.836  1.00 31.92  ? 53  SER B N   1 
ATOM   938  C  CA  . SER B 1 55  ? -12.925 6.083   22.376  1.00 32.65  ? 53  SER B CA  1 
ATOM   939  C  C   . SER B 1 55  ? -13.018 5.031   21.282  1.00 33.28  ? 53  SER B C   1 
ATOM   940  O  O   . SER B 1 55  ? -13.055 5.361   20.094  1.00 33.06  ? 53  SER B O   1 
ATOM   941  C  CB  . SER B 1 55  ? -14.291 6.277   23.048  1.00 32.64  ? 53  SER B CB  1 
ATOM   942  O  OG  . SER B 1 55  ? -15.360 6.476   22.132  1.00 31.13  ? 53  SER B OG  1 
ATOM   943  N  N   . GLN B 1 56  ? -13.076 3.759   21.676  1.00 33.63  ? 54  GLN B N   1 
ATOM   944  C  CA  . GLN B 1 56  ? -13.297 2.721   20.679  1.00 33.56  ? 54  GLN B CA  1 
ATOM   945  C  C   . GLN B 1 56  ? -14.606 2.951   19.941  1.00 32.53  ? 54  GLN B C   1 
ATOM   946  O  O   . GLN B 1 56  ? -14.662 2.792   18.737  1.00 30.03  ? 54  GLN B O   1 
ATOM   947  C  CB  . GLN B 1 56  ? -13.268 1.339   21.303  1.00 34.13  ? 54  GLN B CB  1 
ATOM   948  C  CG  . GLN B 1 56  ? -12.256 0.444   20.608  1.00 38.31  ? 54  GLN B CG  1 
ATOM   949  C  CD  . GLN B 1 56  ? -11.875 -0.783  21.388  1.00 39.74  ? 54  GLN B CD  1 
ATOM   950  O  OE1 . GLN B 1 56  ? -10.758 -0.879  21.922  1.00 43.55  ? 54  GLN B OE1 1 
ATOM   951  N  NE2 . GLN B 1 56  ? -12.782 -1.742  21.442  1.00 40.46  ? 54  GLN B NE2 1 
ATOM   952  N  N   . ALA B 1 57  ? -15.655 3.355   20.664  1.00 31.84  ? 55  ALA B N   1 
ATOM   953  C  CA  . ALA B 1 57  ? -16.955 3.602   20.020  1.00 30.98  ? 55  ALA B CA  1 
ATOM   954  C  C   . ALA B 1 57  ? -16.848 4.747   19.027  1.00 30.61  ? 55  ALA B C   1 
ATOM   955  O  O   . ALA B 1 57  ? -17.385 4.670   17.912  1.00 29.26  ? 55  ALA B O   1 
ATOM   956  C  CB  . ALA B 1 57  ? -18.016 3.900   21.060  1.00 32.34  ? 55  ALA B CB  1 
ATOM   957  N  N   . ALA B 1 58  ? -16.154 5.817   19.434  1.00 30.17  ? 56  ALA B N   1 
ATOM   958  C  CA  . ALA B 1 58  ? -15.992 6.983   18.565  1.00 29.64  ? 56  ALA B CA  1 
ATOM   959  C  C   . ALA B 1 58  ? -15.169 6.638   17.341  1.00 29.36  ? 56  ALA B C   1 
ATOM   960  O  O   . ALA B 1 58  ? -15.473 7.080   16.234  1.00 29.10  ? 56  ALA B O   1 
ATOM   961  C  CB  . ALA B 1 58  ? -15.356 8.153   19.321  1.00 30.53  ? 56  ALA B CB  1 
ATOM   962  N  N   . ALA B 1 59  ? -14.109 5.851   17.539  1.00 28.37  ? 57  ALA B N   1 
ATOM   963  C  CA  . ALA B 1 59  ? -13.291 5.421   16.381  1.00 28.00  ? 57  ALA B CA  1 
ATOM   964  C  C   . ALA B 1 59  ? -14.080 4.520   15.420  1.00 26.92  ? 57  ALA B C   1 
ATOM   965  O  O   . ALA B 1 59  ? -13.991 4.703   14.213  1.00 26.76  ? 57  ALA B O   1 
ATOM   966  C  CB  . ALA B 1 59  ? -12.015 4.744   16.840  1.00 27.33  ? 57  ALA B CB  1 
ATOM   967  N  N   . ALA B 1 60  ? -14.869 3.574   15.958  1.00 27.82  ? 58  ALA B N   1 
ATOM   968  C  CA  . ALA B 1 60  ? -15.799 2.781   15.148  1.00 27.71  ? 58  ALA B CA  1 
ATOM   969  C  C   . ALA B 1 60  ? -16.727 3.678   14.303  1.00 27.58  ? 58  ALA B C   1 
ATOM   970  O  O   . ALA B 1 60  ? -16.828 3.487   13.100  1.00 28.08  ? 58  ALA B O   1 
ATOM   971  C  CB  . ALA B 1 60  ? -16.622 1.829   16.006  1.00 27.19  ? 58  ALA B CB  1 
ATOM   972  N  N   . ALA B 1 61  ? -17.352 4.669   14.938  1.00 27.97  ? 59  ALA B N   1 
ATOM   973  C  CA  . ALA B 1 61  ? -18.252 5.552   14.219  1.00 28.60  ? 59  ALA B CA  1 
ATOM   974  C  C   . ALA B 1 61  ? -17.485 6.359   13.179  1.00 27.93  ? 59  ALA B C   1 
ATOM   975  O  O   . ALA B 1 61  ? -17.920 6.482   12.030  1.00 28.43  ? 59  ALA B O   1 
ATOM   976  C  CB  . ALA B 1 61  ? -19.061 6.456   15.170  1.00 29.09  ? 59  ALA B CB  1 
ATOM   977  N  N   . ARG B 1 62  ? -16.332 6.898   13.557  1.00 28.56  ? 60  ARG B N   1 
ATOM   978  C  CA  . ARG B 1 62  ? -15.573 7.733   12.620  1.00 28.62  ? 60  ARG B CA  1 
ATOM   979  C  C   . ARG B 1 62  ? -15.124 6.924   11.392  1.00 29.73  ? 60  ARG B C   1 
ATOM   980  O  O   . ARG B 1 62  ? -15.212 7.398   10.258  1.00 29.34  ? 60  ARG B O   1 
ATOM   981  C  CB  . ARG B 1 62  ? -14.376 8.383   13.312  1.00 28.72  ? 60  ARG B CB  1 
ATOM   982  C  CG  . ARG B 1 62  ? -13.581 9.392   12.471  1.00 29.01  ? 60  ARG B CG  1 
ATOM   983  C  CD  . ARG B 1 62  ? -14.350 10.710  12.268  1.00 31.62  ? 60  ARG B CD  1 
ATOM   984  N  NE  . ARG B 1 62  ? -14.532 11.442  13.521  1.00 32.56  ? 60  ARG B NE  1 
ATOM   985  C  CZ  . ARG B 1 62  ? -13.808 12.500  13.884  1.00 32.43  ? 60  ARG B CZ  1 
ATOM   986  N  NH1 . ARG B 1 62  ? -12.847 12.959  13.083  1.00 31.00  ? 60  ARG B NH1 1 
ATOM   987  N  NH2 . ARG B 1 62  ? -14.058 13.097  15.042  1.00 31.41  ? 60  ARG B NH2 1 
ATOM   988  N  N   . LEU B 1 63  ? -14.665 5.696   11.620  1.00 29.79  ? 61  LEU B N   1 
ATOM   989  C  CA  . LEU B 1 63  ? -14.105 4.886   10.547  1.00 30.49  ? 61  LEU B CA  1 
ATOM   990  C  C   . LEU B 1 63  ? -15.167 4.129   9.753   1.00 31.47  ? 61  LEU B C   1 
ATOM   991  O  O   . LEU B 1 63  ? -14.859 3.551   8.706   1.00 31.41  ? 61  LEU B O   1 
ATOM   992  C  CB  . LEU B 1 63  ? -13.118 3.873   11.111  1.00 30.62  ? 61  LEU B CB  1 
ATOM   993  C  CG  . LEU B 1 63  ? -11.838 4.386   11.750  1.00 30.42  ? 61  LEU B CG  1 
ATOM   994  C  CD1 . LEU B 1 63  ? -11.134 3.236   12.396  1.00 30.23  ? 61  LEU B CD1 1 
ATOM   995  C  CD2 . LEU B 1 63  ? -10.933 5.034   10.709  1.00 31.48  ? 61  LEU B CD2 1 
ATOM   996  N  N   . GLY B 1 64  ? -16.384 4.112   10.277  1.00 31.98  ? 62  GLY B N   1 
ATOM   997  C  CA  . GLY B 1 64  ? -17.470 3.300   9.724   1.00 33.48  ? 62  GLY B CA  1 
ATOM   998  C  C   . GLY B 1 64  ? -17.159 1.814   9.702   1.00 33.08  ? 62  GLY B C   1 
ATOM   999  O  O   . GLY B 1 64  ? -17.473 1.122   8.729   1.00 33.80  ? 62  GLY B O   1 
ATOM   1000 N  N   . ILE B 1 65  ? -16.529 1.314   10.761  1.00 32.29  ? 63  ILE B N   1 
ATOM   1001 C  CA  . ILE B 1 65  ? -16.354 -0.131  10.934  1.00 31.50  ? 63  ILE B CA  1 
ATOM   1002 C  C   . ILE B 1 65  ? -16.926 -0.567  12.287  1.00 31.62  ? 63  ILE B C   1 
ATOM   1003 O  O   . ILE B 1 65  ? -16.983 0.238   13.238  1.00 30.99  ? 63  ILE B O   1 
ATOM   1004 C  CB  . ILE B 1 65  ? -14.871 -0.586  10.770  1.00 30.71  ? 63  ILE B CB  1 
ATOM   1005 C  CG1 . ILE B 1 65  ? -13.955 0.077   11.813  1.00 31.42  ? 63  ILE B CG1 1 
ATOM   1006 C  CG2 . ILE B 1 65  ? -14.371 -0.273  9.347   1.00 32.32  ? 63  ILE B CG2 1 
ATOM   1007 C  CD1 . ILE B 1 65  ? -12.519 -0.436  11.794  1.00 31.33  ? 63  ILE B CD1 1 
ATOM   1008 N  N   . ASN B 1 66  ? -17.358 -1.822  12.420  1.00 31.30  ? 64  ASN B N   1 
ATOM   1009 C  CA  . ASN B 1 66  ? -17.971 -2.166  13.713  1.00 31.75  ? 64  ASN B CA  1 
ATOM   1010 C  C   . ASN B 1 66  ? -16.976 -2.229  14.878  1.00 32.23  ? 64  ASN B C   1 
ATOM   1011 O  O   . ASN B 1 66  ? -15.765 -2.297  14.676  1.00 31.39  ? 64  ASN B O   1 
ATOM   1012 C  CB  . ASN B 1 66  ? -18.948 -3.378  13.657  1.00 32.20  ? 64  ASN B CB  1 
ATOM   1013 C  CG  . ASN B 1 66  ? -18.360 -4.603  13.021  1.00 34.27  ? 64  ASN B CG  1 
ATOM   1014 O  OD1 . ASN B 1 66  ? -17.184 -4.947  13.225  1.00 38.57  ? 64  ASN B OD1 1 
ATOM   1015 N  ND2 . ASN B 1 66  ? -19.201 -5.311  12.250  1.00 37.65  ? 64  ASN B ND2 1 
ATOM   1016 N  N   . GLN B 1 67  ? -17.465 -2.097  16.098  1.00 32.64  ? 65  GLN B N   1 
ATOM   1017 C  CA  . GLN B 1 67  ? -16.576 -2.087  17.251  1.00 34.04  ? 65  GLN B CA  1 
ATOM   1018 C  C   . GLN B 1 67  ? -15.599 -3.291  17.390  1.00 33.81  ? 65  GLN B C   1 
ATOM   1019 O  O   . GLN B 1 67  ? -14.458 -3.084  17.816  1.00 33.79  ? 65  GLN B O   1 
ATOM   1020 C  CB  . GLN B 1 67  ? -17.340 -1.829  18.560  1.00 35.36  ? 65  GLN B CB  1 
ATOM   1021 C  CG  . GLN B 1 67  ? -17.185 -0.389  19.062  1.00 38.44  ? 65  GLN B CG  1 
ATOM   1022 C  CD  . GLN B 1 67  ? -17.445 -0.252  20.552  1.00 41.52  ? 65  GLN B CD  1 
ATOM   1023 O  OE1 . GLN B 1 67  ? -18.396 0.402   20.943  1.00 44.09  ? 65  GLN B OE1 1 
ATOM   1024 N  NE2 . GLN B 1 67  ? -16.610 -0.883  21.387  1.00 42.11  ? 65  GLN B NE2 1 
ATOM   1025 N  N   . PRO B 1 68  ? -16.053 -4.528  17.102  1.00 33.12  ? 66  PRO B N   1 
ATOM   1026 C  CA  . PRO B 1 68  ? -15.120 -5.647  17.051  1.00 32.94  ? 66  PRO B CA  1 
ATOM   1027 C  C   . PRO B 1 68  ? -13.929 -5.468  16.106  1.00 31.80  ? 66  PRO B C   1 
ATOM   1028 O  O   . PRO B 1 68  ? -12.837 -5.905  16.458  1.00 30.47  ? 66  PRO B O   1 
ATOM   1029 C  CB  . PRO B 1 68  ? -16.002 -6.836  16.632  1.00 33.16  ? 66  PRO B CB  1 
ATOM   1030 C  CG  . PRO B 1 68  ? -17.355 -6.484  17.190  1.00 32.86  ? 66  PRO B CG  1 
ATOM   1031 C  CD  . PRO B 1 68  ? -17.453 -5.000  16.946  1.00 34.54  ? 66  PRO B CD  1 
ATOM   1032 N  N   . LYS B 1 69  ? -14.129 -4.840  14.941  1.00 31.07  ? 67  LYS B N   1 
ATOM   1033 C  CA  . LYS B 1 69  ? -13.031 -4.563  14.000  1.00 31.51  ? 67  LYS B CA  1 
ATOM   1034 C  C   . LYS B 1 69  ? -12.078 -3.531  14.600  1.00 30.36  ? 67  LYS B C   1 
ATOM   1035 O  O   . LYS B 1 69  ? -10.828 -3.659  14.486  1.00 29.36  ? 67  LYS B O   1 
ATOM   1036 C  CB  . LYS B 1 69  ? -13.553 -4.110  12.626  1.00 30.71  ? 67  LYS B CB  1 
ATOM   1037 C  CG  . LYS B 1 69  ? -14.369 -5.164  11.874  1.00 34.87  ? 67  LYS B CG  1 
ATOM   1038 C  CD  . LYS B 1 69  ? -14.836 -4.625  10.519  1.00 34.34  ? 67  LYS B CD  1 
ATOM   1039 C  CE  . LYS B 1 69  ? -15.891 -5.513  9.887   1.00 37.02  ? 67  LYS B CE  1 
ATOM   1040 N  NZ  . LYS B 1 69  ? -16.468 -4.850  8.667   1.00 38.12  ? 67  LYS B NZ  1 
ATOM   1041 N  N   . VAL B 1 70  ? -12.655 -2.519  15.287  1.00 29.31  ? 68  VAL B N   1 
ATOM   1042 C  CA  . VAL B 1 70  ? -11.832 -1.552  16.000  1.00 28.63  ? 68  VAL B CA  1 
ATOM   1043 C  C   . VAL B 1 70  ? -11.030 -2.257  17.079  1.00 27.78  ? 68  VAL B C   1 
ATOM   1044 O  O   . VAL B 1 70  ? -9.869  -1.920  17.294  1.00 26.41  ? 68  VAL B O   1 
ATOM   1045 C  CB  . VAL B 1 70  ? -12.637 -0.398  16.672  1.00 28.40  ? 68  VAL B CB  1 
ATOM   1046 C  CG1 . VAL B 1 70  ? -11.677 0.546   17.377  1.00 28.86  ? 68  VAL B CG1 1 
ATOM   1047 C  CG2 . VAL B 1 70  ? -13.373 0.370   15.607  1.00 30.60  ? 68  VAL B CG2 1 
ATOM   1048 N  N   . SER B 1 71  ? -11.643 -3.230  17.762  1.00 27.64  ? 69  SER B N   1 
ATOM   1049 C  CA  . SER B 1 71  ? -10.954 -3.944  18.845  1.00 27.16  ? 69  SER B CA  1 
ATOM   1050 C  C   . SER B 1 71  ? -9.750  -4.722  18.280  1.00 27.03  ? 69  SER B C   1 
ATOM   1051 O  O   . SER B 1 71  ? -8.680  -4.768  18.901  1.00 26.13  ? 69  SER B O   1 
ATOM   1052 C  CB  . SER B 1 71  ? -11.895 -4.924  19.561  1.00 27.59  ? 69  SER B CB  1 
ATOM   1053 O  OG  . SER B 1 71  ? -11.196 -5.569  20.608  1.00 29.90  ? 69  SER B OG  1 
ATOM   1054 N  N   . ALA B 1 72  ? -9.948  -5.332  17.110  1.00 26.49  ? 70  ALA B N   1 
ATOM   1055 C  CA  . ALA B 1 72  ? -8.915  -6.132  16.434  1.00 26.16  ? 70  ALA B CA  1 
ATOM   1056 C  C   . ALA B 1 72  ? -7.726  -5.223  16.119  1.00 26.38  ? 70  ALA B C   1 
ATOM   1057 O  O   . ALA B 1 72  ? -6.572  -5.574  16.398  1.00 26.68  ? 70  ALA B O   1 
ATOM   1058 C  CB  . ALA B 1 72  ? -9.485  -6.732  15.136  1.00 26.18  ? 70  ALA B CB  1 
ATOM   1059 N  N   A LEU B 1 73  ? -8.016  -4.056  15.527  0.50 26.17  ? 71  LEU B N   1 
ATOM   1060 N  N   B LEU B 1 73  ? -8.026  -4.072  15.527  0.50 25.73  ? 71  LEU B N   1 
ATOM   1061 C  CA  A LEU B 1 73  ? -6.997  -3.050  15.206  0.50 26.09  ? 71  LEU B CA  1 
ATOM   1062 C  CA  B LEU B 1 73  ? -7.018  -3.087  15.220  0.50 25.21  ? 71  LEU B CA  1 
ATOM   1063 C  C   A LEU B 1 73  ? -6.165  -2.630  16.422  0.50 26.13  ? 71  LEU B C   1 
ATOM   1064 C  C   B LEU B 1 73  ? -6.175  -2.700  16.444  0.50 25.60  ? 71  LEU B C   1 
ATOM   1065 O  O   A LEU B 1 73  ? -4.928  -2.563  16.340  0.50 25.83  ? 71  LEU B O   1 
ATOM   1066 O  O   B LEU B 1 73  ? -4.939  -2.741  16.393  0.50 25.50  ? 71  LEU B O   1 
ATOM   1067 C  CB  A LEU B 1 73  ? -7.632  -1.796  14.575  0.50 26.13  ? 71  LEU B CB  1 
ATOM   1068 C  CB  B LEU B 1 73  ? -7.694  -1.858  14.611  0.50 24.92  ? 71  LEU B CB  1 
ATOM   1069 C  CG  A LEU B 1 73  ? -8.258  -1.784  13.180  0.50 27.19  ? 71  LEU B CG  1 
ATOM   1070 C  CG  B LEU B 1 73  ? -6.752  -0.715  14.306  0.50 23.34  ? 71  LEU B CG  1 
ATOM   1071 C  CD1 A LEU B 1 73  ? -9.053  -0.499  13.004  0.50 29.54  ? 71  LEU B CD1 1 
ATOM   1072 C  CD1 B LEU B 1 73  ? -5.823  -1.138  13.170  0.50 24.03  ? 71  LEU B CD1 1 
ATOM   1073 C  CD2 A LEU B 1 73  ? -7.202  -1.856  12.076  0.50 26.99  ? 71  LEU B CD2 1 
ATOM   1074 C  CD2 B LEU B 1 73  ? -7.562  0.509   13.939  0.50 24.71  ? 71  LEU B CD2 1 
ATOM   1075 N  N   . ARG B 1 74  ? -6.846  -2.291  17.520  1.00 26.09  ? 72  ARG B N   1 
ATOM   1076 C  CA  . ARG B 1 74  ? -6.179  -1.921  18.780  1.00 27.24  ? 72  ARG B CA  1 
ATOM   1077 C  C   . ARG B 1 74  ? -5.323  -3.060  19.307  1.00 27.89  ? 72  ARG B C   1 
ATOM   1078 O  O   . ARG B 1 74  ? -4.292  -2.821  19.935  1.00 28.70  ? 72  ARG B O   1 
ATOM   1079 C  CB  . ARG B 1 74  ? -7.208  -1.530  19.884  1.00 28.01  ? 72  ARG B CB  1 
ATOM   1080 C  CG  . ARG B 1 74  ? -8.189  -0.430  19.487  1.00 30.74  ? 72  ARG B CG  1 
ATOM   1081 C  CD  . ARG B 1 74  ? -7.451  0.864   19.107  1.00 34.20  ? 72  ARG B CD  1 
ATOM   1082 N  NE  . ARG B 1 74  ? -7.038  1.594   20.314  1.00 36.30  ? 72  ARG B NE  1 
ATOM   1083 C  CZ  . ARG B 1 74  ? -6.120  2.571   20.354  1.00 36.18  ? 72  ARG B CZ  1 
ATOM   1084 N  NH1 . ARG B 1 74  ? -5.460  2.957   19.262  1.00 31.19  ? 72  ARG B NH1 1 
ATOM   1085 N  NH2 . ARG B 1 74  ? -5.858  3.169   21.513  1.00 36.71  ? 72  ARG B NH2 1 
ATOM   1086 N  N   . ASN B 1 75  ? -5.750  -4.299  19.057  1.00 26.93  ? 73  ASN B N   1 
ATOM   1087 C  CA  . ASN B 1 75  ? -4.982  -5.469  19.485  1.00 27.78  ? 73  ASN B CA  1 
ATOM   1088 C  C   . ASN B 1 75  ? -4.017  -6.034  18.443  1.00 27.26  ? 73  ASN B C   1 
ATOM   1089 O  O   . ASN B 1 75  ? -3.423  -7.094  18.685  1.00 27.67  ? 73  ASN B O   1 
ATOM   1090 C  CB  . ASN B 1 75  ? -5.935  -6.572  19.935  1.00 28.34  ? 73  ASN B CB  1 
ATOM   1091 C  CG  . ASN B 1 75  ? -6.509  -6.305  21.317  1.00 31.65  ? 73  ASN B CG  1 
ATOM   1092 O  OD1 . ASN B 1 75  ? -7.677  -5.938  21.465  1.00 36.83  ? 73  ASN B OD1 1 
ATOM   1093 N  ND2 . ASN B 1 75  ? -5.683  -6.479  22.331  1.00 31.91  ? 73  ASN B ND2 1 
ATOM   1094 N  N   . TYR B 1 76  ? -3.839  -5.324  17.321  1.00 27.20  ? 74  TYR B N   1 
ATOM   1095 C  CA  . TYR B 1 76  ? -2.952  -5.762  16.220  1.00 26.93  ? 74  TYR B CA  1 
ATOM   1096 C  C   . TYR B 1 76  ? -3.280  -7.198  15.795  1.00 27.66  ? 74  TYR B C   1 
ATOM   1097 O  O   . TYR B 1 76  ? -2.386  -8.033  15.592  1.00 26.90  ? 74  TYR B O   1 
ATOM   1098 C  CB  . TYR B 1 76  ? -1.458  -5.621  16.600  1.00 27.02  ? 74  TYR B CB  1 
ATOM   1099 C  CG  . TYR B 1 76  ? -1.042  -4.152  16.778  1.00 28.27  ? 74  TYR B CG  1 
ATOM   1100 C  CD1 . TYR B 1 76  ? -0.523  -3.413  15.707  1.00 30.29  ? 74  TYR B CD1 1 
ATOM   1101 C  CD2 . TYR B 1 76  ? -1.181  -3.515  18.016  1.00 28.84  ? 74  TYR B CD2 1 
ATOM   1102 C  CE1 . TYR B 1 76  ? -0.165  -2.051  15.853  1.00 26.30  ? 74  TYR B CE1 1 
ATOM   1103 C  CE2 . TYR B 1 76  ? -0.823  -2.163  18.177  1.00 27.99  ? 74  TYR B CE2 1 
ATOM   1104 C  CZ  . TYR B 1 76  ? -0.330  -1.445  17.081  1.00 28.33  ? 74  TYR B CZ  1 
ATOM   1105 O  OH  . TYR B 1 76  ? 0.038   -0.138  17.208  1.00 27.12  ? 74  TYR B OH  1 
ATOM   1106 N  N   . LYS B 1 77  ? -4.571  -7.477  15.695  1.00 26.41  ? 75  LYS B N   1 
ATOM   1107 C  CA  . LYS B 1 77  ? -5.041  -8.724  15.084  1.00 26.95  ? 75  LYS B CA  1 
ATOM   1108 C  C   . LYS B 1 77  ? -5.493  -8.263  13.712  1.00 26.75  ? 75  LYS B C   1 
ATOM   1109 O  O   . LYS B 1 77  ? -6.585  -7.715  13.557  1.00 26.83  ? 75  LYS B O   1 
ATOM   1110 C  CB  . LYS B 1 77  ? -6.197  -9.301  15.870  1.00 27.52  ? 75  LYS B CB  1 
ATOM   1111 C  CG  . LYS B 1 77  ? -5.806  -10.156 17.082  1.00 32.41  ? 75  LYS B CG  1 
ATOM   1112 C  CD  . LYS B 1 77  ? -6.767  -9.940  18.262  1.00 39.34  ? 75  LYS B CD  1 
ATOM   1113 C  CE  . LYS B 1 77  ? -8.246  -9.761  17.838  1.00 41.84  ? 75  LYS B CE  1 
ATOM   1114 N  NZ  . LYS B 1 77  ? -9.019  -8.966  18.840  1.00 43.90  ? 75  LYS B NZ  1 
ATOM   1115 N  N   . LEU B 1 78  ? -4.625  -8.436  12.719  1.00 26.36  ? 76  LEU B N   1 
ATOM   1116 C  CA  . LEU B 1 78  ? -4.782  -7.738  11.451  1.00 27.88  ? 76  LEU B CA  1 
ATOM   1117 C  C   . LEU B 1 78  ? -5.121  -8.661  10.304  1.00 28.23  ? 76  LEU B C   1 
ATOM   1118 O  O   . LEU B 1 78  ? -5.163  -8.228  9.155   1.00 27.66  ? 76  LEU B O   1 
ATOM   1119 C  CB  . LEU B 1 78  ? -3.511  -6.912  11.143  1.00 28.89  ? 76  LEU B CB  1 
ATOM   1120 C  CG  . LEU B 1 78  ? -3.092  -5.903  12.202  1.00 28.81  ? 76  LEU B CG  1 
ATOM   1121 C  CD1 . LEU B 1 78  ? -1.796  -5.131  11.763  1.00 28.05  ? 76  LEU B CD1 1 
ATOM   1122 C  CD2 . LEU B 1 78  ? -4.260  -4.884  12.480  1.00 29.15  ? 76  LEU B CD2 1 
ATOM   1123 N  N   . GLU B 1 79  ? -5.394  -9.945  10.603  1.00 28.23  ? 77  GLU B N   1 
ATOM   1124 C  CA  . GLU B 1 79  ? -5.709  -10.891 9.517   1.00 28.97  ? 77  GLU B CA  1 
ATOM   1125 C  C   . GLU B 1 79  ? -6.895  -10.448 8.680   1.00 29.36  ? 77  GLU B C   1 
ATOM   1126 O  O   . GLU B 1 79  ? -6.888  -10.663 7.476   1.00 30.40  ? 77  GLU B O   1 
ATOM   1127 C  CB  . GLU B 1 79  ? -5.909  -12.332 9.999   1.00 28.12  ? 77  GLU B CB  1 
ATOM   1128 C  CG  . GLU B 1 79  ? -4.620  -12.999 10.390  1.00 28.90  ? 77  GLU B CG  1 
ATOM   1129 C  CD  . GLU B 1 79  ? -4.317  -12.851 11.883  1.00 27.15  ? 77  GLU B CD  1 
ATOM   1130 O  OE1 . GLU B 1 79  ? -4.898  -11.969 12.544  1.00 30.06  ? 77  GLU B OE1 1 
ATOM   1131 O  OE2 . GLU B 1 79  ? -3.483  -13.616 12.413  1.00 29.02  ? 77  GLU B OE2 1 
ATOM   1132 N  N   . GLY B 1 80  ? -7.861  -9.798  9.323   1.00 29.91  ? 78  GLY B N   1 
ATOM   1133 C  CA  . GLY B 1 80  ? -9.057  -9.276  8.667   1.00 30.86  ? 78  GLY B CA  1 
ATOM   1134 C  C   . GLY B 1 80  ? -8.878  -8.033  7.807   1.00 31.72  ? 78  GLY B C   1 
ATOM   1135 O  O   . GLY B 1 80  ? -9.803  -7.693  7.075   1.00 33.07  ? 78  GLY B O   1 
ATOM   1136 N  N   . PHE B 1 81  ? -7.737  -7.340  7.897   1.00 31.11  ? 79  PHE B N   1 
ATOM   1137 C  CA  . PHE B 1 81  ? -7.537  -6.089  7.151   1.00 31.02  ? 79  PHE B CA  1 
ATOM   1138 C  C   . PHE B 1 81  ? -6.559  -6.221  6.001   1.00 31.14  ? 79  PHE B C   1 
ATOM   1139 O  O   . PHE B 1 81  ? -5.506  -6.794  6.166   1.00 32.11  ? 79  PHE B O   1 
ATOM   1140 C  CB  . PHE B 1 81  ? -6.993  -4.994  8.055   1.00 31.02  ? 79  PHE B CB  1 
ATOM   1141 C  CG  . PHE B 1 81  ? -7.909  -4.658  9.201   1.00 32.25  ? 79  PHE B CG  1 
ATOM   1142 C  CD1 . PHE B 1 81  ? -8.931  -3.729  9.028   1.00 31.41  ? 79  PHE B CD1 1 
ATOM   1143 C  CD2 . PHE B 1 81  ? -7.740  -5.277  10.448  1.00 29.35  ? 79  PHE B CD2 1 
ATOM   1144 C  CE1 . PHE B 1 81  ? -9.786  -3.405  10.100  1.00 34.29  ? 79  PHE B CE1 1 
ATOM   1145 C  CE2 . PHE B 1 81  ? -8.587  -4.965  11.512  1.00 29.39  ? 79  PHE B CE2 1 
ATOM   1146 C  CZ  . PHE B 1 81  ? -9.601  -4.015  11.333  1.00 31.36  ? 79  PHE B CZ  1 
ATOM   1147 N  N   . SER B 1 82  ? -6.877  -5.653  4.847   1.00 30.89  ? 80  SER B N   1 
ATOM   1148 C  CA  . SER B 1 82  ? -5.853  -5.550  3.807   1.00 30.22  ? 80  SER B CA  1 
ATOM   1149 C  C   . SER B 1 82  ? -4.993  -4.306  4.004   1.00 30.21  ? 80  SER B C   1 
ATOM   1150 O  O   . SER B 1 82  ? -5.385  -3.363  4.675   1.00 30.00  ? 80  SER B O   1 
ATOM   1151 C  CB  . SER B 1 82  ? -6.498  -5.561  2.417   1.00 31.17  ? 80  SER B CB  1 
ATOM   1152 O  OG  . SER B 1 82  ? -7.387  -4.479  2.279   1.00 29.78  ? 80  SER B OG  1 
ATOM   1153 N  N   . VAL B 1 83  ? -3.791  -4.339  3.448   1.00 29.63  ? 81  VAL B N   1 
ATOM   1154 C  CA  . VAL B 1 83  ? -2.974  -3.129  3.290   1.00 29.93  ? 81  VAL B CA  1 
ATOM   1155 C  C   . VAL B 1 83  ? -3.811  -1.987  2.728   1.00 29.99  ? 81  VAL B C   1 
ATOM   1156 O  O   . VAL B 1 83  ? -3.806  -0.887  3.300   1.00 29.30  ? 81  VAL B O   1 
ATOM   1157 C  CB  . VAL B 1 83  ? -1.719  -3.397  2.431   1.00 30.23  ? 81  VAL B CB  1 
ATOM   1158 C  CG1 . VAL B 1 83  ? -0.971  -2.073  2.132   1.00 29.97  ? 81  VAL B CG1 1 
ATOM   1159 C  CG2 . VAL B 1 83  ? -0.803  -4.358  3.149   1.00 28.90  ? 81  VAL B CG2 1 
ATOM   1160 N  N   A GLU B 1 84  ? -4.523  -2.263  1.638   0.60 30.68  ? 82  GLU B N   1 
ATOM   1161 N  N   B GLU B 1 84  ? -4.537  -2.224  1.641   0.40 30.45  ? 82  GLU B N   1 
ATOM   1162 C  CA  A GLU B 1 84  ? -5.450  -1.293  1.016   0.60 31.18  ? 82  GLU B CA  1 
ATOM   1163 C  CA  B GLU B 1 84  ? -5.394  -1.160  1.095   0.40 30.85  ? 82  GLU B CA  1 
ATOM   1164 C  C   A GLU B 1 84  ? -6.491  -0.709  1.995   0.60 30.19  ? 82  GLU B C   1 
ATOM   1165 C  C   B GLU B 1 84  ? -6.443  -0.668  2.095   0.40 30.05  ? 82  GLU B C   1 
ATOM   1166 O  O   A GLU B 1 84  ? -6.646  0.509   2.090   0.60 28.89  ? 82  GLU B O   1 
ATOM   1167 O  O   B GLU B 1 84  ? -6.568  0.542   2.294   0.40 29.39  ? 82  GLU B O   1 
ATOM   1168 C  CB  A GLU B 1 84  ? -6.118  -1.888  -0.229  0.60 31.65  ? 82  GLU B CB  1 
ATOM   1169 C  CB  B GLU B 1 84  ? -6.055  -1.554  -0.222  0.40 31.04  ? 82  GLU B CB  1 
ATOM   1170 C  CG  A GLU B 1 84  ? -5.782  -3.375  -0.560  0.60 34.78  ? 82  GLU B CG  1 
ATOM   1171 C  CG  B GLU B 1 84  ? -7.068  -0.520  -0.720  0.40 33.60  ? 82  GLU B CG  1 
ATOM   1172 C  CD  A GLU B 1 84  ? -5.830  -3.631  -2.037  0.60 35.85  ? 82  GLU B CD  1 
ATOM   1173 C  CD  B GLU B 1 84  ? -6.458  0.838   -1.060  0.40 35.83  ? 82  GLU B CD  1 
ATOM   1174 O  OE1 A GLU B 1 84  ? -6.395  -2.776  -2.743  0.60 42.12  ? 82  GLU B OE1 1 
ATOM   1175 O  OE1 B GLU B 1 84  ? -5.216  0.954   -1.159  0.40 37.56  ? 82  GLU B OE1 1 
ATOM   1176 O  OE2 A GLU B 1 84  ? -5.298  -4.643  -2.519  0.60 33.66  ? 82  GLU B OE2 1 
ATOM   1177 O  OE2 B GLU B 1 84  ? -7.231  1.801   -1.244  0.40 37.94  ? 82  GLU B OE2 1 
ATOM   1178 N  N   . ARG B 1 85  ? -7.196  -1.587  2.711   1.00 29.55  ? 83  ARG B N   1 
ATOM   1179 C  CA  . ARG B 1 85  ? -8.121  -1.176  3.768   1.00 28.59  ? 83  ARG B CA  1 
ATOM   1180 C  C   . ARG B 1 85  ? -7.482  -0.309  4.863   1.00 27.82  ? 83  ARG B C   1 
ATOM   1181 O  O   . ARG B 1 85  ? -8.072  0.704   5.253   1.00 28.25  ? 83  ARG B O   1 
ATOM   1182 C  CB  . ARG B 1 85  ? -8.930  -2.362  4.370   1.00 27.85  ? 83  ARG B CB  1 
ATOM   1183 C  CG  . ARG B 1 85  ? -10.003 -1.926  5.408   1.00 31.26  ? 83  ARG B CG  1 
ATOM   1184 C  CD  . ARG B 1 85  ? -10.996 -0.952  4.718   1.00 37.24  ? 83  ARG B CD  1 
ATOM   1185 N  NE  . ARG B 1 85  ? -12.258 -0.708  5.408   1.00 40.61  ? 83  ARG B NE  1 
ATOM   1186 C  CZ  . ARG B 1 85  ? -12.882 0.472   5.437   1.00 38.99  ? 83  ARG B CZ  1 
ATOM   1187 N  NH1 . ARG B 1 85  ? -12.357 1.539   4.850   1.00 39.78  ? 83  ARG B NH1 1 
ATOM   1188 N  NH2 . ARG B 1 85  ? -14.016 0.601   6.097   1.00 41.29  ? 83  ARG B NH2 1 
ATOM   1189 N  N   . LEU B 1 86  ? -6.286  -0.665  5.341   1.00 27.15  ? 84  LEU B N   1 
ATOM   1190 C  CA  . LEU B 1 86  ? -5.591  0.174   6.329   1.00 26.40  ? 84  LEU B CA  1 
ATOM   1191 C  C   . LEU B 1 86  ? -5.326  1.575   5.763   1.00 25.89  ? 84  LEU B C   1 
ATOM   1192 O  O   . LEU B 1 86  ? -5.557  2.567   6.441   1.00 24.56  ? 84  LEU B O   1 
ATOM   1193 C  CB  . LEU B 1 86  ? -4.314  -0.511  6.884   1.00 26.32  ? 84  LEU B CB  1 
ATOM   1194 C  CG  . LEU B 1 86  ? -4.628  -1.837  7.630   1.00 25.57  ? 84  LEU B CG  1 
ATOM   1195 C  CD1 . LEU B 1 86  ? -3.366  -2.699  7.774   1.00 26.68  ? 84  LEU B CD1 1 
ATOM   1196 C  CD2 . LEU B 1 86  ? -5.278  -1.606  9.005   1.00 29.38  ? 84  LEU B CD2 1 
HETATM 1197 N  N   . MSE B 1 87  ? -4.897  1.669   4.505   1.00 25.45  ? 85  MSE B N   1 
HETATM 1198 C  CA  . MSE B 1 87  ? -4.753  3.005   3.891   1.00 28.43  ? 85  MSE B CA  1 
HETATM 1199 C  C   . MSE B 1 87  ? -6.108  3.765   3.829   1.00 26.58  ? 85  MSE B C   1 
HETATM 1200 O  O   . MSE B 1 87  ? -6.149  4.960   4.103   1.00 26.68  ? 85  MSE B O   1 
HETATM 1201 C  CB  . MSE B 1 87  ? -4.135  2.899   2.485   1.00 27.19  ? 85  MSE B CB  1 
HETATM 1202 C  CG  . MSE B 1 87  ? -2.815  2.166   2.499   1.00 30.52  ? 85  MSE B CG  1 
HETATM 1203 SE SE  . MSE B 1 87  ? -2.250  1.981   0.637   0.87 37.28  ? 85  MSE B SE  1 
HETATM 1204 C  CE  . MSE B 1 87  ? -0.558  2.571   1.144   1.00 34.61  ? 85  MSE B CE  1 
ATOM   1205 N  N   A THR B 1 88  ? -7.188  3.070   3.462   0.50 26.35  ? 86  THR B N   1 
ATOM   1206 N  N   B THR B 1 88  ? -7.199  3.096   3.482   0.50 26.41  ? 86  THR B N   1 
ATOM   1207 C  CA  A THR B 1 88  ? -8.530  3.699   3.432   0.50 27.00  ? 86  THR B CA  1 
ATOM   1208 C  CA  B THR B 1 88  ? -8.486  3.822   3.436   0.50 27.06  ? 86  THR B CA  1 
ATOM   1209 C  C   A THR B 1 88  ? -8.929  4.234   4.810   0.50 26.64  ? 86  THR B C   1 
ATOM   1210 C  C   B THR B 1 88  ? -8.999  4.228   4.825   0.50 26.65  ? 86  THR B C   1 
ATOM   1211 O  O   A THR B 1 88  ? -9.464  5.351   4.925   0.50 25.92  ? 86  THR B O   1 
ATOM   1212 O  O   B THR B 1 88  ? -9.668  5.265   4.968   0.50 25.68  ? 86  THR B O   1 
ATOM   1213 C  CB  A THR B 1 88  ? -9.648  2.754   2.908   0.50 26.69  ? 86  THR B CB  1 
ATOM   1214 C  CB  B THR B 1 88  ? -9.567  3.102   2.608   0.50 26.81  ? 86  THR B CB  1 
ATOM   1215 O  OG1 A THR B 1 88  ? -9.352  2.314   1.583   0.50 28.69  ? 86  THR B OG1 1 
ATOM   1216 O  OG1 B THR B 1 88  ? -9.882  1.852   3.218   0.50 29.09  ? 86  THR B OG1 1 
ATOM   1217 C  CG2 A THR B 1 88  ? -10.977 3.475   2.858   0.50 28.19  ? 86  THR B CG2 1 
ATOM   1218 C  CG2 B THR B 1 88  ? -9.067  2.877   1.174   0.50 28.02  ? 86  THR B CG2 1 
ATOM   1219 N  N   . LEU B 1 89  ? -8.664  3.435   5.846   1.00 26.33  ? 87  LEU B N   1 
ATOM   1220 C  CA  . LEU B 1 89  ? -9.035  3.780   7.253   1.00 26.73  ? 87  LEU B CA  1 
ATOM   1221 C  C   . LEU B 1 89  ? -8.193  4.989   7.705   1.00 27.17  ? 87  LEU B C   1 
ATOM   1222 O  O   . LEU B 1 89  ? -8.650  5.893   8.419   1.00 26.93  ? 87  LEU B O   1 
ATOM   1223 C  CB  . LEU B 1 89  ? -8.789  2.583   8.158   1.00 27.68  ? 87  LEU B CB  1 
ATOM   1224 C  CG  . LEU B 1 89  ? -9.784  1.438   7.885   1.00 27.03  ? 87  LEU B CG  1 
ATOM   1225 C  CD1 . LEU B 1 89  ? -9.355  0.234   8.698   1.00 29.21  ? 87  LEU B CD1 1 
ATOM   1226 C  CD2 . LEU B 1 89  ? -11.252 1.833   8.192   1.00 30.39  ? 87  LEU B CD2 1 
ATOM   1227 N  N   . LEU B 1 90  ? -6.945  5.006   7.268   1.00 27.18  ? 88  LEU B N   1 
ATOM   1228 C  CA  . LEU B 1 90  ? -6.080  6.164   7.549   1.00 25.30  ? 88  LEU B CA  1 
ATOM   1229 C  C   . LEU B 1 90  ? -6.665  7.457   6.950   1.00 25.62  ? 88  LEU B C   1 
ATOM   1230 O  O   . LEU B 1 90  ? -6.732  8.511   7.625   1.00 25.72  ? 88  LEU B O   1 
ATOM   1231 C  CB  . LEU B 1 90  ? -4.639  5.870   7.088   1.00 26.22  ? 88  LEU B CB  1 
ATOM   1232 C  CG  . LEU B 1 90  ? -3.719  5.085   8.059   1.00 24.47  ? 88  LEU B CG  1 
ATOM   1233 C  CD1 . LEU B 1 90  ? -2.464  4.584   7.350   1.00 26.30  ? 88  LEU B CD1 1 
ATOM   1234 C  CD2 . LEU B 1 90  ? -3.320  5.985   9.278   1.00 23.78  ? 88  LEU B CD2 1 
ATOM   1235 N  N   . ASN B 1 91  ? -7.113  7.370   5.695   1.00 25.12  ? 89  ASN B N   1 
ATOM   1236 C  CA  . ASN B 1 91  ? -7.782  8.484   5.044   1.00 26.22  ? 89  ASN B CA  1 
ATOM   1237 C  C   . ASN B 1 91  ? -9.038  8.915   5.810   1.00 26.12  ? 89  ASN B C   1 
ATOM   1238 O  O   . ASN B 1 91  ? -9.315  10.099  5.886   1.00 25.65  ? 89  ASN B O   1 
ATOM   1239 C  CB  . ASN B 1 91  ? -8.179  8.168   3.601   1.00 26.19  ? 89  ASN B CB  1 
ATOM   1240 C  CG  . ASN B 1 91  ? -6.987  8.065   2.620   1.00 31.15  ? 89  ASN B CG  1 
ATOM   1241 O  OD1 . ASN B 1 91  ? -5.845  8.533   2.861   1.00 34.79  ? 89  ASN B OD1 1 
ATOM   1242 N  ND2 . ASN B 1 91  ? -7.276  7.469   1.478   1.00 32.81  ? 89  ASN B ND2 1 
ATOM   1243 N  N   . ALA B 1 92  ? -9.814  7.948   6.333   1.00 26.12  ? 90  ALA B N   1 
ATOM   1244 C  CA  . ALA B 1 92  ? -11.041 8.244   7.088   1.00 26.77  ? 90  ALA B CA  1 
ATOM   1245 C  C   . ALA B 1 92  ? -10.726 9.028   8.365   1.00 27.74  ? 90  ALA B C   1 
ATOM   1246 O  O   . ALA B 1 92  ? -11.582 9.774   8.893   1.00 27.42  ? 90  ALA B O   1 
ATOM   1247 C  CB  . ALA B 1 92  ? -11.744 6.954   7.470   1.00 27.37  ? 90  ALA B CB  1 
ATOM   1248 N  N   . LEU B 1 93  ? -9.493  8.865   8.853   1.00 27.04  ? 91  LEU B N   1 
ATOM   1249 C  CA  . LEU B 1 93  ? -8.989  9.584   10.020  1.00 29.45  ? 91  LEU B CA  1 
ATOM   1250 C  C   . LEU B 1 93  ? -8.158  10.808  9.613   1.00 29.09  ? 91  LEU B C   1 
ATOM   1251 O  O   . LEU B 1 93  ? -7.350  11.330  10.398  1.00 29.44  ? 91  LEU B O   1 
ATOM   1252 C  CB  . LEU B 1 93  ? -8.179  8.649   10.929  1.00 29.39  ? 91  LEU B CB  1 
ATOM   1253 C  CG  . LEU B 1 93  ? -8.955  7.578   11.690  1.00 31.80  ? 91  LEU B CG  1 
ATOM   1254 C  CD1 . LEU B 1 93  ? -8.120  7.078   12.840  1.00 33.52  ? 91  LEU B CD1 1 
ATOM   1255 C  CD2 . LEU B 1 93  ? -10.302 8.092   12.224  1.00 33.66  ? 91  LEU B CD2 1 
ATOM   1256 N  N   . ASP B 1 94  ? -8.407  11.266  8.393   1.00 27.85  ? 92  ASP B N   1 
ATOM   1257 C  CA  . ASP B 1 94  ? -7.859  12.523  7.857   1.00 28.77  ? 92  ASP B CA  1 
ATOM   1258 C  C   . ASP B 1 94  ? -6.349  12.507  7.653   1.00 28.33  ? 92  ASP B C   1 
ATOM   1259 O  O   . ASP B 1 94  ? -5.708  13.550  7.672   1.00 29.33  ? 92  ASP B O   1 
ATOM   1260 C  CB  . ASP B 1 94  ? -8.299  13.741  8.711   1.00 28.83  ? 92  ASP B CB  1 
ATOM   1261 C  CG  . ASP B 1 94  ? -9.787  13.949  8.683   1.00 30.52  ? 92  ASP B CG  1 
ATOM   1262 O  OD1 . ASP B 1 94  ? -10.391 13.820  7.582   1.00 31.40  ? 92  ASP B OD1 1 
ATOM   1263 O  OD2 . ASP B 1 94  ? -10.347 14.229  9.766   1.00 34.64  ? 92  ASP B OD2 1 
ATOM   1264 N  N   . GLN B 1 95  ? -5.795  11.316  7.435   1.00 28.42  ? 93  GLN B N   1 
ATOM   1265 C  CA  . GLN B 1 95  ? -4.376  11.166  7.110   1.00 28.05  ? 93  GLN B CA  1 
ATOM   1266 C  C   . GLN B 1 95  ? -4.191  10.928  5.620   1.00 28.53  ? 93  GLN B C   1 
ATOM   1267 O  O   . GLN B 1 95  ? -4.798  10.028  5.084   1.00 29.17  ? 93  GLN B O   1 
ATOM   1268 C  CB  . GLN B 1 95  ? -3.765  9.989   7.883   1.00 28.19  ? 93  GLN B CB  1 
ATOM   1269 C  CG  . GLN B 1 95  ? -4.097  10.018  9.413   1.00 28.40  ? 93  GLN B CG  1 
ATOM   1270 C  CD  . GLN B 1 95  ? -3.615  11.283  10.103  1.00 32.37  ? 93  GLN B CD  1 
ATOM   1271 O  OE1 . GLN B 1 95  ? -2.408  11.576  10.141  1.00 29.72  ? 93  GLN B OE1 1 
ATOM   1272 N  NE2 . GLN B 1 95  ? -4.567  12.043  10.676  1.00 29.58  ? 93  GLN B NE2 1 
ATOM   1273 N  N   . ASP B 1 96  ? -3.338  11.722  4.985   1.00 28.49  ? 94  ASP B N   1 
ATOM   1274 C  CA  . ASP B 1 96  ? -2.904  11.490  3.604   1.00 29.57  ? 94  ASP B CA  1 
ATOM   1275 C  C   . ASP B 1 96  ? -1.936  10.308  3.591   1.00 29.13  ? 94  ASP B C   1 
ATOM   1276 O  O   . ASP B 1 96  ? -1.213  10.072  4.567   1.00 28.99  ? 94  ASP B O   1 
ATOM   1277 C  CB  . ASP B 1 96  ? -2.214  12.730  3.012   1.00 30.91  ? 94  ASP B CB  1 
ATOM   1278 C  CG  . ASP B 1 96  ? -3.189  13.801  2.588   1.00 32.96  ? 94  ASP B CG  1 
ATOM   1279 O  OD1 . ASP B 1 96  ? -4.381  13.502  2.335   1.00 34.64  ? 94  ASP B OD1 1 
ATOM   1280 O  OD2 . ASP B 1 96  ? -2.750  14.964  2.510   1.00 34.99  ? 94  ASP B OD2 1 
ATOM   1281 N  N   . VAL B 1 97  ? -1.988  9.519   2.525   1.00 29.40  ? 95  VAL B N   1 
ATOM   1282 C  CA  . VAL B 1 97  ? -1.071  8.390   2.349   1.00 28.19  ? 95  VAL B CA  1 
ATOM   1283 C  C   . VAL B 1 97  ? -0.362  8.616   1.023   1.00 29.77  ? 95  VAL B C   1 
ATOM   1284 O  O   . VAL B 1 97  ? -1.002  8.592   -0.039  1.00 30.19  ? 95  VAL B O   1 
ATOM   1285 C  CB  . VAL B 1 97  ? -1.834  7.009   2.335   1.00 28.50  ? 95  VAL B CB  1 
ATOM   1286 C  CG1 . VAL B 1 97  ? -0.887  5.834   2.024   1.00 27.22  ? 95  VAL B CG1 1 
ATOM   1287 C  CG2 . VAL B 1 97  ? -2.568  6.752   3.661   1.00 29.23  ? 95  VAL B CG2 1 
ATOM   1288 N  N   . GLU B 1 98  ? 0.943   8.884   1.086   1.00 27.64  ? 96  GLU B N   1 
ATOM   1289 C  CA  . GLU B 1 98  ? 1.715   9.142   -0.116  1.00 29.58  ? 96  GLU B CA  1 
ATOM   1290 C  C   . GLU B 1 98  ? 2.623   7.947   -0.310  1.00 28.23  ? 96  GLU B C   1 
ATOM   1291 O  O   . GLU B 1 98  ? 3.458   7.654   0.559   1.00 29.26  ? 96  GLU B O   1 
ATOM   1292 C  CB  . GLU B 1 98  ? 2.564   10.397  0.037   1.00 28.34  ? 96  GLU B CB  1 
ATOM   1293 C  CG  . GLU B 1 98  ? 3.482   10.699  -1.201  1.00 31.82  ? 96  GLU B CG  1 
ATOM   1294 C  CD  . GLU B 1 98  ? 4.487   11.850  -0.984  1.00 32.85  ? 96  GLU B CD  1 
ATOM   1295 O  OE1 . GLU B 1 98  ? 5.070   11.993  0.126   1.00 40.32  ? 96  GLU B OE1 1 
ATOM   1296 O  OE2 . GLU B 1 98  ? 4.711   12.620  -1.930  1.00 35.00  ? 96  GLU B OE2 1 
ATOM   1297 N  N   . ILE B 1 99  ? 2.476   7.273   -1.442  1.00 27.42  ? 97  ILE B N   1 
ATOM   1298 C  CA  . ILE B 1 99  ? 3.301   6.110   -1.761  1.00 27.82  ? 97  ILE B CA  1 
ATOM   1299 C  C   . ILE B 1 99  ? 4.424   6.553   -2.667  1.00 27.27  ? 97  ILE B C   1 
ATOM   1300 O  O   . ILE B 1 99  ? 4.187   6.852   -3.856  1.00 29.84  ? 97  ILE B O   1 
ATOM   1301 C  CB  . ILE B 1 99  ? 2.491   4.954   -2.445  1.00 26.03  ? 97  ILE B CB  1 
ATOM   1302 C  CG1 . ILE B 1 99  ? 1.270   4.550   -1.574  1.00 27.02  ? 97  ILE B CG1 1 
ATOM   1303 C  CG2 . ILE B 1 99  ? 3.402   3.743   -2.735  1.00 27.02  ? 97  ILE B CG2 1 
ATOM   1304 C  CD1 . ILE B 1 99  ? 0.256   3.669   -2.321  1.00 28.51  ? 97  ILE B CD1 1 
ATOM   1305 N  N   . VAL B 1 100 ? 5.631   6.647   -2.103  1.00 26.88  ? 98  VAL B N   1 
ATOM   1306 C  CA  . VAL B 1 100 ? 6.782   7.174   -2.846  1.00 26.89  ? 98  VAL B CA  1 
ATOM   1307 C  C   . VAL B 1 100 ? 7.631   6.046   -3.429  1.00 26.26  ? 98  VAL B C   1 
ATOM   1308 O  O   . VAL B 1 100 ? 8.172   5.238   -2.670  1.00 27.52  ? 98  VAL B O   1 
ATOM   1309 C  CB  . VAL B 1 100 ? 7.710   8.026   -1.927  1.00 26.05  ? 98  VAL B CB  1 
ATOM   1310 C  CG1 . VAL B 1 100 ? 8.853   8.700   -2.757  1.00 29.26  ? 98  VAL B CG1 1 
ATOM   1311 C  CG2 . VAL B 1 100 ? 6.918   9.052   -1.168  1.00 27.67  ? 98  VAL B CG2 1 
ATOM   1312 N  N   . ILE B 1 101 ? 7.751   6.026   -4.759  1.00 25.54  ? 99  ILE B N   1 
ATOM   1313 C  CA  . ILE B 1 101 ? 8.533   5.001   -5.502  1.00 24.39  ? 99  ILE B CA  1 
ATOM   1314 C  C   . ILE B 1 101 ? 9.884   5.600   -5.943  1.00 25.29  ? 99  ILE B C   1 
ATOM   1315 O  O   . ILE B 1 101 ? 9.902   6.595   -6.668  1.00 24.15  ? 99  ILE B O   1 
ATOM   1316 C  CB  . ILE B 1 101 ? 7.729   4.507   -6.720  1.00 24.98  ? 99  ILE B CB  1 
ATOM   1317 C  CG1 . ILE B 1 101 ? 6.336   3.996   -6.306  1.00 26.43  ? 99  ILE B CG1 1 
ATOM   1318 C  CG2 . ILE B 1 101 ? 8.541   3.419   -7.511  1.00 24.28  ? 99  ILE B CG2 1 
ATOM   1319 C  CD1 . ILE B 1 101 ? 5.371   3.926   -7.471  1.00 27.39  ? 99  ILE B CD1 1 
ATOM   1320 N  N   . ARG B 1 102 ? 10.985  4.972   -5.501  1.00 24.67  ? 100 ARG B N   1 
ATOM   1321 C  CA  . ARG B 1 102 ? 12.374  5.478   -5.666  1.00 25.70  ? 100 ARG B CA  1 
ATOM   1322 C  C   . ARG B 1 102 ? 13.236  4.309   -6.137  1.00 25.09  ? 100 ARG B C   1 
ATOM   1323 O  O   . ARG B 1 102 ? 13.045  3.182   -5.647  1.00 23.53  ? 100 ARG B O   1 
ATOM   1324 C  CB  . ARG B 1 102 ? 12.932  5.827   -4.282  1.00 24.94  ? 100 ARG B CB  1 
ATOM   1325 C  CG  . ARG B 1 102 ? 12.548  7.100   -3.620  1.00 30.89  ? 100 ARG B CG  1 
ATOM   1326 C  CD  . ARG B 1 102 ? 13.478  7.286   -2.412  1.00 33.68  ? 100 ARG B CD  1 
ATOM   1327 N  NE  . ARG B 1 102 ? 13.205  8.485   -1.630  1.00 36.46  ? 100 ARG B NE  1 
ATOM   1328 C  CZ  . ARG B 1 102 ? 12.260  8.565   -0.698  1.00 35.80  ? 100 ARG B CZ  1 
ATOM   1329 N  NH1 . ARG B 1 102 ? 11.500  7.515   -0.427  1.00 38.23  ? 100 ARG B NH1 1 
ATOM   1330 N  NH2 . ARG B 1 102 ? 12.083  9.698   -0.030  1.00 38.00  ? 100 ARG B NH2 1 
ATOM   1331 N  N   . LYS B 1 103 ? 14.197  4.559   -7.026  1.00 25.77  ? 101 LYS B N   1 
ATOM   1332 C  CA  . LYS B 1 103 ? 15.238  3.553   -7.300  1.00 27.33  ? 101 LYS B CA  1 
ATOM   1333 C  C   . LYS B 1 103 ? 15.980  3.300   -5.992  1.00 27.87  ? 101 LYS B C   1 
ATOM   1334 O  O   . LYS B 1 103 ? 16.268  4.243   -5.240  1.00 28.68  ? 101 LYS B O   1 
ATOM   1335 C  CB  . LYS B 1 103 ? 16.217  3.997   -8.390  1.00 28.34  ? 101 LYS B CB  1 
ATOM   1336 C  CG  . LYS B 1 103 ? 17.190  2.916   -8.836  1.00 31.51  ? 101 LYS B CG  1 
ATOM   1337 C  CD  . LYS B 1 103 ? 16.448  1.679   -9.377  1.00 34.99  ? 101 LYS B CD  1 
ATOM   1338 C  CE  . LYS B 1 103 ? 16.911  1.313   -10.795 1.00 39.02  ? 101 LYS B CE  1 
ATOM   1339 N  NZ  . LYS B 1 103 ? 15.749  0.982   -11.680 1.00 40.47  ? 101 LYS B NZ  1 
ATOM   1340 N  N   . LYS B 1 104 ? 16.257  2.038   -5.691  1.00 27.29  ? 102 LYS B N   1 
ATOM   1341 C  CA  . LYS B 1 104 ? 16.939  1.729   -4.432  1.00 26.55  ? 102 LYS B CA  1 
ATOM   1342 C  C   . LYS B 1 104 ? 18.365  2.250   -4.433  1.00 26.54  ? 102 LYS B C   1 
ATOM   1343 O  O   . LYS B 1 104 ? 18.955  2.415   -5.496  1.00 26.14  ? 102 LYS B O   1 
ATOM   1344 C  CB  . LYS B 1 104 ? 16.920  0.229   -4.138  1.00 25.56  ? 102 LYS B CB  1 
ATOM   1345 C  CG  . LYS B 1 104 ? 17.834  -0.590  -5.029  1.00 25.22  ? 102 LYS B CG  1 
ATOM   1346 C  CD  . LYS B 1 104 ? 18.159  -1.908  -4.349  1.00 23.83  ? 102 LYS B CD  1 
ATOM   1347 C  CE  . LYS B 1 104 ? 19.187  -2.648  -5.176  1.00 21.40  ? 102 LYS B CE  1 
ATOM   1348 N  NZ  . LYS B 1 104 ? 20.531  -2.031  -5.183  1.00 20.51  ? 102 LYS B NZ  1 
ATOM   1349 N  N   . PRO B 1 105 ? 18.941  2.475   -3.235  1.00 28.05  ? 103 PRO B N   1 
ATOM   1350 C  CA  . PRO B 1 105 ? 20.360  2.856   -3.163  1.00 29.30  ? 103 PRO B CA  1 
ATOM   1351 C  C   . PRO B 1 105 ? 21.237  1.684   -3.618  1.00 31.12  ? 103 PRO B C   1 
ATOM   1352 O  O   . PRO B 1 105 ? 20.963  0.526   -3.260  1.00 30.89  ? 103 PRO B O   1 
ATOM   1353 C  CB  . PRO B 1 105 ? 20.587  3.117   -1.666  1.00 29.40  ? 103 PRO B CB  1 
ATOM   1354 C  CG  . PRO B 1 105 ? 19.275  3.203   -1.035  1.00 28.32  ? 103 PRO B CG  1 
ATOM   1355 C  CD  . PRO B 1 105 ? 18.342  2.361   -1.893  1.00 27.20  ? 103 PRO B CD  1 
ATOM   1356 N  N   . ARG B 1 106 ? 22.280  1.980   -4.392  1.00 33.16  ? 104 ARG B N   1 
ATOM   1357 C  CA  . ARG B 1 106 ? 23.180  0.958   -4.969  1.00 35.46  ? 104 ARG B CA  1 
ATOM   1358 C  C   . ARG B 1 106 ? 23.738  -0.087  -3.979  1.00 36.45  ? 104 ARG B C   1 
ATOM   1359 O  O   . ARG B 1 106 ? 23.924  -1.255  -4.334  1.00 37.28  ? 104 ARG B O   1 
ATOM   1360 C  CB  . ARG B 1 106 ? 24.368  1.628   -5.674  1.00 36.01  ? 104 ARG B CB  1 
ATOM   1361 C  CG  . ARG B 1 106 ? 25.510  2.002   -4.728  1.00 38.12  ? 104 ARG B CG  1 
ATOM   1362 C  CD  . ARG B 1 106 ? 25.499  3.468   -4.325  1.00 40.74  ? 104 ARG B CD  1 
ATOM   1363 N  NE  . ARG B 1 106 ? 26.632  4.184   -4.934  1.00 45.14  ? 104 ARG B NE  1 
ATOM   1364 C  CZ  . ARG B 1 106 ? 26.628  4.702   -6.160  1.00 46.35  ? 104 ARG B CZ  1 
ATOM   1365 N  NH1 . ARG B 1 106 ? 27.702  5.340   -6.613  1.00 47.17  ? 104 ARG B NH1 1 
ATOM   1366 N  NH2 . ARG B 1 106 ? 25.548  4.590   -6.936  1.00 47.66  ? 104 ARG B NH2 1 
ATOM   1367 N  N   . SER B 1 107 ? 24.030  0.341   -2.756  1.00 37.10  ? 105 SER B N   1 
ATOM   1368 C  CA  . SER B 1 107 ? 24.709  -0.532  -1.805  1.00 37.68  ? 105 SER B CA  1 
ATOM   1369 C  C   . SER B 1 107 ? 23.749  -1.146  -0.778  1.00 37.43  ? 105 SER B C   1 
ATOM   1370 O  O   . SER B 1 107 ? 24.190  -1.776  0.191   1.00 38.27  ? 105 SER B O   1 
ATOM   1371 C  CB  . SER B 1 107 ? 25.862  0.209   -1.129  1.00 37.63  ? 105 SER B CB  1 
ATOM   1372 O  OG  . SER B 1 107 ? 26.912  -0.678  -0.766  1.00 39.94  ? 105 SER B OG  1 
ATOM   1373 N  N   . ARG B 1 108 ? 22.444  -0.963  -0.976  1.00 36.03  ? 106 ARG B N   1 
ATOM   1374 C  CA  . ARG B 1 108 ? 21.475  -1.829  -0.327  1.00 34.71  ? 106 ARG B CA  1 
ATOM   1375 C  C   . ARG B 1 108 ? 21.236  -3.039  -1.262  1.00 34.19  ? 106 ARG B C   1 
ATOM   1376 O  O   . ARG B 1 108 ? 21.093  -2.873  -2.476  1.00 34.61  ? 106 ARG B O   1 
ATOM   1377 C  CB  . ARG B 1 108 ? 20.193  -1.058  0.036   1.00 35.07  ? 106 ARG B CB  1 
ATOM   1378 C  CG  . ARG B 1 108 ? 19.203  -1.874  0.836   1.00 34.38  ? 106 ARG B CG  1 
ATOM   1379 C  CD  . ARG B 1 108 ? 18.511  -1.109  1.950   1.00 36.66  ? 106 ARG B CD  1 
ATOM   1380 N  NE  . ARG B 1 108 ? 17.940  0.205   1.624   1.00 34.15  ? 106 ARG B NE  1 
ATOM   1381 C  CZ  . ARG B 1 108 ? 16.916  0.429   0.805   1.00 34.97  ? 106 ARG B CZ  1 
ATOM   1382 N  NH1 . ARG B 1 108 ? 16.495  1.681   0.647   1.00 32.56  ? 106 ARG B NH1 1 
ATOM   1383 N  NH2 . ARG B 1 108 ? 16.321  -0.577  0.144   1.00 30.17  ? 106 ARG B NH2 1 
ATOM   1384 N  N   . ALA B 1 109 ? 21.230  -4.249  -0.706  1.00 32.60  ? 107 ALA B N   1 
ATOM   1385 C  CA  . ALA B 1 109 ? 21.071  -5.454  -1.513  1.00 31.94  ? 107 ALA B CA  1 
ATOM   1386 C  C   . ALA B 1 109 ? 19.720  -5.502  -2.225  1.00 30.95  ? 107 ALA B C   1 
ATOM   1387 O  O   . ALA B 1 109 ? 19.656  -5.708  -3.431  1.00 30.99  ? 107 ALA B O   1 
ATOM   1388 C  CB  . ALA B 1 109 ? 21.259  -6.703  -0.659  1.00 31.90  ? 107 ALA B CB  1 
ATOM   1389 N  N   . ALA B 1 110 ? 18.653  -5.302  -1.460  1.00 30.23  ? 108 ALA B N   1 
ATOM   1390 C  CA  . ALA B 1 110 ? 17.298  -5.478  -1.942  1.00 29.48  ? 108 ALA B CA  1 
ATOM   1391 C  C   . ALA B 1 110 ? 16.469  -4.234  -1.678  1.00 28.94  ? 108 ALA B C   1 
ATOM   1392 O  O   . ALA B 1 110 ? 16.670  -3.544  -0.670  1.00 28.56  ? 108 ALA B O   1 
ATOM   1393 C  CB  . ALA B 1 110 ? 16.650  -6.688  -1.253  1.00 29.98  ? 108 ALA B CB  1 
ATOM   1394 N  N   . ALA B 1 111 ? 15.511  -3.963  -2.569  1.00 28.33  ? 109 ALA B N   1 
ATOM   1395 C  CA  . ALA B 1 111 ? 14.509  -2.943  -2.327  1.00 27.52  ? 109 ALA B CA  1 
ATOM   1396 C  C   . ALA B 1 111 ? 13.496  -3.414  -1.262  1.00 27.61  ? 109 ALA B C   1 
ATOM   1397 O  O   . ALA B 1 111 ? 13.316  -4.613  -1.041  1.00 27.23  ? 109 ALA B O   1 
ATOM   1398 C  CB  . ALA B 1 111 ? 13.791  -2.579  -3.651  1.00 26.74  ? 109 ALA B CB  1 
ATOM   1399 N  N   . ARG B 1 112 ? 12.836  -2.470  -0.605  1.00 27.46  ? 110 ARG B N   1 
ATOM   1400 C  CA  . ARG B 1 112 ? 11.932  -2.787  0.493   1.00 29.01  ? 110 ARG B CA  1 
ATOM   1401 C  C   . ARG B 1 112 ? 10.760  -1.817  0.501   1.00 27.93  ? 110 ARG B C   1 
ATOM   1402 O  O   . ARG B 1 112 ? 10.804  -0.790  -0.180  1.00 26.84  ? 110 ARG B O   1 
ATOM   1403 C  CB  . ARG B 1 112 ? 12.704  -2.680  1.833   1.00 28.96  ? 110 ARG B CB  1 
ATOM   1404 C  CG  . ARG B 1 112 ? 13.101  -1.240  2.148   1.00 29.69  ? 110 ARG B CG  1 
ATOM   1405 C  CD  . ARG B 1 112 ? 14.043  -1.101  3.351   1.00 32.84  ? 110 ARG B CD  1 
ATOM   1406 N  NE  . ARG B 1 112 ? 14.423  0.308   3.523   1.00 39.30  ? 110 ARG B NE  1 
ATOM   1407 C  CZ  . ARG B 1 112 ? 15.477  0.738   4.226   1.00 43.17  ? 110 ARG B CZ  1 
ATOM   1408 N  NH1 . ARG B 1 112 ? 16.289  -0.123  4.843   1.00 43.74  ? 110 ARG B NH1 1 
ATOM   1409 N  NH2 . ARG B 1 112 ? 15.732  2.045   4.310   1.00 43.34  ? 110 ARG B NH2 1 
ATOM   1410 N  N   . ILE B 1 113 ? 9.741   -2.141  1.300   1.00 27.61  ? 111 ILE B N   1 
ATOM   1411 C  CA  . ILE B 1 113 ? 8.594   -1.281  1.583   1.00 28.32  ? 111 ILE B CA  1 
ATOM   1412 C  C   . ILE B 1 113 ? 8.842   -0.699  2.986   1.00 28.31  ? 111 ILE B C   1 
ATOM   1413 O  O   . ILE B 1 113 ? 9.074   -1.451  3.938   1.00 28.77  ? 111 ILE B O   1 
ATOM   1414 C  CB  . ILE B 1 113 ? 7.248   -2.110  1.559   1.00 27.82  ? 111 ILE B CB  1 
ATOM   1415 C  CG1 . ILE B 1 113 ? 6.966   -2.618  0.160   1.00 28.64  ? 111 ILE B CG1 1 
ATOM   1416 C  CG2 . ILE B 1 113 ? 6.030   -1.279  2.046   1.00 28.83  ? 111 ILE B CG2 1 
ATOM   1417 C  CD1 . ILE B 1 113 ? 6.011   -3.855  0.142   1.00 27.83  ? 111 ILE B CD1 1 
ATOM   1418 N  N   . SER B 1 114 ? 8.835   0.620   3.102   1.00 27.62  ? 112 SER B N   1 
ATOM   1419 C  CA  . SER B 1 114 ? 8.919   1.268   4.411   1.00 27.58  ? 112 SER B CA  1 
ATOM   1420 C  C   . SER B 1 114 ? 7.653   2.071   4.659   1.00 27.43  ? 112 SER B C   1 
ATOM   1421 O  O   . SER B 1 114 ? 6.936   2.468   3.714   1.00 27.22  ? 112 SER B O   1 
ATOM   1422 C  CB  . SER B 1 114 ? 10.160  2.164   4.505   1.00 28.31  ? 112 SER B CB  1 
ATOM   1423 O  OG  . SER B 1 114 ? 10.207  2.984   3.371   1.00 28.73  ? 112 SER B OG  1 
ATOM   1424 N  N   . VAL B 1 115 ? 7.367   2.289   5.940   1.00 27.59  ? 113 VAL B N   1 
ATOM   1425 C  CA  . VAL B 1 115 ? 6.273   3.123   6.360   1.00 28.29  ? 113 VAL B CA  1 
ATOM   1426 C  C   . VAL B 1 115 ? 6.820   4.240   7.287   1.00 29.55  ? 113 VAL B C   1 
ATOM   1427 O  O   . VAL B 1 115 ? 7.561   3.954   8.244   1.00 28.40  ? 113 VAL B O   1 
ATOM   1428 C  CB  . VAL B 1 115 ? 5.213   2.281   7.103   1.00 29.05  ? 113 VAL B CB  1 
ATOM   1429 C  CG1 . VAL B 1 115 ? 4.067   3.187   7.586   1.00 29.31  ? 113 VAL B CG1 1 
ATOM   1430 C  CG2 . VAL B 1 115 ? 4.729   1.147   6.218   1.00 27.55  ? 113 VAL B CG2 1 
ATOM   1431 N  N   . VAL B 1 116 ? 6.473   5.489   6.963   1.00 30.66  ? 114 VAL B N   1 
ATOM   1432 C  CA  . VAL B 1 116 ? 6.918   6.667   7.740   1.00 33.86  ? 114 VAL B CA  1 
ATOM   1433 C  C   . VAL B 1 116 ? 5.714   7.502   8.176   1.00 35.26  ? 114 VAL B C   1 
ATOM   1434 O  O   . VAL B 1 116 ? 4.883   7.878   7.356   1.00 34.80  ? 114 VAL B O   1 
ATOM   1435 C  CB  . VAL B 1 116 ? 7.862   7.562   6.924   1.00 33.50  ? 114 VAL B CB  1 
ATOM   1436 C  CG1 . VAL B 1 116 ? 8.360   8.763   7.766   1.00 35.72  ? 114 VAL B CG1 1 
ATOM   1437 C  CG2 . VAL B 1 116 ? 9.043   6.757   6.401   1.00 35.51  ? 114 VAL B CG2 1 
ATOM   1438 N  N   . ALA B 1 117 ? 5.657   7.810   9.468   1.00 37.10  ? 115 ALA B N   1 
ATOM   1439 C  CA  . ALA B 1 117 ? 4.621   8.695   10.009  1.00 39.83  ? 115 ALA B CA  1 
ATOM   1440 C  C   . ALA B 1 117 ? 5.225   10.096  10.060  1.00 41.32  ? 115 ALA B C   1 
ATOM   1441 O  O   . ALA B 1 117 ? 6.101   10.364  10.895  1.00 41.89  ? 115 ALA B O   1 
ATOM   1442 C  CB  . ALA B 1 117 ? 4.206   8.231   11.379  1.00 40.08  ? 115 ALA B CB  1 
ATOM   1443 N  N   . ALA B 1 118 ? 4.810   10.957  9.122   1.00 42.35  ? 116 ALA B N   1 
ATOM   1444 C  CA  . ALA B 1 118 ? 5.393   12.287  8.951   1.00 43.22  ? 116 ALA B CA  1 
ATOM   1445 C  C   . ALA B 1 118 ? 4.582   13.432  9.586   1.00 43.59  ? 116 ALA B C   1 
ATOM   1446 O  O   . ALA B 1 118 ? 3.341   13.432  9.571   1.00 43.82  ? 116 ALA B O   1 
ATOM   1447 C  CB  . ALA B 1 118 ? 5.662   12.568  7.472   1.00 43.28  ? 116 ALA B CB  1 
HETATM 1448 C  C   . ACY C 2 .   ? 3.141   1.129   -19.890 1.00 27.30  ? 201 ACY A C   1 
HETATM 1449 O  O   . ACY C 2 .   ? 1.985   0.749   -19.657 1.00 28.48  ? 201 ACY A O   1 
HETATM 1450 O  OXT . ACY C 2 .   ? 3.925   0.444   -20.575 1.00 27.88  ? 201 ACY A OXT 1 
HETATM 1451 C  CH3 . ACY C 2 .   ? 3.600   2.426   -19.297 1.00 29.89  ? 201 ACY A CH3 1 
HETATM 1452 C  C   . ACY D 2 .   ? -0.988  2.103   19.567  1.00 29.72  ? 201 ACY B C   1 
HETATM 1453 O  O   . ACY D 2 .   ? -0.976  0.883   19.462  1.00 30.41  ? 201 ACY B O   1 
HETATM 1454 O  OXT . ACY D 2 .   ? -1.842  2.713   20.247  1.00 29.99  ? 201 ACY B OXT 1 
HETATM 1455 C  CH3 . ACY D 2 .   ? 0.078   2.818   18.806  1.00 30.88  ? 201 ACY B CH3 1 
HETATM 1456 C  C   . ACY E 2 .   ? 0.741   9.387   11.812  1.00 50.74  ? 202 ACY B C   1 
HETATM 1457 O  O   . ACY E 2 .   ? 0.605   8.339   12.522  1.00 49.78  ? 202 ACY B O   1 
HETATM 1458 O  OXT . ACY E 2 .   ? -0.097  9.861   11.008  1.00 49.71  ? 202 ACY B OXT 1 
HETATM 1459 C  CH3 . ACY E 2 .   ? 1.997   10.197  11.928  1.00 50.81  ? 202 ACY B CH3 1 
HETATM 1460 O  O   . HOH F 3 .   ? 15.913  -5.857  -10.834 1.00 44.05  ? 202 HOH A O   1 
HETATM 1461 O  O   . HOH F 3 .   ? -1.961  -10.428 -4.990  1.00 30.60  ? 203 HOH A O   1 
HETATM 1462 O  O   . HOH F 3 .   ? 5.595   11.904  -8.979  1.00 43.28  ? 204 HOH A O   1 
HETATM 1463 O  O   . HOH F 3 .   ? -5.170  -10.021 -12.380 1.00 32.32  ? 205 HOH A O   1 
HETATM 1464 O  O   . HOH F 3 .   ? 14.590  7.086   -7.881  1.00 38.20  ? 206 HOH A O   1 
HETATM 1465 O  O   . HOH F 3 .   ? -10.370 12.681  4.938   1.00 32.70  ? 207 HOH A O   1 
HETATM 1466 O  O   . HOH F 3 .   ? -4.042  6.698   -5.482  1.00 43.12  ? 208 HOH A O   1 
HETATM 1467 O  O   . HOH F 3 .   ? 7.546   -2.566  -23.781 1.00 40.02  ? 209 HOH A O   1 
HETATM 1468 O  O   . HOH F 3 .   ? 9.428   -16.175 -18.213 1.00 60.45  ? 210 HOH A O   1 
HETATM 1469 O  O   . HOH F 3 .   ? 15.454  -5.532  -4.860  1.00 28.87  ? 211 HOH A O   1 
HETATM 1470 O  O   . HOH F 3 .   ? -1.435  11.915  -0.359  1.00 40.31  ? 212 HOH A O   1 
HETATM 1471 O  O   . HOH F 3 .   ? -7.363  -1.638  -10.494 1.00 54.37  ? 213 HOH A O   1 
HETATM 1472 O  O   . HOH F 3 .   ? 11.823  -16.211 -11.191 1.00 40.70  ? 214 HOH A O   1 
HETATM 1473 O  O   . HOH F 3 .   ? 0.003   -8.819  -22.111 1.00 43.73  ? 215 HOH A O   1 
HETATM 1474 O  O   . HOH F 3 .   ? -4.588  10.791  -6.818  1.00 61.30  ? 216 HOH A O   1 
HETATM 1475 O  O   . HOH F 3 .   ? -1.240  10.049  -7.298  1.00 40.94  ? 217 HOH A O   1 
HETATM 1476 O  O   . HOH F 3 .   ? 9.668   -8.633  -4.189  1.00 36.56  ? 218 HOH A O   1 
HETATM 1477 O  O   . HOH F 3 .   ? -0.639  -20.127 -19.275 1.00 50.81  ? 219 HOH A O   1 
HETATM 1478 O  O   . HOH F 3 .   ? 2.857   -16.055 -10.102 1.00 47.76  ? 220 HOH A O   1 
HETATM 1479 O  O   . HOH F 3 .   ? 15.649  4.304   -2.315  1.00 43.24  ? 221 HOH A O   1 
HETATM 1480 O  O   . HOH F 3 .   ? 4.084   -9.392  0.413   1.00 35.77  ? 222 HOH A O   1 
HETATM 1481 O  O   . HOH F 3 .   ? -6.490  -9.567  -5.796  1.00 51.08  ? 223 HOH A O   1 
HETATM 1482 O  O   . HOH F 3 .   ? -10.738 17.210  -0.358  1.00 44.40  ? 224 HOH A O   1 
HETATM 1483 O  O   . HOH F 3 .   ? 7.391   17.002  2.597   1.00 51.06  ? 225 HOH A O   1 
HETATM 1484 O  O   . HOH F 3 .   ? 3.168   -9.789  -2.039  1.00 52.96  ? 226 HOH A O   1 
HETATM 1485 O  O   . HOH F 3 .   ? -0.132  -6.186  -23.229 1.00 53.60  ? 227 HOH A O   1 
HETATM 1486 O  O   . HOH F 3 .   ? 2.497   6.459   -11.237 1.00 56.54  ? 228 HOH A O   1 
HETATM 1487 O  O   . HOH F 3 .   ? -3.086  13.637  -4.883  1.00 57.47  ? 229 HOH A O   1 
HETATM 1488 O  O   . HOH F 3 .   ? 0.166   18.419  7.659   1.00 45.40  ? 230 HOH A O   1 
HETATM 1489 O  O   . HOH F 3 .   ? 15.395  -8.522  -22.714 1.00 49.79  ? 231 HOH A O   1 
HETATM 1490 O  O   . HOH F 3 .   ? 0.748   9.195   -10.277 1.00 54.59  ? 232 HOH A O   1 
HETATM 1491 O  O   . HOH F 3 .   ? -0.924  -12.173 -6.442  1.00 46.94  ? 233 HOH A O   1 
HETATM 1492 O  O   . HOH F 3 .   ? 4.480   -6.518  -23.014 1.00 38.70  ? 234 HOH A O   1 
HETATM 1493 O  O   . HOH F 3 .   ? 13.687  4.597   0.456   1.00 59.36  ? 235 HOH A O   1 
HETATM 1494 O  O   . HOH F 3 .   ? 13.548  0.070   -14.753 1.00 44.22  ? 236 HOH A O   1 
HETATM 1495 O  O   . HOH F 3 .   ? -3.415  -11.775 -11.281 1.00 38.52  ? 237 HOH A O   1 
HETATM 1496 O  O   . HOH F 3 .   ? -0.910  -11.385 -23.617 1.00 39.64  ? 238 HOH A O   1 
HETATM 1497 O  O   . HOH F 3 .   ? -7.326  16.323  10.733  1.00 45.69  ? 239 HOH A O   1 
HETATM 1498 O  O   . HOH F 3 .   ? 4.997   -19.353 -16.337 1.00 57.24  ? 240 HOH A O   1 
HETATM 1499 O  O   . HOH F 3 .   ? -0.864  -11.375 -3.014  1.00 53.28  ? 241 HOH A O   1 
HETATM 1500 O  O   . HOH F 3 .   ? -14.000 14.481  4.462   1.00 51.64  ? 242 HOH A O   1 
HETATM 1501 O  O   . HOH F 3 .   ? -12.594 -9.332  -6.845  1.00 57.69  ? 243 HOH A O   1 
HETATM 1502 O  O   . HOH F 3 .   ? -7.479  8.958   -6.917  1.00 68.90  ? 244 HOH A O   1 
HETATM 1503 O  O   . HOH F 3 .   ? -4.376  -11.258 -19.428 1.00 42.25  ? 245 HOH A O   1 
HETATM 1504 O  O   . HOH F 3 .   ? -10.351 22.542  1.809   1.00 63.21  ? 246 HOH A O   1 
HETATM 1505 O  O   . HOH F 3 .   ? -14.494 16.406  2.167   1.00 61.09  ? 247 HOH A O   1 
HETATM 1506 O  O   . HOH F 3 .   ? 1.268   12.001  2.950   1.00 57.55  ? 248 HOH A O   1 
HETATM 1507 O  O   . HOH F 3 .   ? 6.045   9.299   -14.767 1.00 49.04  ? 249 HOH A O   1 
HETATM 1508 O  O   . HOH F 3 .   ? 7.345   5.098   4.362   1.00 500.00 ? 250 HOH A O   1 
HETATM 1509 O  O   . HOH F 3 .   ? -4.629  -4.047  -22.949 1.00 44.57  ? 251 HOH A O   1 
HETATM 1510 O  O   . HOH F 3 .   ? 4.628   10.373  -10.946 1.00 58.56  ? 252 HOH A O   1 
HETATM 1511 O  O   . HOH F 3 .   ? -4.376  24.639  6.195   1.00 52.76  ? 253 HOH A O   1 
HETATM 1512 O  O   . HOH F 3 .   ? -4.663  -9.871  -21.523 1.00 59.65  ? 254 HOH A O   1 
HETATM 1513 O  O   . HOH F 3 .   ? -2.046  -2.463  -21.975 1.00 49.30  ? 255 HOH A O   1 
HETATM 1514 O  O   . HOH F 3 .   ? -0.181  -14.564 -19.471 1.00 84.73  ? 256 HOH A O   1 
HETATM 1515 O  O   . HOH F 3 .   ? -8.535  -4.866  -13.464 1.00 32.24  ? 257 HOH A O   1 
HETATM 1516 O  O   . HOH F 3 .   ? 1.791   -13.019 -7.409  1.00 62.59  ? 258 HOH A O   1 
HETATM 1517 O  O   . HOH F 3 .   ? -16.237 3.443   -4.948  1.00 41.42  ? 259 HOH A O   1 
HETATM 1518 O  O   . HOH F 3 .   ? 9.857   10.855  1.871   1.00 51.11  ? 260 HOH A O   1 
HETATM 1519 O  O   . HOH F 3 .   ? -9.054  -4.399  -9.651  1.00 53.71  ? 261 HOH A O   1 
HETATM 1520 O  O   . HOH F 3 .   ? -10.394 5.500   -0.006  1.00 106.65 ? 262 HOH A O   1 
HETATM 1521 O  O   . HOH F 3 .   ? -1.243  -9.645  -0.992  1.00 47.00  ? 263 HOH A O   1 
HETATM 1522 O  O   . HOH F 3 .   ? -3.065  -13.907 -18.152 1.00 41.15  ? 264 HOH A O   1 
HETATM 1523 O  O   . HOH F 3 .   ? 2.999   -12.643 -19.709 1.00 64.96  ? 265 HOH A O   1 
HETATM 1524 O  O   . HOH F 3 .   ? -10.294 19.305  0.097   1.00 50.94  ? 266 HOH A O   1 
HETATM 1525 O  O   . HOH G 3 .   ? 11.419  2.099   1.247   1.00 30.54  ? 203 HOH B O   1 
HETATM 1526 O  O   . HOH G 3 .   ? -11.597 6.465   3.483   1.00 32.92  ? 204 HOH B O   1 
HETATM 1527 O  O   . HOH G 3 .   ? -9.880  -5.632  4.550   1.00 32.34  ? 205 HOH B O   1 
HETATM 1528 O  O   . HOH G 3 .   ? 9.340   1.241   7.945   1.00 37.83  ? 206 HOH B O   1 
HETATM 1529 O  O   . HOH G 3 .   ? 11.443  -2.091  5.534   1.00 44.31  ? 207 HOH B O   1 
HETATM 1530 O  O   . HOH G 3 .   ? -20.215 5.530   11.090  1.00 40.46  ? 208 HOH B O   1 
HETATM 1531 O  O   . HOH G 3 .   ? -11.990 12.280  10.305  1.00 33.20  ? 209 HOH B O   1 
HETATM 1532 O  O   . HOH G 3 .   ? -20.830 2.936   12.724  1.00 30.23  ? 210 HOH B O   1 
HETATM 1533 O  O   . HOH G 3 .   ? 6.367   -8.422  11.344  1.00 39.02  ? 211 HOH B O   1 
HETATM 1534 O  O   . HOH G 3 .   ? 21.806  -4.479  1.943   1.00 36.20  ? 212 HOH B O   1 
HETATM 1535 O  O   . HOH G 3 .   ? -3.180  -6.863  1.944   1.00 28.73  ? 213 HOH B O   1 
HETATM 1536 O  O   . HOH G 3 .   ? -15.938 2.979   23.563  1.00 34.61  ? 214 HOH B O   1 
HETATM 1537 O  O   . HOH G 3 .   ? 11.127  5.019   -1.570  1.00 34.41  ? 215 HOH B O   1 
HETATM 1538 O  O   . HOH G 3 .   ? 0.553   -8.302  10.828  1.00 41.69  ? 216 HOH B O   1 
HETATM 1539 O  O   . HOH G 3 .   ? -2.045  -9.901  13.254  1.00 35.41  ? 217 HOH B O   1 
HETATM 1540 O  O   . HOH G 3 .   ? -12.883 3.047   24.386  1.00 33.03  ? 218 HOH B O   1 
HETATM 1541 O  O   . HOH G 3 .   ? -7.751  -2.600  23.017  1.00 52.58  ? 219 HOH B O   1 
HETATM 1542 O  O   . HOH G 3 .   ? -2.283  -10.581 8.369   1.00 33.77  ? 220 HOH B O   1 
HETATM 1543 O  O   . HOH G 3 .   ? -13.975 10.155  8.150   1.00 47.11  ? 221 HOH B O   1 
HETATM 1544 O  O   . HOH G 3 .   ? -14.971 9.456   23.374  1.00 45.50  ? 222 HOH B O   1 
HETATM 1545 O  O   . HOH G 3 .   ? -8.532  -8.695  11.821  1.00 28.64  ? 223 HOH B O   1 
HETATM 1546 O  O   . HOH G 3 .   ? -19.725 2.569   6.827   1.00 42.33  ? 224 HOH B O   1 
HETATM 1547 O  O   . HOH G 3 .   ? -4.719  -9.459  4.080   1.00 37.40  ? 225 HOH B O   1 
HETATM 1548 O  O   . HOH G 3 .   ? 2.627   8.413   14.507  1.00 41.81  ? 226 HOH B O   1 
HETATM 1549 O  O   . HOH G 3 .   ? -17.874 6.833   23.433  1.00 44.58  ? 227 HOH B O   1 
HETATM 1550 O  O   . HOH G 3 .   ? 18.762  -5.049  1.303   1.00 39.22  ? 228 HOH B O   1 
HETATM 1551 O  O   . HOH G 3 .   ? -5.136  -8.472  0.476   1.00 42.60  ? 229 HOH B O   1 
HETATM 1552 O  O   . HOH G 3 .   ? 16.319  -4.061  2.130   1.00 44.47  ? 230 HOH B O   1 
HETATM 1553 O  O   . HOH G 3 .   ? 4.265   -16.608 6.485   1.00 48.87  ? 231 HOH B O   1 
HETATM 1554 O  O   . HOH G 3 .   ? 14.346  10.349  -3.311  1.00 39.13  ? 232 HOH B O   1 
HETATM 1555 O  O   . HOH G 3 .   ? 7.874   -5.141  4.575   1.00 36.73  ? 233 HOH B O   1 
HETATM 1556 O  O   . HOH G 3 .   ? 7.792   6.937   11.537  1.00 46.56  ? 234 HOH B O   1 
HETATM 1557 O  O   . HOH G 3 .   ? -3.478  -4.094  22.233  1.00 47.63  ? 235 HOH B O   1 
HETATM 1558 O  O   . HOH G 3 .   ? -18.282 -3.576  21.331  1.00 49.89  ? 236 HOH B O   1 
HETATM 1559 O  O   . HOH G 3 .   ? -20.547 -1.524  15.743  1.00 39.73  ? 237 HOH B O   1 
HETATM 1560 O  O   . HOH G 3 .   ? 6.213   14.835  -1.844  1.00 52.59  ? 238 HOH B O   1 
HETATM 1561 O  O   . HOH G 3 .   ? -21.645 -1.329  13.014  1.00 55.39  ? 239 HOH B O   1 
HETATM 1562 O  O   . HOH G 3 .   ? -14.449 -3.804  6.717   1.00 38.39  ? 240 HOH B O   1 
HETATM 1563 O  O   . HOH G 3 .   ? 2.259   -6.619  17.501  1.00 44.74  ? 241 HOH B O   1 
HETATM 1564 O  O   . HOH G 3 .   ? 7.149   -2.492  5.513   1.00 34.81  ? 242 HOH B O   1 
HETATM 1565 O  O   . HOH G 3 .   ? -18.529 7.535   9.010   1.00 42.44  ? 243 HOH B O   1 
HETATM 1566 O  O   . HOH G 3 .   ? 17.682  3.727   2.200   1.00 62.34  ? 244 HOH B O   1 
HETATM 1567 O  O   . HOH G 3 .   ? -17.530 -7.066  7.562   1.00 48.15  ? 245 HOH B O   1 
HETATM 1568 O  O   . HOH G 3 .   ? 21.997  5.318   0.682   1.00 58.24  ? 246 HOH B O   1 
HETATM 1569 O  O   . HOH G 3 .   ? 17.988  6.419   -4.347  1.00 52.79  ? 247 HOH B O   1 
HETATM 1570 O  O   . HOH G 3 .   ? -16.060 6.612   7.208   1.00 45.04  ? 248 HOH B O   1 
HETATM 1571 O  O   . HOH G 3 .   ? 1.139   14.891  10.028  1.00 53.85  ? 249 HOH B O   1 
HETATM 1572 O  O   . HOH G 3 .   ? -19.855 0.633   22.769  1.00 44.64  ? 250 HOH B O   1 
HETATM 1573 O  O   . HOH G 3 .   ? -5.132  12.188  15.416  1.00 38.44  ? 251 HOH B O   1 
HETATM 1574 O  O   . HOH G 3 .   ? 13.869  -3.464  6.195   1.00 51.56  ? 252 HOH B O   1 
HETATM 1575 O  O   . HOH G 3 .   ? -4.157  -10.495 -0.806  1.00 46.75  ? 253 HOH B O   1 
HETATM 1576 O  O   . HOH G 3 .   ? -4.872  -13.514 -1.959  1.00 60.53  ? 254 HOH B O   1 
HETATM 1577 O  O   . HOH G 3 .   ? -2.318  13.406  14.777  1.00 48.84  ? 255 HOH B O   1 
HETATM 1578 O  O   . HOH G 3 .   ? 4.050   -11.698 11.999  1.00 49.63  ? 256 HOH B O   1 
HETATM 1579 O  O   . HOH G 3 .   ? -13.308 4.410   6.270   1.00 45.90  ? 257 HOH B O   1 
HETATM 1580 O  O   . HOH G 3 .   ? 6.715   -15.382 4.599   1.00 43.90  ? 258 HOH B O   1 
HETATM 1581 O  O   . HOH G 3 .   ? -14.139 6.255   4.086   1.00 60.47  ? 259 HOH B O   1 
HETATM 1582 O  O   . HOH G 3 .   ? -2.413  15.603  18.646  1.00 56.07  ? 260 HOH B O   1 
HETATM 1583 O  O   . HOH G 3 .   ? 4.395   4.804   11.449  1.00 50.83  ? 261 HOH B O   1 
HETATM 1584 O  O   . HOH G 3 .   ? -11.709 13.329  22.597  1.00 45.71  ? 262 HOH B O   1 
HETATM 1585 O  O   . HOH G 3 .   ? -10.319 15.613  23.767  1.00 58.57  ? 263 HOH B O   1 
HETATM 1586 O  O   . HOH G 3 .   ? -5.865  14.847  12.107  1.00 56.71  ? 264 HOH B O   1 
HETATM 1587 O  O   . HOH G 3 .   ? -11.559 -6.122  9.772   1.00 54.20  ? 265 HOH B O   1 
HETATM 1588 O  O   . HOH G 3 .   ? 6.711   -10.460 9.896   1.00 51.52  ? 266 HOH B O   1 
HETATM 1589 O  O   . HOH G 3 .   ? -6.916  -13.183 13.818  1.00 44.48  ? 267 HOH B O   1 
HETATM 1590 O  O   . HOH G 3 .   ? -10.073 -3.875  22.558  1.00 56.48  ? 268 HOH B O   1 
HETATM 1591 O  O   . HOH G 3 .   ? -19.861 3.324   17.397  1.00 49.04  ? 269 HOH B O   1 
HETATM 1592 O  O   . HOH G 3 .   ? -7.415  15.593  20.184  1.00 47.87  ? 270 HOH B O   1 
HETATM 1593 O  O   . HOH G 3 .   ? -12.482 -8.132  17.563  1.00 43.88  ? 271 HOH B O   1 
HETATM 1594 O  O   . HOH G 3 .   ? -6.669  -9.332  2.858   1.00 45.85  ? 272 HOH B O   1 
HETATM 1595 O  O   . HOH G 3 .   ? 2.793   -17.632 4.711   1.00 69.04  ? 273 HOH B O   1 
HETATM 1596 O  O   . HOH G 3 .   ? -0.913  16.160  4.061   1.00 45.41  ? 274 HOH B O   1 
HETATM 1597 O  O   . HOH G 3 .   ? 16.777  -2.602  4.566   1.00 63.74  ? 275 HOH B O   1 
HETATM 1598 O  O   . HOH G 3 .   ? -18.936 4.236   24.821  1.00 51.26  ? 276 HOH B O   1 
HETATM 1599 O  O   . HOH G 3 .   ? -0.773  -11.613 5.003   1.00 49.77  ? 277 HOH B O   1 
HETATM 1600 O  O   . HOH G 3 .   ? 22.493  -3.366  -6.487  1.00 54.20  ? 278 HOH B O   1 
HETATM 1601 O  O   . HOH G 3 .   ? -20.497 2.574   14.918  1.00 68.44  ? 279 HOH B O   1 
HETATM 1602 O  O   . HOH G 3 .   ? -10.667 -0.009  1.114   1.00 49.76  ? 280 HOH B O   1 
HETATM 1603 O  O   . HOH G 3 .   ? 7.170   5.738   13.831  1.00 46.54  ? 281 HOH B O   1 
HETATM 1604 O  O   . HOH G 3 .   ? -10.348 -1.027  -1.088  1.00 54.43  ? 282 HOH B O   1 
HETATM 1605 O  O   . HOH G 3 .   ? -12.429 -2.747  7.429   1.00 50.75  ? 283 HOH B O   1 
HETATM 1606 O  O   . HOH G 3 .   ? -3.124  -5.110  -0.344  1.00 31.64  ? 284 HOH B O   1 
HETATM 1607 O  O   . HOH G 3 .   ? -14.883 -2.926  20.497  1.00 70.78  ? 285 HOH B O   1 
HETATM 1608 O  O   . HOH G 3 .   ? -17.799 -7.307  13.492  1.00 45.30  ? 286 HOH B O   1 
HETATM 1609 O  O   . HOH G 3 .   ? 24.498  2.612   -0.401  1.00 68.89  ? 287 HOH B O   1 
# 
